data_3Q7X
# 
_entry.id   3Q7X 
# 
_audit_conform.dict_name       mmcif_pdbx.dic 
_audit_conform.dict_version    5.387 
_audit_conform.dict_location   http://mmcif.pdb.org/dictionaries/ascii/mmcif_pdbx.dic 
# 
loop_
_database_2.database_id 
_database_2.database_code 
_database_2.pdbx_database_accession 
_database_2.pdbx_DOI 
PDB   3Q7X         pdb_00003q7x 10.2210/pdb3q7x/pdb 
RCSB  RCSB063306   ?            ?                   
WWPDB D_1000063306 ?            ?                   
# 
loop_
_pdbx_audit_revision_history.ordinal 
_pdbx_audit_revision_history.data_content_type 
_pdbx_audit_revision_history.major_revision 
_pdbx_audit_revision_history.minor_revision 
_pdbx_audit_revision_history.revision_date 
1 'Structure model' 1 0 2012-01-11 
2 'Structure model' 1 1 2013-01-23 
3 'Structure model' 1 2 2013-02-06 
4 'Structure model' 1 3 2013-02-20 
5 'Structure model' 1 4 2024-02-21 
# 
_pdbx_audit_revision_details.ordinal             1 
_pdbx_audit_revision_details.revision_ordinal    1 
_pdbx_audit_revision_details.data_content_type   'Structure model' 
_pdbx_audit_revision_details.provider            repository 
_pdbx_audit_revision_details.type                'Initial release' 
_pdbx_audit_revision_details.description         ? 
_pdbx_audit_revision_details.details             ? 
# 
loop_
_pdbx_audit_revision_group.ordinal 
_pdbx_audit_revision_group.revision_ordinal 
_pdbx_audit_revision_group.data_content_type 
_pdbx_audit_revision_group.group 
1 2 'Structure model' 'Database references'  
2 3 'Structure model' 'Database references'  
3 4 'Structure model' 'Database references'  
4 5 'Structure model' 'Data collection'      
5 5 'Structure model' 'Database references'  
6 5 'Structure model' 'Derived calculations' 
# 
loop_
_pdbx_audit_revision_category.ordinal 
_pdbx_audit_revision_category.revision_ordinal 
_pdbx_audit_revision_category.data_content_type 
_pdbx_audit_revision_category.category 
1 5 'Structure model' chem_comp_atom 
2 5 'Structure model' chem_comp_bond 
3 5 'Structure model' database_2     
4 5 'Structure model' struct_site    
# 
loop_
_pdbx_audit_revision_item.ordinal 
_pdbx_audit_revision_item.revision_ordinal 
_pdbx_audit_revision_item.data_content_type 
_pdbx_audit_revision_item.item 
1 5 'Structure model' '_database_2.pdbx_DOI'                
2 5 'Structure model' '_database_2.pdbx_database_accession' 
3 5 'Structure model' '_struct_site.pdbx_auth_asym_id'      
4 5 'Structure model' '_struct_site.pdbx_auth_comp_id'      
5 5 'Structure model' '_struct_site.pdbx_auth_seq_id'       
# 
_pdbx_database_status.status_code                     REL 
_pdbx_database_status.entry_id                        3Q7X 
_pdbx_database_status.recvd_initial_deposition_date   2011-01-05 
_pdbx_database_status.deposit_site                    RCSB 
_pdbx_database_status.process_site                    RCSB 
_pdbx_database_status.status_code_sf                  REL 
_pdbx_database_status.status_code_mr                  ? 
_pdbx_database_status.SG_entry                        ? 
_pdbx_database_status.status_code_cs                  ? 
_pdbx_database_status.methods_development_category    ? 
_pdbx_database_status.pdb_format_compatible           Y 
_pdbx_database_status.status_code_nmr_data            ? 
# 
loop_
_pdbx_database_related.db_name 
_pdbx_database_related.db_id 
_pdbx_database_related.details 
_pdbx_database_related.content_type 
PDB 1JQZ 'Human acidic fibroblast growth factor. 141 amino acid form with amino terminal His tag'                       
unspecified 
PDB 3O4D 'Crystal structure of Symfoil-4P: de novo designed beta-trefoil architecture with symmetric primary structure' 
unspecified 
PDB 3Q7W .                                                                                                              
unspecified 
PDB 3Q7Y .                                                                                                              
unspecified 
# 
loop_
_audit_author.name 
_audit_author.pdbx_ordinal 
'Blaber, M.' 1 
'Lee, J.'    2 
# 
_citation.id                        primary 
_citation.title                     
'Simplified protein design biased for prebiotic amino acids yields a foldable, halophilic protein.' 
_citation.journal_abbrev            Proc.Natl.Acad.Sci.USA 
_citation.journal_volume            110 
_citation.page_first                2135 
_citation.page_last                 2139 
_citation.year                      2013 
_citation.journal_id_ASTM           PNASA6 
_citation.country                   US 
_citation.journal_id_ISSN           0027-8424 
_citation.journal_id_CSD            0040 
_citation.book_publisher            ? 
_citation.pdbx_database_id_PubMed   23341608 
_citation.pdbx_database_id_DOI      10.1073/pnas.1219530110 
# 
loop_
_citation_author.citation_id 
_citation_author.name 
_citation_author.ordinal 
_citation_author.identifier_ORCID 
primary 'Longo, L.M.' 1 ? 
primary 'Lee, J.'     2 ? 
primary 'Blaber, M.'  3 ? 
# 
loop_
_entity.id 
_entity.type 
_entity.src_method 
_entity.pdbx_description 
_entity.formula_weight 
_entity.pdbx_number_of_molecules 
_entity.pdbx_ec 
_entity.pdbx_mutation 
_entity.pdbx_fragment 
_entity.details 
1 polymer     syn 'de novo designed beta-trefoil architecture with symmetric primary structure' 14526.649 1   ? ? ? ? 
2 non-polymer syn 'SULFATE ION'                                                                 96.063    1   ? ? ? ? 
3 non-polymer syn 2-AMINO-2-HYDROXYMETHYL-PROPANE-1,3-DIOL                                      122.143   1   ? ? ? ? 
4 water       nat water                                                                         18.015    217 ? ? ? ? 
# 
_entity_poly.entity_id                      1 
_entity_poly.type                           'polypeptide(L)' 
_entity_poly.nstd_linkage                   no 
_entity_poly.nstd_monomer                   no 
_entity_poly.pdbx_seq_one_letter_code       
;HHHHHHEVLLRSTETGQFLRINPDGTVDGTRDRSDPGIQFQISPEGNGEVLLRSTETGQFLRINPDGTVDGTRDRSDPGI
QFQISPEGNGEVLLRSTETGQFLRINPDGTVDGTRDRSDPGIQFQISPEGNG
;
_entity_poly.pdbx_seq_one_letter_code_can   
;HHHHHHEVLLRSTETGQFLRINPDGTVDGTRDRSDPGIQFQISPEGNGEVLLRSTETGQFLRINPDGTVDGTRDRSDPGI
QFQISPEGNGEVLLRSTETGQFLRINPDGTVDGTRDRSDPGIQFQISPEGNG
;
_entity_poly.pdbx_strand_id                 A 
_entity_poly.pdbx_target_identifier         ? 
# 
loop_
_pdbx_entity_nonpoly.entity_id 
_pdbx_entity_nonpoly.name 
_pdbx_entity_nonpoly.comp_id 
2 'SULFATE ION'                            SO4 
3 2-AMINO-2-HYDROXYMETHYL-PROPANE-1,3-DIOL TRS 
4 water                                    HOH 
# 
loop_
_entity_poly_seq.entity_id 
_entity_poly_seq.num 
_entity_poly_seq.mon_id 
_entity_poly_seq.hetero 
1 1   HIS n 
1 2   HIS n 
1 3   HIS n 
1 4   HIS n 
1 5   HIS n 
1 6   HIS n 
1 7   GLU n 
1 8   VAL n 
1 9   LEU n 
1 10  LEU n 
1 11  ARG n 
1 12  SER n 
1 13  THR n 
1 14  GLU n 
1 15  THR n 
1 16  GLY n 
1 17  GLN n 
1 18  PHE n 
1 19  LEU n 
1 20  ARG n 
1 21  ILE n 
1 22  ASN n 
1 23  PRO n 
1 24  ASP n 
1 25  GLY n 
1 26  THR n 
1 27  VAL n 
1 28  ASP n 
1 29  GLY n 
1 30  THR n 
1 31  ARG n 
1 32  ASP n 
1 33  ARG n 
1 34  SER n 
1 35  ASP n 
1 36  PRO n 
1 37  GLY n 
1 38  ILE n 
1 39  GLN n 
1 40  PHE n 
1 41  GLN n 
1 42  ILE n 
1 43  SER n 
1 44  PRO n 
1 45  GLU n 
1 46  GLY n 
1 47  ASN n 
1 48  GLY n 
1 49  GLU n 
1 50  VAL n 
1 51  LEU n 
1 52  LEU n 
1 53  ARG n 
1 54  SER n 
1 55  THR n 
1 56  GLU n 
1 57  THR n 
1 58  GLY n 
1 59  GLN n 
1 60  PHE n 
1 61  LEU n 
1 62  ARG n 
1 63  ILE n 
1 64  ASN n 
1 65  PRO n 
1 66  ASP n 
1 67  GLY n 
1 68  THR n 
1 69  VAL n 
1 70  ASP n 
1 71  GLY n 
1 72  THR n 
1 73  ARG n 
1 74  ASP n 
1 75  ARG n 
1 76  SER n 
1 77  ASP n 
1 78  PRO n 
1 79  GLY n 
1 80  ILE n 
1 81  GLN n 
1 82  PHE n 
1 83  GLN n 
1 84  ILE n 
1 85  SER n 
1 86  PRO n 
1 87  GLU n 
1 88  GLY n 
1 89  ASN n 
1 90  GLY n 
1 91  GLU n 
1 92  VAL n 
1 93  LEU n 
1 94  LEU n 
1 95  ARG n 
1 96  SER n 
1 97  THR n 
1 98  GLU n 
1 99  THR n 
1 100 GLY n 
1 101 GLN n 
1 102 PHE n 
1 103 LEU n 
1 104 ARG n 
1 105 ILE n 
1 106 ASN n 
1 107 PRO n 
1 108 ASP n 
1 109 GLY n 
1 110 THR n 
1 111 VAL n 
1 112 ASP n 
1 113 GLY n 
1 114 THR n 
1 115 ARG n 
1 116 ASP n 
1 117 ARG n 
1 118 SER n 
1 119 ASP n 
1 120 PRO n 
1 121 GLY n 
1 122 ILE n 
1 123 GLN n 
1 124 PHE n 
1 125 GLN n 
1 126 ILE n 
1 127 SER n 
1 128 PRO n 
1 129 GLU n 
1 130 GLY n 
1 131 ASN n 
1 132 GLY n 
# 
_pdbx_entity_src_syn.entity_id              1 
_pdbx_entity_src_syn.pdbx_src_id            1 
_pdbx_entity_src_syn.pdbx_alt_source_flag   sample 
_pdbx_entity_src_syn.pdbx_beg_seq_num       ? 
_pdbx_entity_src_syn.pdbx_end_seq_num       ? 
_pdbx_entity_src_syn.organism_scientific    ? 
_pdbx_entity_src_syn.organism_common_name   ? 
_pdbx_entity_src_syn.ncbi_taxonomy_id       ? 
_pdbx_entity_src_syn.details                
;Synthetic sequence derived from human acidic fibroblast growth factor with a symmetric deconstruction method. The protein produced by this sequence adopts a beta-trefoil architecture with symmetric primary structure.
;
# 
loop_
_chem_comp.id 
_chem_comp.type 
_chem_comp.mon_nstd_flag 
_chem_comp.name 
_chem_comp.pdbx_synonyms 
_chem_comp.formula 
_chem_comp.formula_weight 
ARG 'L-peptide linking' y ARGININE                                 ?             'C6 H15 N4 O2 1' 175.209 
ASN 'L-peptide linking' y ASPARAGINE                               ?             'C4 H8 N2 O3'    132.118 
ASP 'L-peptide linking' y 'ASPARTIC ACID'                          ?             'C4 H7 N O4'     133.103 
GLN 'L-peptide linking' y GLUTAMINE                                ?             'C5 H10 N2 O3'   146.144 
GLU 'L-peptide linking' y 'GLUTAMIC ACID'                          ?             'C5 H9 N O4'     147.129 
GLY 'peptide linking'   y GLYCINE                                  ?             'C2 H5 N O2'     75.067  
HIS 'L-peptide linking' y HISTIDINE                                ?             'C6 H10 N3 O2 1' 156.162 
HOH non-polymer         . WATER                                    ?             'H2 O'           18.015  
ILE 'L-peptide linking' y ISOLEUCINE                               ?             'C6 H13 N O2'    131.173 
LEU 'L-peptide linking' y LEUCINE                                  ?             'C6 H13 N O2'    131.173 
PHE 'L-peptide linking' y PHENYLALANINE                            ?             'C9 H11 N O2'    165.189 
PRO 'L-peptide linking' y PROLINE                                  ?             'C5 H9 N O2'     115.130 
SER 'L-peptide linking' y SERINE                                   ?             'C3 H7 N O3'     105.093 
SO4 non-polymer         . 'SULFATE ION'                            ?             'O4 S -2'        96.063  
THR 'L-peptide linking' y THREONINE                                ?             'C4 H9 N O3'     119.119 
TRS non-polymer         . 2-AMINO-2-HYDROXYMETHYL-PROPANE-1,3-DIOL 'TRIS BUFFER' 'C4 H12 N O3 1'  122.143 
VAL 'L-peptide linking' y VALINE                                   ?             'C5 H11 N O2'    117.146 
# 
loop_
_pdbx_poly_seq_scheme.asym_id 
_pdbx_poly_seq_scheme.entity_id 
_pdbx_poly_seq_scheme.seq_id 
_pdbx_poly_seq_scheme.mon_id 
_pdbx_poly_seq_scheme.ndb_seq_num 
_pdbx_poly_seq_scheme.pdb_seq_num 
_pdbx_poly_seq_scheme.auth_seq_num 
_pdbx_poly_seq_scheme.pdb_mon_id 
_pdbx_poly_seq_scheme.auth_mon_id 
_pdbx_poly_seq_scheme.pdb_strand_id 
_pdbx_poly_seq_scheme.pdb_ins_code 
_pdbx_poly_seq_scheme.hetero 
A 1 1   HIS 1   -5  ?   ?   ?   A . n 
A 1 2   HIS 2   -4  ?   ?   ?   A . n 
A 1 3   HIS 3   -3  ?   ?   ?   A . n 
A 1 4   HIS 4   -2  ?   ?   ?   A . n 
A 1 5   HIS 5   -1  ?   ?   ?   A . n 
A 1 6   HIS 6   0   0   HIS HIS A . n 
A 1 7   GLU 7   11  11  GLU GLU A . n 
A 1 8   VAL 8   12  12  VAL VAL A . n 
A 1 9   LEU 9   13  13  LEU LEU A . n 
A 1 10  LEU 10  14  14  LEU LEU A . n 
A 1 11  ARG 11  15  15  ARG ARG A . n 
A 1 12  SER 12  16  16  SER SER A . n 
A 1 13  THR 13  17  17  THR THR A . n 
A 1 14  GLU 14  18  18  GLU GLU A . n 
A 1 15  THR 15  19  19  THR THR A . n 
A 1 16  GLY 16  20  20  GLY GLY A . n 
A 1 17  GLN 17  21  21  GLN GLN A . n 
A 1 18  PHE 18  22  22  PHE PHE A . n 
A 1 19  LEU 19  23  23  LEU LEU A . n 
A 1 20  ARG 20  24  24  ARG ARG A . n 
A 1 21  ILE 21  25  25  ILE ILE A . n 
A 1 22  ASN 22  26  26  ASN ASN A . n 
A 1 23  PRO 23  27  27  PRO PRO A . n 
A 1 24  ASP 24  28  28  ASP ASP A . n 
A 1 25  GLY 25  29  29  GLY GLY A . n 
A 1 26  THR 26  30  30  THR THR A . n 
A 1 27  VAL 27  31  31  VAL VAL A . n 
A 1 28  ASP 28  32  32  ASP ASP A . n 
A 1 29  GLY 29  33  33  GLY GLY A . n 
A 1 30  THR 30  34  34  THR THR A . n 
A 1 31  ARG 31  35  35  ARG ARG A . n 
A 1 32  ASP 32  36  36  ASP ASP A . n 
A 1 33  ARG 33  37  37  ARG ARG A . n 
A 1 34  SER 34  38  38  SER SER A . n 
A 1 35  ASP 35  39  39  ASP ASP A . n 
A 1 36  PRO 36  40  40  PRO PRO A . n 
A 1 37  GLY 37  41  41  GLY GLY A . n 
A 1 38  ILE 38  42  42  ILE ILE A . n 
A 1 39  GLN 39  43  43  GLN GLN A . n 
A 1 40  PHE 40  44  44  PHE PHE A . n 
A 1 41  GLN 41  45  45  GLN GLN A . n 
A 1 42  ILE 42  46  46  ILE ILE A . n 
A 1 43  SER 43  47  47  SER SER A . n 
A 1 44  PRO 44  48  48  PRO PRO A . n 
A 1 45  GLU 45  49  49  GLU GLU A . n 
A 1 46  GLY 46  50  50  GLY GLY A . n 
A 1 47  ASN 47  51  51  ASN ASN A . n 
A 1 48  GLY 48  52  52  GLY GLY A . n 
A 1 49  GLU 49  53  53  GLU GLU A . n 
A 1 50  VAL 50  54  54  VAL VAL A . n 
A 1 51  LEU 51  55  55  LEU LEU A . n 
A 1 52  LEU 52  56  56  LEU LEU A . n 
A 1 53  ARG 53  57  57  ARG ARG A . n 
A 1 54  SER 54  58  58  SER SER A . n 
A 1 55  THR 55  59  59  THR THR A . n 
A 1 56  GLU 56  60  60  GLU GLU A . n 
A 1 57  THR 57  61  61  THR THR A . n 
A 1 58  GLY 58  62  62  GLY GLY A . n 
A 1 59  GLN 59  63  63  GLN GLN A . n 
A 1 60  PHE 60  64  64  PHE PHE A . n 
A 1 61  LEU 61  65  65  LEU LEU A . n 
A 1 62  ARG 62  66  66  ARG ARG A . n 
A 1 63  ILE 63  67  67  ILE ILE A . n 
A 1 64  ASN 64  68  68  ASN ASN A . n 
A 1 65  PRO 65  69  69  PRO PRO A . n 
A 1 66  ASP 66  70  70  ASP ASP A . n 
A 1 67  GLY 67  71  71  GLY GLY A . n 
A 1 68  THR 68  72  72  THR THR A . n 
A 1 69  VAL 69  73  73  VAL VAL A . n 
A 1 70  ASP 70  74  74  ASP ASP A . n 
A 1 71  GLY 71  75  75  GLY GLY A . n 
A 1 72  THR 72  76  76  THR THR A . n 
A 1 73  ARG 73  76  76  ARG ARG A A n 
A 1 74  ASP 74  77  77  ASP ASP A . n 
A 1 75  ARG 75  78  78  ARG ARG A . n 
A 1 76  SER 76  79  79  SER SER A . n 
A 1 77  ASP 77  80  80  ASP ASP A . n 
A 1 78  PRO 78  81  81  PRO PRO A . n 
A 1 79  GLY 79  82  82  GLY GLY A . n 
A 1 80  ILE 80  83  83  ILE ILE A . n 
A 1 81  GLN 81  84  84  GLN GLN A . n 
A 1 82  PHE 82  85  85  PHE PHE A . n 
A 1 83  GLN 83  86  86  GLN GLN A . n 
A 1 84  ILE 84  87  87  ILE ILE A . n 
A 1 85  SER 85  88  88  SER SER A . n 
A 1 86  PRO 86  89  89  PRO PRO A . n 
A 1 87  GLU 87  90  90  GLU GLU A . n 
A 1 88  GLY 88  91  91  GLY GLY A . n 
A 1 89  ASN 89  92  92  ASN ASN A . n 
A 1 90  GLY 90  93  93  GLY GLY A . n 
A 1 91  GLU 91  94  94  GLU GLU A . n 
A 1 92  VAL 92  95  95  VAL VAL A . n 
A 1 93  LEU 93  96  96  LEU LEU A . n 
A 1 94  LEU 94  97  97  LEU LEU A . n 
A 1 95  ARG 95  98  98  ARG ARG A . n 
A 1 96  SER 96  99  99  SER SER A . n 
A 1 97  THR 97  100 100 THR THR A . n 
A 1 98  GLU 98  101 101 GLU GLU A . n 
A 1 99  THR 99  102 102 THR THR A . n 
A 1 100 GLY 100 103 103 GLY GLY A . n 
A 1 101 GLN 101 107 107 GLN GLN A . n 
A 1 102 PHE 102 108 108 PHE PHE A . n 
A 1 103 LEU 103 109 109 LEU LEU A . n 
A 1 104 ARG 104 110 110 ARG ARG A . n 
A 1 105 ILE 105 111 111 ILE ILE A . n 
A 1 106 ASN 106 112 112 ASN ASN A . n 
A 1 107 PRO 107 113 113 PRO PRO A . n 
A 1 108 ASP 108 114 114 ASP ASP A . n 
A 1 109 GLY 109 115 115 GLY GLY A . n 
A 1 110 THR 110 116 116 THR THR A . n 
A 1 111 VAL 111 117 117 VAL VAL A . n 
A 1 112 ASP 112 118 118 ASP ASP A . n 
A 1 113 GLY 113 119 119 GLY GLY A . n 
A 1 114 THR 114 123 123 THR THR A . n 
A 1 115 ARG 115 123 123 ARG ARG A A n 
A 1 116 ASP 116 124 124 ASP ASP A . n 
A 1 117 ARG 117 125 125 ARG ARG A . n 
A 1 118 SER 118 126 126 SER SER A . n 
A 1 119 ASP 119 127 127 ASP ASP A . n 
A 1 120 PRO 120 128 128 PRO PRO A . n 
A 1 121 GLY 121 129 129 GLY GLY A . n 
A 1 122 ILE 122 130 130 ILE ILE A . n 
A 1 123 GLN 123 131 131 GLN GLN A . n 
A 1 124 PHE 124 132 132 PHE PHE A . n 
A 1 125 GLN 125 133 133 GLN GLN A . n 
A 1 126 ILE 126 134 134 ILE ILE A . n 
A 1 127 SER 127 135 135 SER SER A . n 
A 1 128 PRO 128 136 136 PRO PRO A . n 
A 1 129 GLU 129 137 137 GLU GLU A . n 
A 1 130 GLY 130 138 138 GLY GLY A . n 
A 1 131 ASN 131 139 ?   ?   ?   A . n 
A 1 132 GLY 132 140 ?   ?   ?   A . n 
# 
loop_
_pdbx_nonpoly_scheme.asym_id 
_pdbx_nonpoly_scheme.entity_id 
_pdbx_nonpoly_scheme.mon_id 
_pdbx_nonpoly_scheme.ndb_seq_num 
_pdbx_nonpoly_scheme.pdb_seq_num 
_pdbx_nonpoly_scheme.auth_seq_num 
_pdbx_nonpoly_scheme.pdb_mon_id 
_pdbx_nonpoly_scheme.auth_mon_id 
_pdbx_nonpoly_scheme.pdb_strand_id 
_pdbx_nonpoly_scheme.pdb_ins_code 
B 2 SO4 1   1   1   SO4 SO4 A . 
C 3 TRS 1   141 141 TRS TRS A . 
D 4 HOH 1   2   2   HOH HOH A . 
D 4 HOH 2   3   3   HOH HOH A . 
D 4 HOH 3   4   4   HOH HOH A . 
D 4 HOH 4   5   5   HOH HOH A . 
D 4 HOH 5   6   6   HOH HOH A . 
D 4 HOH 6   7   7   HOH HOH A . 
D 4 HOH 7   8   8   HOH HOH A . 
D 4 HOH 8   9   9   HOH HOH A . 
D 4 HOH 9   10  10  HOH HOH A . 
D 4 HOH 10  104 104 HOH HOH A . 
D 4 HOH 11  105 105 HOH HOH A . 
D 4 HOH 12  106 106 HOH HOH A . 
D 4 HOH 13  120 120 HOH HOH A . 
D 4 HOH 14  121 121 HOH HOH A . 
D 4 HOH 15  122 122 HOH HOH A . 
D 4 HOH 16  142 142 HOH HOH A . 
D 4 HOH 17  143 143 HOH HOH A . 
D 4 HOH 18  144 144 HOH HOH A . 
D 4 HOH 19  145 145 HOH HOH A . 
D 4 HOH 20  146 146 HOH HOH A . 
D 4 HOH 21  147 147 HOH HOH A . 
D 4 HOH 22  148 148 HOH HOH A . 
D 4 HOH 23  149 149 HOH HOH A . 
D 4 HOH 24  150 150 HOH HOH A . 
D 4 HOH 25  151 151 HOH HOH A . 
D 4 HOH 26  152 152 HOH HOH A . 
D 4 HOH 27  153 153 HOH HOH A . 
D 4 HOH 28  154 154 HOH HOH A . 
D 4 HOH 29  155 155 HOH HOH A . 
D 4 HOH 30  156 156 HOH HOH A . 
D 4 HOH 31  157 157 HOH HOH A . 
D 4 HOH 32  158 158 HOH HOH A . 
D 4 HOH 33  159 159 HOH HOH A . 
D 4 HOH 34  160 160 HOH HOH A . 
D 4 HOH 35  161 161 HOH HOH A . 
D 4 HOH 36  162 162 HOH HOH A . 
D 4 HOH 37  163 163 HOH HOH A . 
D 4 HOH 38  164 164 HOH HOH A . 
D 4 HOH 39  165 165 HOH HOH A . 
D 4 HOH 40  166 166 HOH HOH A . 
D 4 HOH 41  167 167 HOH HOH A . 
D 4 HOH 42  168 168 HOH HOH A . 
D 4 HOH 43  169 169 HOH HOH A . 
D 4 HOH 44  170 170 HOH HOH A . 
D 4 HOH 45  171 171 HOH HOH A . 
D 4 HOH 46  172 172 HOH HOH A . 
D 4 HOH 47  173 173 HOH HOH A . 
D 4 HOH 48  174 174 HOH HOH A . 
D 4 HOH 49  175 175 HOH HOH A . 
D 4 HOH 50  176 176 HOH HOH A . 
D 4 HOH 51  177 177 HOH HOH A . 
D 4 HOH 52  178 178 HOH HOH A . 
D 4 HOH 53  179 179 HOH HOH A . 
D 4 HOH 54  180 180 HOH HOH A . 
D 4 HOH 55  181 181 HOH HOH A . 
D 4 HOH 56  182 182 HOH HOH A . 
D 4 HOH 57  183 183 HOH HOH A . 
D 4 HOH 58  184 184 HOH HOH A . 
D 4 HOH 59  185 185 HOH HOH A . 
D 4 HOH 60  186 186 HOH HOH A . 
D 4 HOH 61  187 187 HOH HOH A . 
D 4 HOH 62  188 188 HOH HOH A . 
D 4 HOH 63  189 189 HOH HOH A . 
D 4 HOH 64  190 190 HOH HOH A . 
D 4 HOH 65  191 191 HOH HOH A . 
D 4 HOH 66  192 192 HOH HOH A . 
D 4 HOH 67  193 193 HOH HOH A . 
D 4 HOH 68  194 194 HOH HOH A . 
D 4 HOH 69  195 195 HOH HOH A . 
D 4 HOH 70  196 196 HOH HOH A . 
D 4 HOH 71  197 197 HOH HOH A . 
D 4 HOH 72  198 198 HOH HOH A . 
D 4 HOH 73  199 199 HOH HOH A . 
D 4 HOH 74  200 200 HOH HOH A . 
D 4 HOH 75  201 201 HOH HOH A . 
D 4 HOH 76  202 202 HOH HOH A . 
D 4 HOH 77  203 203 HOH HOH A . 
D 4 HOH 78  204 204 HOH HOH A . 
D 4 HOH 79  205 205 HOH HOH A . 
D 4 HOH 80  206 206 HOH HOH A . 
D 4 HOH 81  207 207 HOH HOH A . 
D 4 HOH 82  208 208 HOH HOH A . 
D 4 HOH 83  209 209 HOH HOH A . 
D 4 HOH 84  210 210 HOH HOH A . 
D 4 HOH 85  211 211 HOH HOH A . 
D 4 HOH 86  212 212 HOH HOH A . 
D 4 HOH 87  213 213 HOH HOH A . 
D 4 HOH 88  214 214 HOH HOH A . 
D 4 HOH 89  215 215 HOH HOH A . 
D 4 HOH 90  216 216 HOH HOH A . 
D 4 HOH 91  217 217 HOH HOH A . 
D 4 HOH 92  218 218 HOH HOH A . 
D 4 HOH 93  219 219 HOH HOH A . 
D 4 HOH 94  220 220 HOH HOH A . 
D 4 HOH 95  221 221 HOH HOH A . 
D 4 HOH 96  222 222 HOH HOH A . 
D 4 HOH 97  223 223 HOH HOH A . 
D 4 HOH 98  224 224 HOH HOH A . 
D 4 HOH 99  225 225 HOH HOH A . 
D 4 HOH 100 226 226 HOH HOH A . 
D 4 HOH 101 227 227 HOH HOH A . 
D 4 HOH 102 228 228 HOH HOH A . 
D 4 HOH 103 229 229 HOH HOH A . 
D 4 HOH 104 230 230 HOH HOH A . 
D 4 HOH 105 231 231 HOH HOH A . 
D 4 HOH 106 232 232 HOH HOH A . 
D 4 HOH 107 233 233 HOH HOH A . 
D 4 HOH 108 234 234 HOH HOH A . 
D 4 HOH 109 235 235 HOH HOH A . 
D 4 HOH 110 236 236 HOH HOH A . 
D 4 HOH 111 237 237 HOH HOH A . 
D 4 HOH 112 238 238 HOH HOH A . 
D 4 HOH 113 239 239 HOH HOH A . 
D 4 HOH 114 240 240 HOH HOH A . 
D 4 HOH 115 241 241 HOH HOH A . 
D 4 HOH 116 242 242 HOH HOH A . 
D 4 HOH 117 243 243 HOH HOH A . 
D 4 HOH 118 244 244 HOH HOH A . 
D 4 HOH 119 245 245 HOH HOH A . 
D 4 HOH 120 246 246 HOH HOH A . 
D 4 HOH 121 247 247 HOH HOH A . 
D 4 HOH 122 248 248 HOH HOH A . 
D 4 HOH 123 249 249 HOH HOH A . 
D 4 HOH 124 250 250 HOH HOH A . 
D 4 HOH 125 251 251 HOH HOH A . 
D 4 HOH 126 252 252 HOH HOH A . 
D 4 HOH 127 253 253 HOH HOH A . 
D 4 HOH 128 254 254 HOH HOH A . 
D 4 HOH 129 255 255 HOH HOH A . 
D 4 HOH 130 256 256 HOH HOH A . 
D 4 HOH 131 257 257 HOH HOH A . 
D 4 HOH 132 258 258 HOH HOH A . 
D 4 HOH 133 259 259 HOH HOH A . 
D 4 HOH 134 260 260 HOH HOH A . 
D 4 HOH 135 261 261 HOH HOH A . 
D 4 HOH 136 262 262 HOH HOH A . 
D 4 HOH 137 263 263 HOH HOH A . 
D 4 HOH 138 264 264 HOH HOH A . 
D 4 HOH 139 265 265 HOH HOH A . 
D 4 HOH 140 266 266 HOH HOH A . 
D 4 HOH 141 267 267 HOH HOH A . 
D 4 HOH 142 268 268 HOH HOH A . 
D 4 HOH 143 269 269 HOH HOH A . 
D 4 HOH 144 270 270 HOH HOH A . 
D 4 HOH 145 271 271 HOH HOH A . 
D 4 HOH 146 272 272 HOH HOH A . 
D 4 HOH 147 273 273 HOH HOH A . 
D 4 HOH 148 274 274 HOH HOH A . 
D 4 HOH 149 275 275 HOH HOH A . 
D 4 HOH 150 276 276 HOH HOH A . 
D 4 HOH 151 277 277 HOH HOH A . 
D 4 HOH 152 278 278 HOH HOH A . 
D 4 HOH 153 279 279 HOH HOH A . 
D 4 HOH 154 280 280 HOH HOH A . 
D 4 HOH 155 281 281 HOH HOH A . 
D 4 HOH 156 282 282 HOH HOH A . 
D 4 HOH 157 283 283 HOH HOH A . 
D 4 HOH 158 284 284 HOH HOH A . 
D 4 HOH 159 285 285 HOH HOH A . 
D 4 HOH 160 286 286 HOH HOH A . 
D 4 HOH 161 287 287 HOH HOH A . 
D 4 HOH 162 288 288 HOH HOH A . 
D 4 HOH 163 289 289 HOH HOH A . 
D 4 HOH 164 290 290 HOH HOH A . 
D 4 HOH 165 291 291 HOH HOH A . 
D 4 HOH 166 292 292 HOH HOH A . 
D 4 HOH 167 293 293 HOH HOH A . 
D 4 HOH 168 294 294 HOH HOH A . 
D 4 HOH 169 295 295 HOH HOH A . 
D 4 HOH 170 296 296 HOH HOH A . 
D 4 HOH 171 297 297 HOH HOH A . 
D 4 HOH 172 298 298 HOH HOH A . 
D 4 HOH 173 299 299 HOH HOH A . 
D 4 HOH 174 300 300 HOH HOH A . 
D 4 HOH 175 301 301 HOH HOH A . 
D 4 HOH 176 302 302 HOH HOH A . 
D 4 HOH 177 303 303 HOH HOH A . 
D 4 HOH 178 304 304 HOH HOH A . 
D 4 HOH 179 305 305 HOH HOH A . 
D 4 HOH 180 306 306 HOH HOH A . 
D 4 HOH 181 307 307 HOH HOH A . 
D 4 HOH 182 308 308 HOH HOH A . 
D 4 HOH 183 309 309 HOH HOH A . 
D 4 HOH 184 310 310 HOH HOH A . 
D 4 HOH 185 311 311 HOH HOH A . 
D 4 HOH 186 312 312 HOH HOH A . 
D 4 HOH 187 313 313 HOH HOH A . 
D 4 HOH 188 314 314 HOH HOH A . 
D 4 HOH 189 315 315 HOH HOH A . 
D 4 HOH 190 316 316 HOH HOH A . 
D 4 HOH 191 317 317 HOH HOH A . 
D 4 HOH 192 318 318 HOH HOH A . 
D 4 HOH 193 319 319 HOH HOH A . 
D 4 HOH 194 320 320 HOH HOH A . 
D 4 HOH 195 321 321 HOH HOH A . 
D 4 HOH 196 322 322 HOH HOH A . 
D 4 HOH 197 323 323 HOH HOH A . 
D 4 HOH 198 324 324 HOH HOH A . 
D 4 HOH 199 325 325 HOH HOH A . 
D 4 HOH 200 326 326 HOH HOH A . 
D 4 HOH 201 327 327 HOH HOH A . 
D 4 HOH 202 328 328 HOH HOH A . 
D 4 HOH 203 329 329 HOH HOH A . 
D 4 HOH 204 330 330 HOH HOH A . 
D 4 HOH 205 331 331 HOH HOH A . 
D 4 HOH 206 332 332 HOH HOH A . 
D 4 HOH 207 333 333 HOH HOH A . 
D 4 HOH 208 334 334 HOH HOH A . 
D 4 HOH 209 335 335 HOH HOH A . 
D 4 HOH 210 336 336 HOH HOH A . 
D 4 HOH 211 337 337 HOH HOH A . 
D 4 HOH 212 338 338 HOH HOH A . 
D 4 HOH 213 339 339 HOH HOH A . 
D 4 HOH 214 340 340 HOH HOH A . 
D 4 HOH 215 341 341 HOH HOH A . 
D 4 HOH 216 342 342 HOH HOH A . 
D 4 HOH 217 343 343 HOH HOH A . 
# 
loop_
_software.name 
_software.classification 
_software.version 
_software.citation_id 
_software.pdbx_ordinal 
HKL-2000 'data collection' .                            ? 1 
PHASES   phasing           .                            ? 2 
PHENIX   refinement        '(phenix.refine: 1.6.4_486)' ? 3 
HKL-2000 'data reduction'  .                            ? 4 
HKL-2000 'data scaling'    .                            ? 5 
# 
_cell.entry_id           3Q7X 
_cell.length_a           46.725 
_cell.length_b           48.666 
_cell.length_c           67.599 
_cell.angle_alpha        90.00 
_cell.angle_beta         90.00 
_cell.angle_gamma        90.00 
_cell.Z_PDB              4 
_cell.pdbx_unique_axis   ? 
_cell.length_a_esd       ? 
_cell.length_b_esd       ? 
_cell.length_c_esd       ? 
_cell.angle_alpha_esd    ? 
_cell.angle_beta_esd     ? 
_cell.angle_gamma_esd    ? 
# 
_symmetry.entry_id                         3Q7X 
_symmetry.space_group_name_H-M             'P 21 21 21' 
_symmetry.pdbx_full_space_group_name_H-M   ? 
_symmetry.cell_setting                     ? 
_symmetry.Int_Tables_number                19 
_symmetry.space_group_name_Hall            ? 
# 
_exptl.entry_id          3Q7X 
_exptl.method            'X-RAY DIFFRACTION' 
_exptl.crystals_number   1 
# 
_exptl_crystal.id                    1 
_exptl_crystal.density_meas          ? 
_exptl_crystal.density_Matthews      2.65 
_exptl_crystal.density_percent_sol   53.50 
_exptl_crystal.description           ? 
_exptl_crystal.F_000                 ? 
_exptl_crystal.preparation           ? 
# 
_exptl_crystal_grow.crystal_id      1 
_exptl_crystal_grow.method          'VAPOR DIFFUSION, HANGING DROP' 
_exptl_crystal_grow.temp            298 
_exptl_crystal_grow.temp_details    ? 
_exptl_crystal_grow.pH              7.0 
_exptl_crystal_grow.pdbx_details    
'1.5M ammonium sulfate, 0.1M Lithium sulfate, 0.1M Tris, pH 7.0, VAPOR DIFFUSION, HANGING DROP, temperature 298K' 
_exptl_crystal_grow.pdbx_pH_range   ? 
# 
_diffrn.id                     1 
_diffrn.ambient_temp           100 
_diffrn.ambient_temp_details   ? 
_diffrn.crystal_id             1 
# 
_diffrn_detector.diffrn_id              1 
_diffrn_detector.detector               CCD 
_diffrn_detector.type                   'ADSC QUANTUM 315' 
_diffrn_detector.pdbx_collection_date   2010-09-30 
_diffrn_detector.details                ? 
# 
_diffrn_radiation.diffrn_id                        1 
_diffrn_radiation.wavelength_id                    1 
_diffrn_radiation.pdbx_monochromatic_or_laue_m_l   M 
_diffrn_radiation.monochromator                    Si 
_diffrn_radiation.pdbx_diffrn_protocol             'SINGLE WAVELENGTH' 
_diffrn_radiation.pdbx_scattering_type             x-ray 
# 
_diffrn_radiation_wavelength.id           1 
_diffrn_radiation_wavelength.wavelength   0.9795 
_diffrn_radiation_wavelength.wt           1.0 
# 
_diffrn_source.diffrn_id                   1 
_diffrn_source.source                      SYNCHROTRON 
_diffrn_source.type                        'NSLS BEAMLINE X25' 
_diffrn_source.pdbx_synchrotron_site       NSLS 
_diffrn_source.pdbx_synchrotron_beamline   X25 
_diffrn_source.pdbx_wavelength             ? 
_diffrn_source.pdbx_wavelength_list        0.9795 
# 
_reflns.entry_id                     3Q7X 
_reflns.observed_criterion_sigma_I   3 
_reflns.observed_criterion_sigma_F   3 
_reflns.d_resolution_low             50.0 
_reflns.d_resolution_high            1.40 
_reflns.number_obs                   28966 
_reflns.number_all                   31023 
_reflns.percent_possible_obs         93.4 
_reflns.pdbx_Rmerge_I_obs            0.074 
_reflns.pdbx_Rsym_value              ? 
_reflns.pdbx_netI_over_sigmaI        65.9 
_reflns.B_iso_Wilson_estimate        12.04 
_reflns.pdbx_redundancy              12.8 
_reflns.R_free_details               ? 
_reflns.limit_h_max                  ? 
_reflns.limit_h_min                  ? 
_reflns.limit_k_max                  ? 
_reflns.limit_k_min                  ? 
_reflns.limit_l_max                  ? 
_reflns.limit_l_min                  ? 
_reflns.observed_criterion_F_max     ? 
_reflns.observed_criterion_F_min     ? 
_reflns.pdbx_chi_squared             ? 
_reflns.pdbx_scaling_rejects         ? 
_reflns.pdbx_ordinal                 1 
_reflns.pdbx_diffrn_id               1 
# 
_reflns_shell.d_res_high             1.40 
_reflns_shell.d_res_low              1.45 
_reflns_shell.percent_possible_all   99.9 
_reflns_shell.Rmerge_I_obs           0.301 
_reflns_shell.pdbx_Rsym_value        ? 
_reflns_shell.meanI_over_sigI_obs    8.0 
_reflns_shell.pdbx_redundancy        12.9 
_reflns_shell.percent_possible_obs   ? 
_reflns_shell.number_unique_all      3033 
_reflns_shell.number_measured_all    ? 
_reflns_shell.number_measured_obs    ? 
_reflns_shell.number_unique_obs      ? 
_reflns_shell.pdbx_chi_squared       ? 
_reflns_shell.pdbx_ordinal           1 
_reflns_shell.pdbx_diffrn_id         1 
# 
_refine.entry_id                                 3Q7X 
_refine.ls_number_reflns_obs                     28966 
_refine.ls_number_reflns_all                     31023 
_refine.pdbx_ls_sigma_I                          ? 
_refine.pdbx_ls_sigma_F                          4.52 
_refine.pdbx_data_cutoff_high_absF               ? 
_refine.pdbx_data_cutoff_low_absF                ? 
_refine.pdbx_data_cutoff_high_rms_absF           ? 
_refine.ls_d_res_low                             30.163 
_refine.ls_d_res_high                            1.40 
_refine.ls_percent_reflns_obs                    93.40 
_refine.ls_R_factor_obs                          0.1834 
_refine.ls_R_factor_all                          ? 
_refine.ls_R_factor_R_work                       0.1822 
_refine.ls_R_factor_R_free                       0.2049 
_refine.ls_R_factor_R_free_error                 ? 
_refine.ls_R_factor_R_free_error_details         ? 
_refine.ls_percent_reflns_R_free                 4.96 
_refine.ls_number_reflns_R_free                  1437 
_refine.ls_number_parameters                     ? 
_refine.ls_number_restraints                     ? 
_refine.occupancy_min                            ? 
_refine.occupancy_max                            ? 
_refine.correlation_coeff_Fo_to_Fc               ? 
_refine.correlation_coeff_Fo_to_Fc_free          ? 
_refine.B_iso_mean                               ? 
_refine.aniso_B[1][1]                            0.6746 
_refine.aniso_B[2][2]                            -0.3060 
_refine.aniso_B[3][3]                            -0.3686 
_refine.aniso_B[1][2]                            0.0000 
_refine.aniso_B[1][3]                            -0.0000 
_refine.aniso_B[2][3]                            0.0000 
_refine.solvent_model_details                    'FLAT BULK SOLVENT MODEL' 
_refine.solvent_model_param_ksol                 0.434 
_refine.solvent_model_param_bsol                 55.414 
_refine.pdbx_solvent_vdw_probe_radii             0.80 
_refine.pdbx_solvent_ion_probe_radii             ? 
_refine.pdbx_solvent_shrinkage_radii             0.49 
_refine.pdbx_ls_cross_valid_method               ? 
_refine.details                                  ? 
_refine.pdbx_starting_model                      ? 
_refine.pdbx_method_to_determine_struct          'MOLECULAR REPLACEMENT' 
_refine.pdbx_isotropic_thermal_model             ? 
_refine.pdbx_stereochemistry_target_values       ML 
_refine.pdbx_stereochem_target_val_spec_case     ? 
_refine.pdbx_R_Free_selection_details            RANDOM 
_refine.pdbx_overall_ESU_R_Free                  ? 
_refine.overall_SU_ML                            0.12 
_refine.overall_SU_B                             ? 
_refine.overall_SU_R_Cruickshank_DPI             ? 
_refine.ls_redundancy_reflns_obs                 ? 
_refine.B_iso_min                                ? 
_refine.B_iso_max                                ? 
_refine.overall_SU_R_free                        ? 
_refine.ls_wR_factor_R_free                      ? 
_refine.ls_wR_factor_R_work                      ? 
_refine.overall_FOM_free_R_set                   ? 
_refine.overall_FOM_work_R_set                   ? 
_refine.pdbx_overall_phase_error                 ? 
_refine.pdbx_refine_id                           'X-RAY DIFFRACTION' 
_refine.pdbx_overall_ESU_R                       ? 
_refine.pdbx_diffrn_id                           1 
_refine.pdbx_TLS_residual_ADP_flag               ? 
_refine.pdbx_overall_SU_R_free_Cruickshank_DPI   ? 
_refine.pdbx_overall_SU_R_Blow_DPI               ? 
_refine.pdbx_overall_SU_R_free_Blow_DPI          ? 
# 
_refine_hist.pdbx_refine_id                   'X-RAY DIFFRACTION' 
_refine_hist.cycle_id                         LAST 
_refine_hist.pdbx_number_atoms_protein        961 
_refine_hist.pdbx_number_atoms_nucleic_acid   0 
_refine_hist.pdbx_number_atoms_ligand         13 
_refine_hist.number_atoms_solvent             217 
_refine_hist.number_atoms_total               1191 
_refine_hist.d_res_high                       1.40 
_refine_hist.d_res_low                        30.163 
# 
loop_
_refine_ls_restr.type 
_refine_ls_restr.dev_ideal 
_refine_ls_restr.dev_ideal_target 
_refine_ls_restr.weight 
_refine_ls_restr.number 
_refine_ls_restr.pdbx_refine_id 
_refine_ls_restr.pdbx_restraint_function 
f_bond_d           0.006  ? ? 1069 'X-RAY DIFFRACTION' ? 
f_angle_d          1.095  ? ? 1464 'X-RAY DIFFRACTION' ? 
f_dihedral_angle_d 13.728 ? ? 441  'X-RAY DIFFRACTION' ? 
f_chiral_restr     0.069  ? ? 158  'X-RAY DIFFRACTION' ? 
f_plane_restr      0.005  ? ? 206  'X-RAY DIFFRACTION' ? 
# 
loop_
_refine_ls_shell.pdbx_total_number_of_bins_used 
_refine_ls_shell.d_res_high 
_refine_ls_shell.d_res_low 
_refine_ls_shell.number_reflns_R_work 
_refine_ls_shell.R_factor_R_work 
_refine_ls_shell.percent_reflns_obs 
_refine_ls_shell.R_factor_R_free 
_refine_ls_shell.R_factor_R_free_error 
_refine_ls_shell.percent_reflns_R_free 
_refine_ls_shell.number_reflns_R_free 
_refine_ls_shell.number_reflns_all 
_refine_ls_shell.R_factor_all 
_refine_ls_shell.number_reflns_obs 
_refine_ls_shell.redundancy_reflns_obs 
_refine_ls_shell.pdbx_refine_id 
. 1.400  1.4506  2225 0.1950 77.00  0.2117 . . 102 . . 2225 . 'X-RAY DIFFRACTION' 
. 1.4506 1.5086  2477 0.1867 85.00  0.2505 . . 127 . . 2477 . 'X-RAY DIFFRACTION' 
. 1.5086 1.5773  2576 0.1867 89.00  0.2199 . . 140 . . 2576 . 'X-RAY DIFFRACTION' 
. 1.5773 1.6605  2688 0.1816 93.00  0.2107 . . 135 . . 2688 . 'X-RAY DIFFRACTION' 
. 1.6605 1.7645  2786 0.1819 95.00  0.2345 . . 144 . . 2786 . 'X-RAY DIFFRACTION' 
. 1.7645 1.9007  2847 0.1867 97.00  0.2107 . . 150 . . 2847 . 'X-RAY DIFFRACTION' 
. 1.9007 2.0919  2911 0.1886 99.00  0.2177 . . 156 . . 2911 . 'X-RAY DIFFRACTION' 
. 2.0919 2.3945  2941 0.1734 99.00  0.1962 . . 157 . . 2941 . 'X-RAY DIFFRACTION' 
. 2.3945 3.0164  2979 0.1962 100.00 0.2380 . . 157 . . 2979 . 'X-RAY DIFFRACTION' 
. 3.0164 30.1704 3099 0.1727 99.00  0.1717 . . 169 . . 3099 . 'X-RAY DIFFRACTION' 
# 
_struct.entry_id                  3Q7X 
_struct.title                     
;Crystal structure of Symfoil-4P/PV1: de novo designed beta-trefoil architecture with symmetric primary structure, primitive version 1
;
_struct.pdbx_model_details        ? 
_struct.pdbx_CASP_flag            ? 
_struct.pdbx_model_type_details   ? 
# 
_struct_keywords.entry_id        3Q7X 
_struct_keywords.pdbx_keywords   'DE NOVO PROTEIN' 
_struct_keywords.text            'beta-trefoil, beta-terfoil, DE NOVO PROTEIN' 
# 
loop_
_struct_asym.id 
_struct_asym.pdbx_blank_PDB_chainid_flag 
_struct_asym.pdbx_modified 
_struct_asym.entity_id 
_struct_asym.details 
A N N 1 ? 
B N N 2 ? 
C N N 3 ? 
D N N 4 ? 
# 
_struct_ref.id                         1 
_struct_ref.db_name                    PDB 
_struct_ref.db_code                    3Q7X 
_struct_ref.pdbx_db_accession          3Q7X 
_struct_ref.entity_id                  1 
_struct_ref.pdbx_align_begin           ? 
_struct_ref.pdbx_seq_one_letter_code   ? 
_struct_ref.pdbx_db_isoform            ? 
# 
_struct_ref_seq.align_id                      1 
_struct_ref_seq.ref_id                        1 
_struct_ref_seq.pdbx_PDB_id_code              3Q7X 
_struct_ref_seq.pdbx_strand_id                A 
_struct_ref_seq.seq_align_beg                 1 
_struct_ref_seq.pdbx_seq_align_beg_ins_code   ? 
_struct_ref_seq.seq_align_end                 132 
_struct_ref_seq.pdbx_seq_align_end_ins_code   ? 
_struct_ref_seq.pdbx_db_accession             3Q7X 
_struct_ref_seq.db_align_beg                  -5 
_struct_ref_seq.pdbx_db_align_beg_ins_code    ? 
_struct_ref_seq.db_align_end                  140 
_struct_ref_seq.pdbx_db_align_end_ins_code    ? 
_struct_ref_seq.pdbx_auth_seq_align_beg       -5 
_struct_ref_seq.pdbx_auth_seq_align_end       140 
# 
_pdbx_struct_assembly.id                   1 
_pdbx_struct_assembly.details              author_and_software_defined_assembly 
_pdbx_struct_assembly.method_details       PISA 
_pdbx_struct_assembly.oligomeric_details   monomeric 
_pdbx_struct_assembly.oligomeric_count     1 
# 
_pdbx_struct_assembly_gen.assembly_id       1 
_pdbx_struct_assembly_gen.oper_expression   1 
_pdbx_struct_assembly_gen.asym_id_list      A,B,C,D 
# 
_pdbx_struct_oper_list.id                   1 
_pdbx_struct_oper_list.type                 'identity operation' 
_pdbx_struct_oper_list.name                 1_555 
_pdbx_struct_oper_list.symmetry_operation   x,y,z 
_pdbx_struct_oper_list.matrix[1][1]         1.0000000000 
_pdbx_struct_oper_list.matrix[1][2]         0.0000000000 
_pdbx_struct_oper_list.matrix[1][3]         0.0000000000 
_pdbx_struct_oper_list.vector[1]            0.0000000000 
_pdbx_struct_oper_list.matrix[2][1]         0.0000000000 
_pdbx_struct_oper_list.matrix[2][2]         1.0000000000 
_pdbx_struct_oper_list.matrix[2][3]         0.0000000000 
_pdbx_struct_oper_list.vector[2]            0.0000000000 
_pdbx_struct_oper_list.matrix[3][1]         0.0000000000 
_pdbx_struct_oper_list.matrix[3][2]         0.0000000000 
_pdbx_struct_oper_list.matrix[3][3]         1.0000000000 
_pdbx_struct_oper_list.vector[3]            0.0000000000 
# 
_struct_biol.id        1 
_struct_biol.details   ? 
# 
loop_
_struct_conf.conf_type_id 
_struct_conf.id 
_struct_conf.pdbx_PDB_helix_id 
_struct_conf.beg_label_comp_id 
_struct_conf.beg_label_asym_id 
_struct_conf.beg_label_seq_id 
_struct_conf.pdbx_beg_PDB_ins_code 
_struct_conf.end_label_comp_id 
_struct_conf.end_label_asym_id 
_struct_conf.end_label_seq_id 
_struct_conf.pdbx_end_PDB_ins_code 
_struct_conf.beg_auth_comp_id 
_struct_conf.beg_auth_asym_id 
_struct_conf.beg_auth_seq_id 
_struct_conf.end_auth_comp_id 
_struct_conf.end_auth_asym_id 
_struct_conf.end_auth_seq_id 
_struct_conf.pdbx_PDB_helix_class 
_struct_conf.details 
_struct_conf.pdbx_PDB_helix_length 
HELX_P HELX_P1 1 ASP A 35  ? ILE A 38  ? ASP A 39  ILE A 42  5 ? 4 
HELX_P HELX_P2 2 ASP A 77  ? ILE A 80  ? ASP A 80  ILE A 83  5 ? 4 
HELX_P HELX_P3 3 ASP A 119 ? ILE A 122 ? ASP A 127 ILE A 130 5 ? 4 
# 
_struct_conf_type.id          HELX_P 
_struct_conf_type.criteria    ? 
_struct_conf_type.reference   ? 
# 
loop_
_struct_sheet.id 
_struct_sheet.type 
_struct_sheet.number_strands 
_struct_sheet.details 
A ? 4 ? 
B ? 2 ? 
C ? 2 ? 
D ? 2 ? 
E ? 2 ? 
# 
loop_
_struct_sheet_order.sheet_id 
_struct_sheet_order.range_id_1 
_struct_sheet_order.range_id_2 
_struct_sheet_order.offset 
_struct_sheet_order.sense 
A 1 2 ? anti-parallel 
A 2 3 ? anti-parallel 
A 3 4 ? anti-parallel 
B 1 2 ? anti-parallel 
C 1 2 ? anti-parallel 
D 1 2 ? anti-parallel 
E 1 2 ? anti-parallel 
# 
loop_
_struct_sheet_range.sheet_id 
_struct_sheet_range.id 
_struct_sheet_range.beg_label_comp_id 
_struct_sheet_range.beg_label_asym_id 
_struct_sheet_range.beg_label_seq_id 
_struct_sheet_range.pdbx_beg_PDB_ins_code 
_struct_sheet_range.end_label_comp_id 
_struct_sheet_range.end_label_asym_id 
_struct_sheet_range.end_label_seq_id 
_struct_sheet_range.pdbx_end_PDB_ins_code 
_struct_sheet_range.beg_auth_comp_id 
_struct_sheet_range.beg_auth_asym_id 
_struct_sheet_range.beg_auth_seq_id 
_struct_sheet_range.end_auth_comp_id 
_struct_sheet_range.end_auth_asym_id 
_struct_sheet_range.end_auth_seq_id 
A 1 VAL A 8   ? SER A 12  ? VAL A 12  SER A 16  
A 2 PHE A 124 ? PRO A 128 ? PHE A 132 PRO A 136 
A 3 GLU A 91  ? SER A 96  ? GLU A 94  SER A 99  
A 4 PHE A 82  ? GLY A 88  ? PHE A 85  GLY A 91  
B 1 PHE A 18  ? ILE A 21  ? PHE A 22  ILE A 25  
B 2 VAL A 27  ? THR A 30  ? VAL A 31  THR A 34  
C 1 PHE A 40  ? GLY A 46  ? PHE A 44  GLY A 50  
C 2 GLU A 49  ? SER A 54  ? GLU A 53  SER A 58  
D 1 PHE A 60  ? ILE A 63  ? PHE A 64  ILE A 67  
D 2 VAL A 69  ? THR A 72  ? VAL A 73  THR A 76  
E 1 PHE A 102 ? ILE A 105 ? PHE A 108 ILE A 111 
E 2 VAL A 111 ? THR A 114 ? VAL A 117 THR A 123 
# 
loop_
_pdbx_struct_sheet_hbond.sheet_id 
_pdbx_struct_sheet_hbond.range_id_1 
_pdbx_struct_sheet_hbond.range_id_2 
_pdbx_struct_sheet_hbond.range_1_label_atom_id 
_pdbx_struct_sheet_hbond.range_1_label_comp_id 
_pdbx_struct_sheet_hbond.range_1_label_asym_id 
_pdbx_struct_sheet_hbond.range_1_label_seq_id 
_pdbx_struct_sheet_hbond.range_1_PDB_ins_code 
_pdbx_struct_sheet_hbond.range_1_auth_atom_id 
_pdbx_struct_sheet_hbond.range_1_auth_comp_id 
_pdbx_struct_sheet_hbond.range_1_auth_asym_id 
_pdbx_struct_sheet_hbond.range_1_auth_seq_id 
_pdbx_struct_sheet_hbond.range_2_label_atom_id 
_pdbx_struct_sheet_hbond.range_2_label_comp_id 
_pdbx_struct_sheet_hbond.range_2_label_asym_id 
_pdbx_struct_sheet_hbond.range_2_label_seq_id 
_pdbx_struct_sheet_hbond.range_2_PDB_ins_code 
_pdbx_struct_sheet_hbond.range_2_auth_atom_id 
_pdbx_struct_sheet_hbond.range_2_auth_comp_id 
_pdbx_struct_sheet_hbond.range_2_auth_asym_id 
_pdbx_struct_sheet_hbond.range_2_auth_seq_id 
A 1 2 N ARG A 11  ? N ARG A 15  O GLN A 125 ? O GLN A 133 
A 2 3 O PHE A 124 ? O PHE A 132 N VAL A 92  ? N VAL A 95  
A 3 4 O GLU A 91  ? O GLU A 94  N GLU A 87  ? N GLU A 90  
B 1 2 N PHE A 18  ? N PHE A 22  O THR A 30  ? O THR A 34  
C 1 2 N GLU A 45  ? N GLU A 49  O GLU A 49  ? O GLU A 53  
D 1 2 N PHE A 60  ? N PHE A 64  O THR A 72  ? O THR A 76  
E 1 2 N PHE A 102 ? N PHE A 108 O THR A 114 ? O THR A 123 
# 
loop_
_struct_site.id 
_struct_site.pdbx_evidence_code 
_struct_site.pdbx_auth_asym_id 
_struct_site.pdbx_auth_comp_id 
_struct_site.pdbx_auth_seq_id 
_struct_site.pdbx_auth_ins_code 
_struct_site.pdbx_num_residues 
_struct_site.details 
AC1 Software A SO4 1   ? 9 'BINDING SITE FOR RESIDUE SO4 A 1'   
AC2 Software A TRS 141 ? 9 'BINDING SITE FOR RESIDUE TRS A 141' 
# 
loop_
_struct_site_gen.id 
_struct_site_gen.site_id 
_struct_site_gen.pdbx_num_res 
_struct_site_gen.label_comp_id 
_struct_site_gen.label_asym_id 
_struct_site_gen.label_seq_id 
_struct_site_gen.pdbx_auth_ins_code 
_struct_site_gen.auth_comp_id 
_struct_site_gen.auth_asym_id 
_struct_site_gen.auth_seq_id 
_struct_site_gen.label_atom_id 
_struct_site_gen.label_alt_id 
_struct_site_gen.symmetry 
_struct_site_gen.details 
1  AC1 9 THR A 72  ? THR A 76  . ? 3_554 ? 
2  AC1 9 ARG A 73  A ARG A 76  . ? 3_554 ? 
3  AC1 9 ASP A 74  ? ASP A 77  . ? 3_554 ? 
4  AC1 9 THR A 114 ? THR A 123 . ? 1_555 ? 
5  AC1 9 ARG A 115 A ARG A 123 . ? 1_555 ? 
6  AC1 9 ASP A 116 ? ASP A 124 . ? 1_555 ? 
7  AC1 9 HOH D .   ? HOH A 223 . ? 1_555 ? 
8  AC1 9 HOH D .   ? HOH A 284 . ? 1_555 ? 
9  AC1 9 HOH D .   ? HOH A 321 . ? 1_555 ? 
10 AC2 9 THR A 26  ? THR A 30  . ? 1_555 ? 
11 AC2 9 VAL A 27  ? VAL A 31  . ? 1_555 ? 
12 AC2 9 THR A 68  ? THR A 72  . ? 1_555 ? 
13 AC2 9 VAL A 69  ? VAL A 73  . ? 1_555 ? 
14 AC2 9 THR A 110 ? THR A 116 . ? 1_555 ? 
15 AC2 9 VAL A 111 ? VAL A 117 . ? 1_555 ? 
16 AC2 9 HOH D .   ? HOH A 195 . ? 1_555 ? 
17 AC2 9 HOH D .   ? HOH A 230 . ? 1_555 ? 
18 AC2 9 HOH D .   ? HOH A 240 . ? 1_555 ? 
# 
loop_
_pdbx_unobs_or_zero_occ_residues.id 
_pdbx_unobs_or_zero_occ_residues.PDB_model_num 
_pdbx_unobs_or_zero_occ_residues.polymer_flag 
_pdbx_unobs_or_zero_occ_residues.occupancy_flag 
_pdbx_unobs_or_zero_occ_residues.auth_asym_id 
_pdbx_unobs_or_zero_occ_residues.auth_comp_id 
_pdbx_unobs_or_zero_occ_residues.auth_seq_id 
_pdbx_unobs_or_zero_occ_residues.PDB_ins_code 
_pdbx_unobs_or_zero_occ_residues.label_asym_id 
_pdbx_unobs_or_zero_occ_residues.label_comp_id 
_pdbx_unobs_or_zero_occ_residues.label_seq_id 
1 1 Y 1 A HIS -5  ? A HIS 1   
2 1 Y 1 A HIS -4  ? A HIS 2   
3 1 Y 1 A HIS -3  ? A HIS 3   
4 1 Y 1 A HIS -2  ? A HIS 4   
5 1 Y 1 A HIS -1  ? A HIS 5   
6 1 Y 1 A ASN 139 ? A ASN 131 
7 1 Y 1 A GLY 140 ? A GLY 132 
# 
loop_
_chem_comp_atom.comp_id 
_chem_comp_atom.atom_id 
_chem_comp_atom.type_symbol 
_chem_comp_atom.pdbx_aromatic_flag 
_chem_comp_atom.pdbx_stereo_config 
_chem_comp_atom.pdbx_ordinal 
ARG N    N N N 1   
ARG CA   C N S 2   
ARG C    C N N 3   
ARG O    O N N 4   
ARG CB   C N N 5   
ARG CG   C N N 6   
ARG CD   C N N 7   
ARG NE   N N N 8   
ARG CZ   C N N 9   
ARG NH1  N N N 10  
ARG NH2  N N N 11  
ARG OXT  O N N 12  
ARG H    H N N 13  
ARG H2   H N N 14  
ARG HA   H N N 15  
ARG HB2  H N N 16  
ARG HB3  H N N 17  
ARG HG2  H N N 18  
ARG HG3  H N N 19  
ARG HD2  H N N 20  
ARG HD3  H N N 21  
ARG HE   H N N 22  
ARG HH11 H N N 23  
ARG HH12 H N N 24  
ARG HH21 H N N 25  
ARG HH22 H N N 26  
ARG HXT  H N N 27  
ASN N    N N N 28  
ASN CA   C N S 29  
ASN C    C N N 30  
ASN O    O N N 31  
ASN CB   C N N 32  
ASN CG   C N N 33  
ASN OD1  O N N 34  
ASN ND2  N N N 35  
ASN OXT  O N N 36  
ASN H    H N N 37  
ASN H2   H N N 38  
ASN HA   H N N 39  
ASN HB2  H N N 40  
ASN HB3  H N N 41  
ASN HD21 H N N 42  
ASN HD22 H N N 43  
ASN HXT  H N N 44  
ASP N    N N N 45  
ASP CA   C N S 46  
ASP C    C N N 47  
ASP O    O N N 48  
ASP CB   C N N 49  
ASP CG   C N N 50  
ASP OD1  O N N 51  
ASP OD2  O N N 52  
ASP OXT  O N N 53  
ASP H    H N N 54  
ASP H2   H N N 55  
ASP HA   H N N 56  
ASP HB2  H N N 57  
ASP HB3  H N N 58  
ASP HD2  H N N 59  
ASP HXT  H N N 60  
GLN N    N N N 61  
GLN CA   C N S 62  
GLN C    C N N 63  
GLN O    O N N 64  
GLN CB   C N N 65  
GLN CG   C N N 66  
GLN CD   C N N 67  
GLN OE1  O N N 68  
GLN NE2  N N N 69  
GLN OXT  O N N 70  
GLN H    H N N 71  
GLN H2   H N N 72  
GLN HA   H N N 73  
GLN HB2  H N N 74  
GLN HB3  H N N 75  
GLN HG2  H N N 76  
GLN HG3  H N N 77  
GLN HE21 H N N 78  
GLN HE22 H N N 79  
GLN HXT  H N N 80  
GLU N    N N N 81  
GLU CA   C N S 82  
GLU C    C N N 83  
GLU O    O N N 84  
GLU CB   C N N 85  
GLU CG   C N N 86  
GLU CD   C N N 87  
GLU OE1  O N N 88  
GLU OE2  O N N 89  
GLU OXT  O N N 90  
GLU H    H N N 91  
GLU H2   H N N 92  
GLU HA   H N N 93  
GLU HB2  H N N 94  
GLU HB3  H N N 95  
GLU HG2  H N N 96  
GLU HG3  H N N 97  
GLU HE2  H N N 98  
GLU HXT  H N N 99  
GLY N    N N N 100 
GLY CA   C N N 101 
GLY C    C N N 102 
GLY O    O N N 103 
GLY OXT  O N N 104 
GLY H    H N N 105 
GLY H2   H N N 106 
GLY HA2  H N N 107 
GLY HA3  H N N 108 
GLY HXT  H N N 109 
HIS N    N N N 110 
HIS CA   C N S 111 
HIS C    C N N 112 
HIS O    O N N 113 
HIS CB   C N N 114 
HIS CG   C Y N 115 
HIS ND1  N Y N 116 
HIS CD2  C Y N 117 
HIS CE1  C Y N 118 
HIS NE2  N Y N 119 
HIS OXT  O N N 120 
HIS H    H N N 121 
HIS H2   H N N 122 
HIS HA   H N N 123 
HIS HB2  H N N 124 
HIS HB3  H N N 125 
HIS HD1  H N N 126 
HIS HD2  H N N 127 
HIS HE1  H N N 128 
HIS HE2  H N N 129 
HIS HXT  H N N 130 
HOH O    O N N 131 
HOH H1   H N N 132 
HOH H2   H N N 133 
ILE N    N N N 134 
ILE CA   C N S 135 
ILE C    C N N 136 
ILE O    O N N 137 
ILE CB   C N S 138 
ILE CG1  C N N 139 
ILE CG2  C N N 140 
ILE CD1  C N N 141 
ILE OXT  O N N 142 
ILE H    H N N 143 
ILE H2   H N N 144 
ILE HA   H N N 145 
ILE HB   H N N 146 
ILE HG12 H N N 147 
ILE HG13 H N N 148 
ILE HG21 H N N 149 
ILE HG22 H N N 150 
ILE HG23 H N N 151 
ILE HD11 H N N 152 
ILE HD12 H N N 153 
ILE HD13 H N N 154 
ILE HXT  H N N 155 
LEU N    N N N 156 
LEU CA   C N S 157 
LEU C    C N N 158 
LEU O    O N N 159 
LEU CB   C N N 160 
LEU CG   C N N 161 
LEU CD1  C N N 162 
LEU CD2  C N N 163 
LEU OXT  O N N 164 
LEU H    H N N 165 
LEU H2   H N N 166 
LEU HA   H N N 167 
LEU HB2  H N N 168 
LEU HB3  H N N 169 
LEU HG   H N N 170 
LEU HD11 H N N 171 
LEU HD12 H N N 172 
LEU HD13 H N N 173 
LEU HD21 H N N 174 
LEU HD22 H N N 175 
LEU HD23 H N N 176 
LEU HXT  H N N 177 
PHE N    N N N 178 
PHE CA   C N S 179 
PHE C    C N N 180 
PHE O    O N N 181 
PHE CB   C N N 182 
PHE CG   C Y N 183 
PHE CD1  C Y N 184 
PHE CD2  C Y N 185 
PHE CE1  C Y N 186 
PHE CE2  C Y N 187 
PHE CZ   C Y N 188 
PHE OXT  O N N 189 
PHE H    H N N 190 
PHE H2   H N N 191 
PHE HA   H N N 192 
PHE HB2  H N N 193 
PHE HB3  H N N 194 
PHE HD1  H N N 195 
PHE HD2  H N N 196 
PHE HE1  H N N 197 
PHE HE2  H N N 198 
PHE HZ   H N N 199 
PHE HXT  H N N 200 
PRO N    N N N 201 
PRO CA   C N S 202 
PRO C    C N N 203 
PRO O    O N N 204 
PRO CB   C N N 205 
PRO CG   C N N 206 
PRO CD   C N N 207 
PRO OXT  O N N 208 
PRO H    H N N 209 
PRO HA   H N N 210 
PRO HB2  H N N 211 
PRO HB3  H N N 212 
PRO HG2  H N N 213 
PRO HG3  H N N 214 
PRO HD2  H N N 215 
PRO HD3  H N N 216 
PRO HXT  H N N 217 
SER N    N N N 218 
SER CA   C N S 219 
SER C    C N N 220 
SER O    O N N 221 
SER CB   C N N 222 
SER OG   O N N 223 
SER OXT  O N N 224 
SER H    H N N 225 
SER H2   H N N 226 
SER HA   H N N 227 
SER HB2  H N N 228 
SER HB3  H N N 229 
SER HG   H N N 230 
SER HXT  H N N 231 
SO4 S    S N N 232 
SO4 O1   O N N 233 
SO4 O2   O N N 234 
SO4 O3   O N N 235 
SO4 O4   O N N 236 
THR N    N N N 237 
THR CA   C N S 238 
THR C    C N N 239 
THR O    O N N 240 
THR CB   C N R 241 
THR OG1  O N N 242 
THR CG2  C N N 243 
THR OXT  O N N 244 
THR H    H N N 245 
THR H2   H N N 246 
THR HA   H N N 247 
THR HB   H N N 248 
THR HG1  H N N 249 
THR HG21 H N N 250 
THR HG22 H N N 251 
THR HG23 H N N 252 
THR HXT  H N N 253 
TRS C    C N N 254 
TRS C1   C N N 255 
TRS C2   C N N 256 
TRS C3   C N N 257 
TRS N    N N N 258 
TRS O1   O N N 259 
TRS O2   O N N 260 
TRS O3   O N N 261 
TRS H11  H N N 262 
TRS H12  H N N 263 
TRS H21  H N N 264 
TRS H22  H N N 265 
TRS H31  H N N 266 
TRS H32  H N N 267 
TRS HN1  H N N 268 
TRS HN2  H N N 269 
TRS HN3  H N N 270 
TRS HO1  H N N 271 
TRS HO2  H N N 272 
TRS HO3  H N N 273 
VAL N    N N N 274 
VAL CA   C N S 275 
VAL C    C N N 276 
VAL O    O N N 277 
VAL CB   C N N 278 
VAL CG1  C N N 279 
VAL CG2  C N N 280 
VAL OXT  O N N 281 
VAL H    H N N 282 
VAL H2   H N N 283 
VAL HA   H N N 284 
VAL HB   H N N 285 
VAL HG11 H N N 286 
VAL HG12 H N N 287 
VAL HG13 H N N 288 
VAL HG21 H N N 289 
VAL HG22 H N N 290 
VAL HG23 H N N 291 
VAL HXT  H N N 292 
# 
loop_
_chem_comp_bond.comp_id 
_chem_comp_bond.atom_id_1 
_chem_comp_bond.atom_id_2 
_chem_comp_bond.value_order 
_chem_comp_bond.pdbx_aromatic_flag 
_chem_comp_bond.pdbx_stereo_config 
_chem_comp_bond.pdbx_ordinal 
ARG N   CA   sing N N 1   
ARG N   H    sing N N 2   
ARG N   H2   sing N N 3   
ARG CA  C    sing N N 4   
ARG CA  CB   sing N N 5   
ARG CA  HA   sing N N 6   
ARG C   O    doub N N 7   
ARG C   OXT  sing N N 8   
ARG CB  CG   sing N N 9   
ARG CB  HB2  sing N N 10  
ARG CB  HB3  sing N N 11  
ARG CG  CD   sing N N 12  
ARG CG  HG2  sing N N 13  
ARG CG  HG3  sing N N 14  
ARG CD  NE   sing N N 15  
ARG CD  HD2  sing N N 16  
ARG CD  HD3  sing N N 17  
ARG NE  CZ   sing N N 18  
ARG NE  HE   sing N N 19  
ARG CZ  NH1  sing N N 20  
ARG CZ  NH2  doub N N 21  
ARG NH1 HH11 sing N N 22  
ARG NH1 HH12 sing N N 23  
ARG NH2 HH21 sing N N 24  
ARG NH2 HH22 sing N N 25  
ARG OXT HXT  sing N N 26  
ASN N   CA   sing N N 27  
ASN N   H    sing N N 28  
ASN N   H2   sing N N 29  
ASN CA  C    sing N N 30  
ASN CA  CB   sing N N 31  
ASN CA  HA   sing N N 32  
ASN C   O    doub N N 33  
ASN C   OXT  sing N N 34  
ASN CB  CG   sing N N 35  
ASN CB  HB2  sing N N 36  
ASN CB  HB3  sing N N 37  
ASN CG  OD1  doub N N 38  
ASN CG  ND2  sing N N 39  
ASN ND2 HD21 sing N N 40  
ASN ND2 HD22 sing N N 41  
ASN OXT HXT  sing N N 42  
ASP N   CA   sing N N 43  
ASP N   H    sing N N 44  
ASP N   H2   sing N N 45  
ASP CA  C    sing N N 46  
ASP CA  CB   sing N N 47  
ASP CA  HA   sing N N 48  
ASP C   O    doub N N 49  
ASP C   OXT  sing N N 50  
ASP CB  CG   sing N N 51  
ASP CB  HB2  sing N N 52  
ASP CB  HB3  sing N N 53  
ASP CG  OD1  doub N N 54  
ASP CG  OD2  sing N N 55  
ASP OD2 HD2  sing N N 56  
ASP OXT HXT  sing N N 57  
GLN N   CA   sing N N 58  
GLN N   H    sing N N 59  
GLN N   H2   sing N N 60  
GLN CA  C    sing N N 61  
GLN CA  CB   sing N N 62  
GLN CA  HA   sing N N 63  
GLN C   O    doub N N 64  
GLN C   OXT  sing N N 65  
GLN CB  CG   sing N N 66  
GLN CB  HB2  sing N N 67  
GLN CB  HB3  sing N N 68  
GLN CG  CD   sing N N 69  
GLN CG  HG2  sing N N 70  
GLN CG  HG3  sing N N 71  
GLN CD  OE1  doub N N 72  
GLN CD  NE2  sing N N 73  
GLN NE2 HE21 sing N N 74  
GLN NE2 HE22 sing N N 75  
GLN OXT HXT  sing N N 76  
GLU N   CA   sing N N 77  
GLU N   H    sing N N 78  
GLU N   H2   sing N N 79  
GLU CA  C    sing N N 80  
GLU CA  CB   sing N N 81  
GLU CA  HA   sing N N 82  
GLU C   O    doub N N 83  
GLU C   OXT  sing N N 84  
GLU CB  CG   sing N N 85  
GLU CB  HB2  sing N N 86  
GLU CB  HB3  sing N N 87  
GLU CG  CD   sing N N 88  
GLU CG  HG2  sing N N 89  
GLU CG  HG3  sing N N 90  
GLU CD  OE1  doub N N 91  
GLU CD  OE2  sing N N 92  
GLU OE2 HE2  sing N N 93  
GLU OXT HXT  sing N N 94  
GLY N   CA   sing N N 95  
GLY N   H    sing N N 96  
GLY N   H2   sing N N 97  
GLY CA  C    sing N N 98  
GLY CA  HA2  sing N N 99  
GLY CA  HA3  sing N N 100 
GLY C   O    doub N N 101 
GLY C   OXT  sing N N 102 
GLY OXT HXT  sing N N 103 
HIS N   CA   sing N N 104 
HIS N   H    sing N N 105 
HIS N   H2   sing N N 106 
HIS CA  C    sing N N 107 
HIS CA  CB   sing N N 108 
HIS CA  HA   sing N N 109 
HIS C   O    doub N N 110 
HIS C   OXT  sing N N 111 
HIS CB  CG   sing N N 112 
HIS CB  HB2  sing N N 113 
HIS CB  HB3  sing N N 114 
HIS CG  ND1  sing Y N 115 
HIS CG  CD2  doub Y N 116 
HIS ND1 CE1  doub Y N 117 
HIS ND1 HD1  sing N N 118 
HIS CD2 NE2  sing Y N 119 
HIS CD2 HD2  sing N N 120 
HIS CE1 NE2  sing Y N 121 
HIS CE1 HE1  sing N N 122 
HIS NE2 HE2  sing N N 123 
HIS OXT HXT  sing N N 124 
HOH O   H1   sing N N 125 
HOH O   H2   sing N N 126 
ILE N   CA   sing N N 127 
ILE N   H    sing N N 128 
ILE N   H2   sing N N 129 
ILE CA  C    sing N N 130 
ILE CA  CB   sing N N 131 
ILE CA  HA   sing N N 132 
ILE C   O    doub N N 133 
ILE C   OXT  sing N N 134 
ILE CB  CG1  sing N N 135 
ILE CB  CG2  sing N N 136 
ILE CB  HB   sing N N 137 
ILE CG1 CD1  sing N N 138 
ILE CG1 HG12 sing N N 139 
ILE CG1 HG13 sing N N 140 
ILE CG2 HG21 sing N N 141 
ILE CG2 HG22 sing N N 142 
ILE CG2 HG23 sing N N 143 
ILE CD1 HD11 sing N N 144 
ILE CD1 HD12 sing N N 145 
ILE CD1 HD13 sing N N 146 
ILE OXT HXT  sing N N 147 
LEU N   CA   sing N N 148 
LEU N   H    sing N N 149 
LEU N   H2   sing N N 150 
LEU CA  C    sing N N 151 
LEU CA  CB   sing N N 152 
LEU CA  HA   sing N N 153 
LEU C   O    doub N N 154 
LEU C   OXT  sing N N 155 
LEU CB  CG   sing N N 156 
LEU CB  HB2  sing N N 157 
LEU CB  HB3  sing N N 158 
LEU CG  CD1  sing N N 159 
LEU CG  CD2  sing N N 160 
LEU CG  HG   sing N N 161 
LEU CD1 HD11 sing N N 162 
LEU CD1 HD12 sing N N 163 
LEU CD1 HD13 sing N N 164 
LEU CD2 HD21 sing N N 165 
LEU CD2 HD22 sing N N 166 
LEU CD2 HD23 sing N N 167 
LEU OXT HXT  sing N N 168 
PHE N   CA   sing N N 169 
PHE N   H    sing N N 170 
PHE N   H2   sing N N 171 
PHE CA  C    sing N N 172 
PHE CA  CB   sing N N 173 
PHE CA  HA   sing N N 174 
PHE C   O    doub N N 175 
PHE C   OXT  sing N N 176 
PHE CB  CG   sing N N 177 
PHE CB  HB2  sing N N 178 
PHE CB  HB3  sing N N 179 
PHE CG  CD1  doub Y N 180 
PHE CG  CD2  sing Y N 181 
PHE CD1 CE1  sing Y N 182 
PHE CD1 HD1  sing N N 183 
PHE CD2 CE2  doub Y N 184 
PHE CD2 HD2  sing N N 185 
PHE CE1 CZ   doub Y N 186 
PHE CE1 HE1  sing N N 187 
PHE CE2 CZ   sing Y N 188 
PHE CE2 HE2  sing N N 189 
PHE CZ  HZ   sing N N 190 
PHE OXT HXT  sing N N 191 
PRO N   CA   sing N N 192 
PRO N   CD   sing N N 193 
PRO N   H    sing N N 194 
PRO CA  C    sing N N 195 
PRO CA  CB   sing N N 196 
PRO CA  HA   sing N N 197 
PRO C   O    doub N N 198 
PRO C   OXT  sing N N 199 
PRO CB  CG   sing N N 200 
PRO CB  HB2  sing N N 201 
PRO CB  HB3  sing N N 202 
PRO CG  CD   sing N N 203 
PRO CG  HG2  sing N N 204 
PRO CG  HG3  sing N N 205 
PRO CD  HD2  sing N N 206 
PRO CD  HD3  sing N N 207 
PRO OXT HXT  sing N N 208 
SER N   CA   sing N N 209 
SER N   H    sing N N 210 
SER N   H2   sing N N 211 
SER CA  C    sing N N 212 
SER CA  CB   sing N N 213 
SER CA  HA   sing N N 214 
SER C   O    doub N N 215 
SER C   OXT  sing N N 216 
SER CB  OG   sing N N 217 
SER CB  HB2  sing N N 218 
SER CB  HB3  sing N N 219 
SER OG  HG   sing N N 220 
SER OXT HXT  sing N N 221 
SO4 S   O1   doub N N 222 
SO4 S   O2   doub N N 223 
SO4 S   O3   sing N N 224 
SO4 S   O4   sing N N 225 
THR N   CA   sing N N 226 
THR N   H    sing N N 227 
THR N   H2   sing N N 228 
THR CA  C    sing N N 229 
THR CA  CB   sing N N 230 
THR CA  HA   sing N N 231 
THR C   O    doub N N 232 
THR C   OXT  sing N N 233 
THR CB  OG1  sing N N 234 
THR CB  CG2  sing N N 235 
THR CB  HB   sing N N 236 
THR OG1 HG1  sing N N 237 
THR CG2 HG21 sing N N 238 
THR CG2 HG22 sing N N 239 
THR CG2 HG23 sing N N 240 
THR OXT HXT  sing N N 241 
TRS C   C1   sing N N 242 
TRS C   C2   sing N N 243 
TRS C   C3   sing N N 244 
TRS C   N    sing N N 245 
TRS C1  O1   sing N N 246 
TRS C1  H11  sing N N 247 
TRS C1  H12  sing N N 248 
TRS C2  O2   sing N N 249 
TRS C2  H21  sing N N 250 
TRS C2  H22  sing N N 251 
TRS C3  O3   sing N N 252 
TRS C3  H31  sing N N 253 
TRS C3  H32  sing N N 254 
TRS N   HN1  sing N N 255 
TRS N   HN2  sing N N 256 
TRS N   HN3  sing N N 257 
TRS O1  HO1  sing N N 258 
TRS O2  HO2  sing N N 259 
TRS O3  HO3  sing N N 260 
VAL N   CA   sing N N 261 
VAL N   H    sing N N 262 
VAL N   H2   sing N N 263 
VAL CA  C    sing N N 264 
VAL CA  CB   sing N N 265 
VAL CA  HA   sing N N 266 
VAL C   O    doub N N 267 
VAL C   OXT  sing N N 268 
VAL CB  CG1  sing N N 269 
VAL CB  CG2  sing N N 270 
VAL CB  HB   sing N N 271 
VAL CG1 HG11 sing N N 272 
VAL CG1 HG12 sing N N 273 
VAL CG1 HG13 sing N N 274 
VAL CG2 HG21 sing N N 275 
VAL CG2 HG22 sing N N 276 
VAL CG2 HG23 sing N N 277 
VAL OXT HXT  sing N N 278 
# 
_atom_sites.entry_id                    3Q7X 
_atom_sites.fract_transf_matrix[1][1]   0.01441063 
_atom_sites.fract_transf_matrix[1][2]   0.00088311 
_atom_sites.fract_transf_matrix[1][3]   -0.01579872 
_atom_sites.fract_transf_matrix[2][1]   -0.01512919 
_atom_sites.fract_transf_matrix[2][2]   0.00263238 
_atom_sites.fract_transf_matrix[2][3]   -0.01365279 
_atom_sites.fract_transf_matrix[3][1]   0.00099338 
_atom_sites.fract_transf_matrix[3][2]   0.01465840 
_atom_sites.fract_transf_matrix[3][3]   0.00172547 
_atom_sites.fract_transf_vector[1]      0.076444 
_atom_sites.fract_transf_vector[2]      -0.303216 
_atom_sites.fract_transf_vector[3]      -0.100365 
# 
loop_
_atom_type.symbol 
C 
N 
O 
S 
# 
loop_
_atom_site.group_PDB 
_atom_site.id 
_atom_site.type_symbol 
_atom_site.label_atom_id 
_atom_site.label_alt_id 
_atom_site.label_comp_id 
_atom_site.label_asym_id 
_atom_site.label_entity_id 
_atom_site.label_seq_id 
_atom_site.pdbx_PDB_ins_code 
_atom_site.Cartn_x 
_atom_site.Cartn_y 
_atom_site.Cartn_z 
_atom_site.occupancy 
_atom_site.B_iso_or_equiv 
_atom_site.pdbx_formal_charge 
_atom_site.auth_seq_id 
_atom_site.auth_comp_id 
_atom_site.auth_asym_id 
_atom_site.auth_atom_id 
_atom_site.pdbx_PDB_model_num 
ATOM   1    N N   . HIS A 1 6   ? 16.415  4.443   0.377   1.00 36.05 ? 0   HIS A N   1 
ATOM   2    C CA  . HIS A 1 6   ? 15.301  5.353   0.136   1.00 23.93 ? 0   HIS A CA  1 
ATOM   3    C C   . HIS A 1 6   ? 13.974  4.697   0.506   1.00 22.56 ? 0   HIS A C   1 
ATOM   4    O O   . HIS A 1 6   ? 13.535  3.745   -0.145  1.00 29.19 ? 0   HIS A O   1 
ATOM   5    C CB  . HIS A 1 6   ? 15.286  5.812   -1.327  1.00 21.99 ? 0   HIS A CB  1 
ATOM   6    C CG  . HIS A 1 6   ? 16.447  6.686   -1.700  1.00 21.41 ? 0   HIS A CG  1 
ATOM   7    N ND1 . HIS A 1 6   ? 16.357  8.061   -1.750  1.00 24.81 ? 0   HIS A ND1 1 
ATOM   8    C CD2 . HIS A 1 6   ? 17.723  6.380   -2.037  1.00 21.46 ? 0   HIS A CD2 1 
ATOM   9    C CE1 . HIS A 1 6   ? 17.529  8.564   -2.098  1.00 24.78 ? 0   HIS A CE1 1 
ATOM   10   N NE2 . HIS A 1 6   ? 18.374  7.566   -2.280  1.00 23.79 ? 0   HIS A NE2 1 
ATOM   11   N N   . GLU A 1 7   ? 13.350  5.201   1.565   1.00 15.11 ? 11  GLU A N   1 
ATOM   12   C CA  . GLU A 1 7   ? 12.059  4.691   2.010   1.00 13.97 ? 11  GLU A CA  1 
ATOM   13   C C   . GLU A 1 7   ? 10.976  5.725   1.768   1.00 14.27 ? 11  GLU A C   1 
ATOM   14   O O   . GLU A 1 7   ? 11.250  6.914   1.579   1.00 12.71 ? 11  GLU A O   1 
ATOM   15   C CB  . GLU A 1 7   ? 12.095  4.358   3.494   1.00 14.01 ? 11  GLU A CB  1 
ATOM   16   C CG  . GLU A 1 7   ? 12.973  3.182   3.855   1.00 16.83 ? 11  GLU A CG  1 
ATOM   17   C CD  . GLU A 1 7   ? 13.173  3.075   5.348   1.00 19.41 ? 11  GLU A CD  1 
ATOM   18   O OE1 . GLU A 1 7   ? 13.497  4.103   5.979   1.00 27.00 ? 11  GLU A OE1 1 
ATOM   19   O OE2 . GLU A 1 7   ? 12.994  1.975   5.891   1.00 27.59 ? 11  GLU A OE2 1 
ATOM   20   N N   . VAL A 1 8   ? 9.728   5.273   1.787   1.00 11.74 ? 12  VAL A N   1 
ATOM   21   C CA  . VAL A 1 8   ? 8.602   6.176   1.600   1.00 9.23  ? 12  VAL A CA  1 
ATOM   22   C C   . VAL A 1 8   ? 7.494   5.872   2.597   1.00 10.42 ? 12  VAL A C   1 
ATOM   23   O O   . VAL A 1 8   ? 7.436   4.769   3.168   1.00 10.31 ? 12  VAL A O   1 
ATOM   24   C CB  . VAL A 1 8   ? 8.001   6.066   0.179   1.00 10.85 ? 12  VAL A CB  1 
ATOM   25   C CG1 . VAL A 1 8   ? 9.021   6.482   -0.879  1.00 12.46 ? 12  VAL A CG1 1 
ATOM   26   C CG2 . VAL A 1 8   ? 7.494   4.648   -0.084  1.00 10.92 ? 12  VAL A CG2 1 
ATOM   27   N N   . LEU A 1 9   ? 6.625   6.863   2.795   1.00 9.46  ? 13  LEU A N   1 
ATOM   28   C CA  . LEU A 1 9   ? 5.392   6.685   3.547   1.00 8.83  ? 13  LEU A CA  1 
ATOM   29   C C   . LEU A 1 9   ? 4.263   6.702   2.542   1.00 8.73  ? 13  LEU A C   1 
ATOM   30   O O   . LEU A 1 9   ? 4.324   7.420   1.543   1.00 9.45  ? 13  LEU A O   1 
ATOM   31   C CB  . LEU A 1 9   ? 5.184   7.809   4.558   1.00 9.73  ? 13  LEU A CB  1 
ATOM   32   C CG  . LEU A 1 9   ? 6.319   8.023   5.563   1.00 12.22 ? 13  LEU A CG  1 
ATOM   33   C CD1 . LEU A 1 9   ? 5.938   9.057   6.612   1.00 13.75 ? 13  LEU A CD1 1 
ATOM   34   C CD2 . LEU A 1 9   ? 6.658   6.707   6.224   1.00 13.66 ? 13  LEU A CD2 1 
ATOM   35   N N   . LEU A 1 10  ? 3.235   5.902   2.809   1.00 7.85  ? 14  LEU A N   1 
ATOM   36   C CA  . LEU A 1 10  ? 2.060   5.800   1.950   1.00 8.06  ? 14  LEU A CA  1 
ATOM   37   C C   . LEU A 1 10  ? 0.868   6.294   2.757   1.00 8.46  ? 14  LEU A C   1 
ATOM   38   O O   . LEU A 1 10  ? 0.454   5.661   3.728   1.00 9.17  ? 14  LEU A O   1 
ATOM   39   C CB  . LEU A 1 10  ? 1.862   4.342   1.499   1.00 8.46  ? 14  LEU A CB  1 
ATOM   40   C CG  . LEU A 1 10  ? 3.078   3.681   0.826   1.00 9.50  ? 14  LEU A CG  1 
ATOM   41   C CD1 . LEU A 1 10  ? 2.835   2.198   0.568   1.00 11.22 ? 14  LEU A CD1 1 
ATOM   42   C CD2 . LEU A 1 10  ? 3.443   4.402   -0.463  1.00 11.72 ? 14  LEU A CD2 1 
ATOM   43   N N   . ARG A 1 11  ? 0.330   7.443   2.366   1.00 8.34  ? 15  ARG A N   1 
ATOM   44   C CA  . ARG A 1 11  ? -0.636  8.149   3.209   1.00 8.97  ? 15  ARG A CA  1 
ATOM   45   C C   . ARG A 1 11  ? -1.978  8.328   2.507   1.00 7.35  ? 15  ARG A C   1 
ATOM   46   O O   . ARG A 1 11  ? -2.016  8.694   1.332   1.00 9.25  ? 15  ARG A O   1 
ATOM   47   C CB  . ARG A 1 11  ? -0.066  9.530   3.596   1.00 11.25 ? 15  ARG A CB  1 
ATOM   48   C CG  . ARG A 1 11  ? -0.823  10.244  4.706   1.00 11.45 ? 15  ARG A CG  1 
ATOM   49   C CD  . ARG A 1 11  ? -0.202  11.598  5.020   1.00 13.70 ? 15  ARG A CD  1 
ATOM   50   N NE  . ARG A 1 11  ? -0.668  12.092  6.314   1.00 17.54 ? 15  ARG A NE  1 
ATOM   51   C CZ  . ARG A 1 11  ? -0.408  13.307  6.794   1.00 20.57 ? 15  ARG A CZ  1 
ATOM   52   N NH1 . ARG A 1 11  ? 0.305   14.168  6.078   1.00 20.41 ? 15  ARG A NH1 1 
ATOM   53   N NH2 . ARG A 1 11  ? -0.872  13.662  7.986   1.00 22.69 ? 15  ARG A NH2 1 
ATOM   54   N N   . SER A 1 12  ? -3.074  8.088   3.227   1.00 8.76  ? 16  SER A N   1 
ATOM   55   C CA  . SER A 1 12  ? -4.426  8.407   2.752   1.00 9.34  ? 16  SER A CA  1 
ATOM   56   C C   . SER A 1 12  ? -4.618  9.896   2.534   1.00 10.65 ? 16  SER A C   1 
ATOM   57   O O   . SER A 1 12  ? -4.446  10.692  3.459   1.00 10.67 ? 16  SER A O   1 
ATOM   58   C CB  . SER A 1 12  ? -5.472  7.975   3.792   1.00 10.62 ? 16  SER A CB  1 
ATOM   59   O OG  . SER A 1 12  ? -6.760  8.522   3.492   1.00 10.79 ? 16  SER A OG  1 
ATOM   60   N N   . THR A 1 13  ? -5.013  10.292  1.335   1.00 8.48  ? 17  THR A N   1 
ATOM   61   C CA  A THR A 1 13  ? -5.354  11.686  1.065   0.68 11.69 ? 17  THR A CA  1 
ATOM   62   C CA  B THR A 1 13  ? -5.309  11.699  1.128   0.32 11.69 ? 17  THR A CA  1 
ATOM   63   C C   . THR A 1 13  ? -6.557  12.105  1.906   1.00 11.90 ? 17  THR A C   1 
ATOM   64   O O   . THR A 1 13  ? -6.623  13.227  2.415   1.00 12.83 ? 17  THR A O   1 
ATOM   65   C CB  A THR A 1 13  ? -5.716  11.884  -0.415  0.68 11.46 ? 17  THR A CB  1 
ATOM   66   C CB  B THR A 1 13  ? -5.470  12.036  -0.349  0.32 12.63 ? 17  THR A CB  1 
ATOM   67   O OG1 A THR A 1 13  ? -4.608  11.482  -1.234  0.68 15.09 ? 17  THR A OG1 1 
ATOM   68   O OG1 B THR A 1 13  ? -6.590  11.325  -0.883  0.32 12.28 ? 17  THR A OG1 1 
ATOM   69   C CG2 A THR A 1 13  ? -6.058  13.348  -0.700  0.68 15.54 ? 17  THR A CG2 1 
ATOM   70   C CG2 B THR A 1 13  ? -4.218  11.638  -1.099  0.32 12.89 ? 17  THR A CG2 1 
ATOM   71   N N   . GLU A 1 14  ? -7.518  11.194  2.041   1.00 8.45  ? 18  GLU A N   1 
ATOM   72   C CA  . GLU A 1 14  ? -8.766  11.510  2.740   1.00 10.34 ? 18  GLU A CA  1 
ATOM   73   C C   . GLU A 1 14  ? -8.563  11.876  4.209   1.00 11.26 ? 18  GLU A C   1 
ATOM   74   O O   . GLU A 1 14  ? -9.075  12.899  4.672   1.00 11.69 ? 18  GLU A O   1 
ATOM   75   C CB  . GLU A 1 14  ? -9.768  10.357  2.620   1.00 10.10 ? 18  GLU A CB  1 
ATOM   76   C CG  . GLU A 1 14  ? -11.140 10.690  3.234   1.00 12.14 ? 18  GLU A CG  1 
ATOM   77   C CD  . GLU A 1 14  ? -12.165 9.560   3.129   1.00 15.96 ? 18  GLU A CD  1 
ATOM   78   O OE1 . GLU A 1 14  ? -11.780 8.373   3.121   1.00 15.42 ? 18  GLU A OE1 1 
ATOM   79   O OE2 . GLU A 1 14  ? -13.379 9.867   3.056   1.00 14.99 ? 18  GLU A OE2 1 
ATOM   80   N N   . THR A 1 15  ? -7.828  11.041  4.941   1.00 9.81  ? 19  THR A N   1 
ATOM   81   C CA  . THR A 1 15  ? -7.750  11.175  6.398   1.00 10.33 ? 19  THR A CA  1 
ATOM   82   C C   . THR A 1 15  ? -6.357  11.477  6.924   1.00 11.18 ? 19  THR A C   1 
ATOM   83   O O   . THR A 1 15  ? -6.192  11.825  8.098   1.00 11.00 ? 19  THR A O   1 
ATOM   84   C CB  . THR A 1 15  ? -8.130  9.874   7.093   1.00 10.52 ? 19  THR A CB  1 
ATOM   85   O OG1 . THR A 1 15  ? -7.142  8.890   6.765   1.00 11.24 ? 19  THR A OG1 1 
ATOM   86   C CG2 . THR A 1 15  ? -9.514  9.394   6.657   1.00 12.19 ? 19  THR A CG2 1 
ATOM   87   N N   . GLY A 1 16  ? -5.345  11.302  6.084   1.00 9.41  ? 20  GLY A N   1 
ATOM   88   C CA  . GLY A 1 16  ? -3.975  11.431  6.540   1.00 10.58 ? 20  GLY A CA  1 
ATOM   89   C C   . GLY A 1 16  ? -3.406  10.213  7.253   1.00 7.61  ? 20  GLY A C   1 
ATOM   90   O O   . GLY A 1 16  ? -2.285  10.269  7.741   1.00 10.27 ? 20  GLY A O   1 
ATOM   91   N N   . GLN A 1 17  ? -4.165  9.117   7.307   1.00 8.23  ? 21  GLN A N   1 
ATOM   92   C CA  . GLN A 1 17  ? -3.650  7.898   7.929   1.00 8.41  ? 21  GLN A CA  1 
ATOM   93   C C   . GLN A 1 17  ? -2.540  7.283   7.077   1.00 7.92  ? 21  GLN A C   1 
ATOM   94   O O   . GLN A 1 17  ? -2.627  7.286   5.849   1.00 9.60  ? 21  GLN A O   1 
ATOM   95   C CB  . GLN A 1 17  ? -4.783  6.897   8.158   1.00 8.64  ? 21  GLN A CB  1 
ATOM   96   C CG  . GLN A 1 17  ? -5.769  7.357   9.220   1.00 8.94  ? 21  GLN A CG  1 
ATOM   97   C CD  . GLN A 1 17  ? -7.066  6.592   9.178   1.00 11.05 ? 21  GLN A CD  1 
ATOM   98   O OE1 . GLN A 1 17  ? -7.108  5.465   8.698   1.00 12.21 ? 21  GLN A OE1 1 
ATOM   99   N NE2 . GLN A 1 17  ? -8.142  7.201   9.687   1.00 10.21 ? 21  GLN A NE2 1 
ATOM   100  N N   . PHE A 1 18  ? -1.507  6.775   7.739   1.00 6.88  ? 22  PHE A N   1 
ATOM   101  C CA  . PHE A 1 18  ? -0.414  6.074   7.071   1.00 7.77  ? 22  PHE A CA  1 
ATOM   102  C C   . PHE A 1 18  ? -0.649  4.571   7.040   1.00 8.02  ? 22  PHE A C   1 
ATOM   103  O O   . PHE A 1 18  ? -1.064  3.977   8.034   1.00 8.39  ? 22  PHE A O   1 
ATOM   104  C CB  . PHE A 1 18  ? 0.900   6.338   7.813   1.00 9.48  ? 22  PHE A CB  1 
ATOM   105  C CG  . PHE A 1 18  ? 1.307   7.772   7.801   1.00 10.63 ? 22  PHE A CG  1 
ATOM   106  C CD1 . PHE A 1 18  ? 1.920   8.312   6.687   1.00 12.82 ? 22  PHE A CD1 1 
ATOM   107  C CD2 . PHE A 1 18  ? 1.069   8.584   8.895   1.00 14.29 ? 22  PHE A CD2 1 
ATOM   108  C CE1 . PHE A 1 18  ? 2.286   9.647   6.654   1.00 14.58 ? 22  PHE A CE1 1 
ATOM   109  C CE2 . PHE A 1 18  ? 1.443   9.925   8.873   1.00 17.82 ? 22  PHE A CE2 1 
ATOM   110  C CZ  . PHE A 1 18  ? 2.051   10.449  7.749   1.00 15.97 ? 22  PHE A CZ  1 
ATOM   111  N N   . LEU A 1 19  ? -0.355  3.957   5.901   1.00 8.36  ? 23  LEU A N   1 
ATOM   112  C CA  . LEU A 1 19  ? -0.398  2.506   5.793   1.00 7.35  ? 23  LEU A CA  1 
ATOM   113  C C   . LEU A 1 19  ? 0.684   1.882   6.667   1.00 7.29  ? 23  LEU A C   1 
ATOM   114  O O   . LEU A 1 19  ? 1.802   2.393   6.722   1.00 8.39  ? 23  LEU A O   1 
ATOM   115  C CB  . LEU A 1 19  ? -0.142  2.095   4.343   1.00 11.15 ? 23  LEU A CB  1 
ATOM   116  C CG  . LEU A 1 19  ? -0.427  0.644   3.972   1.00 10.86 ? 23  LEU A CG  1 
ATOM   117  C CD1 . LEU A 1 19  ? -1.920  0.371   4.043   0.91 17.00 ? 23  LEU A CD1 1 
ATOM   118  C CD2 . LEU A 1 19  ? 0.099   0.370   2.569   0.80 13.91 ? 23  LEU A CD2 1 
ATOM   119  N N   . ARG A 1 20  ? 0.347   0.770   7.320   1.00 8.21  ? 24  ARG A N   1 
ATOM   120  C CA  . ARG A 1 20  ? 1.229   0.091   8.256   1.00 9.67  ? 24  ARG A CA  1 
ATOM   121  C C   . ARG A 1 20  ? 1.112   -1.423  8.105   1.00 9.09  ? 24  ARG A C   1 
ATOM   122  O O   . ARG A 1 20  ? 0.007   -1.950  7.943   1.00 8.03  ? 24  ARG A O   1 
ATOM   123  C CB  . ARG A 1 20  ? 0.794   0.497   9.674   1.00 12.99 ? 24  ARG A CB  1 
ATOM   124  C CG  . ARG A 1 20  ? 1.369   -0.296  10.807  1.00 15.56 ? 24  ARG A CG  1 
ATOM   125  C CD  . ARG A 1 20  ? 0.982   0.370   12.129  1.00 12.57 ? 24  ARG A CD  1 
ATOM   126  N NE  . ARG A 1 20  ? -0.432  0.220   12.471  1.00 10.82 ? 24  ARG A NE  1 
ATOM   127  C CZ  . ARG A 1 20  ? -0.928  0.527   13.666  1.00 12.39 ? 24  ARG A CZ  1 
ATOM   128  N NH1 . ARG A 1 20  ? -0.121  1.014   14.605  1.00 15.05 ? 24  ARG A NH1 1 
ATOM   129  N NH2 . ARG A 1 20  ? -2.217  0.355   13.925  1.00 15.60 ? 24  ARG A NH2 1 
ATOM   130  N N   . ILE A 1 21  ? 2.236   -2.133  8.175   1.00 9.11  ? 25  ILE A N   1 
ATOM   131  C CA  . ILE A 1 21  ? 2.162   -3.580  8.411   1.00 10.75 ? 25  ILE A CA  1 
ATOM   132  C C   . ILE A 1 21  ? 2.617   -3.849  9.846   1.00 11.57 ? 25  ILE A C   1 
ATOM   133  O O   . ILE A 1 21  ? 3.711   -3.438  10.248  1.00 12.05 ? 25  ILE A O   1 
ATOM   134  C CB  . ILE A 1 21  ? 2.987   -4.415  7.410   1.00 11.58 ? 25  ILE A CB  1 
ATOM   135  C CG1 . ILE A 1 21  ? 2.700   -3.997  5.970   1.00 15.12 ? 25  ILE A CG1 1 
ATOM   136  C CG2 . ILE A 1 21  ? 2.669   -5.900  7.597   1.00 14.60 ? 25  ILE A CG2 1 
ATOM   137  C CD1 . ILE A 1 21  ? 3.250   -4.981  4.934   1.00 17.01 ? 25  ILE A CD1 1 
ATOM   138  N N   . ASN A 1 22  ? 1.761   -4.495  10.630  1.00 11.55 ? 26  ASN A N   1 
ATOM   139  C CA  . ASN A 1 22  ? 2.036   -4.766  12.043  1.00 13.96 ? 26  ASN A CA  1 
ATOM   140  C C   . ASN A 1 22  ? 2.844   -6.044  12.267  1.00 15.07 ? 26  ASN A C   1 
ATOM   141  O O   . ASN A 1 22  ? 2.929   -6.875  11.371  1.00 12.74 ? 26  ASN A O   1 
ATOM   142  C CB  . ASN A 1 22  ? 0.719   -4.840  12.807  1.00 12.40 ? 26  ASN A CB  1 
ATOM   143  C CG  . ASN A 1 22  ? -0.049  -3.537  12.754  1.00 16.07 ? 26  ASN A CG  1 
ATOM   144  O OD1 . ASN A 1 22  ? 0.315   -2.567  13.418  1.00 19.40 ? 26  ASN A OD1 1 
ATOM   145  N ND2 . ASN A 1 22  ? -1.119  -3.507  11.965  1.00 15.08 ? 26  ASN A ND2 1 
ATOM   146  N N   . PRO A 1 23  ? 3.433   -6.201  13.472  1.00 13.55 ? 27  PRO A N   1 
ATOM   147  C CA  . PRO A 1 23  ? 4.151   -7.448  13.774  1.00 17.37 ? 27  PRO A CA  1 
ATOM   148  C C   . PRO A 1 23  ? 3.298   -8.701  13.550  1.00 16.76 ? 27  PRO A C   1 
ATOM   149  O O   . PRO A 1 23  ? 3.842   -9.723  13.137  1.00 17.25 ? 27  PRO A O   1 
ATOM   150  C CB  . PRO A 1 23  ? 4.498   -7.306  15.261  1.00 18.71 ? 27  PRO A CB  1 
ATOM   151  C CG  . PRO A 1 23  ? 4.507   -5.843  15.521  1.00 26.68 ? 27  PRO A CG  1 
ATOM   152  C CD  . PRO A 1 23  ? 3.476   -5.247  14.594  1.00 16.65 ? 27  PRO A CD  1 
ATOM   153  N N   . ASP A 1 24  ? 1.993   -8.622  13.809  1.00 14.07 ? 28  ASP A N   1 
ATOM   154  C CA  . ASP A 1 24  ? 1.117   -9.791  13.663  1.00 16.85 ? 28  ASP A CA  1 
ATOM   155  C C   . ASP A 1 24  ? 0.675   -10.057 12.223  1.00 16.54 ? 28  ASP A C   1 
ATOM   156  O O   . ASP A 1 24  ? -0.155  -10.932 11.983  1.00 20.57 ? 28  ASP A O   1 
ATOM   157  C CB  . ASP A 1 24  ? -0.098  -9.698  14.593  1.00 20.74 ? 28  ASP A CB  1 
ATOM   158  C CG  . ASP A 1 24  ? -1.086  -8.626  14.171  1.00 18.01 ? 28  ASP A CG  1 
ATOM   159  O OD1 . ASP A 1 24  ? -0.849  -7.961  13.137  1.00 18.10 ? 28  ASP A OD1 1 
ATOM   160  O OD2 . ASP A 1 24  ? -2.101  -8.449  14.882  1.00 21.84 ? 28  ASP A OD2 1 
ATOM   161  N N   . GLY A 1 25  ? 1.218   -9.299  11.277  1.00 17.59 ? 29  GLY A N   1 
ATOM   162  C CA  . GLY A 1 25  ? 0.944   -9.524  9.869   1.00 13.53 ? 29  GLY A CA  1 
ATOM   163  C C   . GLY A 1 25  ? -0.257  -8.772  9.300   1.00 12.12 ? 29  GLY A C   1 
ATOM   164  O O   . GLY A 1 25  ? -0.496  -8.788  8.095   1.00 14.57 ? 29  GLY A O   1 
ATOM   165  N N   . THR A 1 26  ? -1.012  -8.106  10.159  1.00 12.75 ? 30  THR A N   1 
ATOM   166  C CA  . THR A 1 26  ? -2.144  -7.327  9.674   1.00 9.70  ? 30  THR A CA  1 
ATOM   167  C C   . THR A 1 26  ? -1.695  -6.005  9.060   1.00 10.65 ? 30  THR A C   1 
ATOM   168  O O   . THR A 1 26  ? -0.668  -5.428  9.440   1.00 12.87 ? 30  THR A O   1 
ATOM   169  C CB  . THR A 1 26  ? -3.154  -7.058  10.780  1.00 11.07 ? 30  THR A CB  1 
ATOM   170  O OG1 . THR A 1 26  ? -2.510  -6.377  11.862  1.00 12.94 ? 30  THR A OG1 1 
ATOM   171  C CG2 . THR A 1 26  ? -3.746  -8.377  11.283  1.00 14.23 ? 30  THR A CG2 1 
ATOM   172  N N   . VAL A 1 27  ? -2.483  -5.534  8.111   1.00 7.94  ? 31  VAL A N   1 
ATOM   173  C CA  . VAL A 1 27  ? -2.226  -4.280  7.423   1.00 7.47  ? 31  VAL A CA  1 
ATOM   174  C C   . VAL A 1 27  ? -3.364  -3.319  7.762   1.00 6.83  ? 31  VAL A C   1 
ATOM   175  O O   . VAL A 1 27  ? -4.542  -3.653  7.591   1.00 8.39  ? 31  VAL A O   1 
ATOM   176  C CB  . VAL A 1 27  ? -2.119  -4.479  5.896   1.00 6.60  ? 31  VAL A CB  1 
ATOM   177  C CG1 . VAL A 1 27  ? -1.927  -3.140  5.188   1.00 7.83  ? 31  VAL A CG1 1 
ATOM   178  C CG2 . VAL A 1 27  ? -0.950  -5.407  5.569   1.00 8.99  ? 31  VAL A CG2 1 
ATOM   179  N N   . ASP A 1 28  ? -3.015  -2.138  8.264   1.00 6.78  ? 32  ASP A N   1 
ATOM   180  C CA  . ASP A 1 28  ? -4.024  -1.160  8.657   1.00 7.08  ? 32  ASP A CA  1 
ATOM   181  C C   . ASP A 1 28  ? -3.471  0.252   8.560   1.00 8.82  ? 32  ASP A C   1 
ATOM   182  O O   . ASP A 1 28  ? -2.391  0.467   7.998   1.00 9.23  ? 32  ASP A O   1 
ATOM   183  C CB  . ASP A 1 28  ? -4.601  -1.476  10.055  1.00 8.11  ? 32  ASP A CB  1 
ATOM   184  C CG  . ASP A 1 28  ? -3.595  -1.295  11.180  1.00 9.17  ? 32  ASP A CG  1 
ATOM   185  O OD1 . ASP A 1 28  ? -2.398  -1.078  10.906  1.00 9.86  ? 32  ASP A OD1 1 
ATOM   186  O OD2 . ASP A 1 28  ? -4.018  -1.365  12.360  1.00 11.42 ? 32  ASP A OD2 1 
ATOM   187  N N   . GLY A 1 29  ? -4.224  1.222   9.074   1.00 7.75  ? 33  GLY A N   1 
ATOM   188  C CA  . GLY A 1 29  ? -3.777  2.606   9.044   1.00 9.32  ? 33  GLY A CA  1 
ATOM   189  C C   . GLY A 1 29  ? -3.538  3.183   10.423  1.00 8.21  ? 33  GLY A C   1 
ATOM   190  O O   . GLY A 1 29  ? -4.184  2.789   11.395  1.00 10.86 ? 33  GLY A O   1 
ATOM   191  N N   . THR A 1 30  ? -2.631  4.150   10.515  1.00 7.92  ? 34  THR A N   1 
ATOM   192  C CA  . THR A 1 30  ? -2.378  4.820   11.785  1.00 9.52  ? 34  THR A CA  1 
ATOM   193  C C   . THR A 1 30  ? -1.979  6.266   11.552  1.00 9.69  ? 34  THR A C   1 
ATOM   194  O O   . THR A 1 30  ? -1.467  6.606   10.489  1.00 9.05  ? 34  THR A O   1 
ATOM   195  C CB  . THR A 1 30  ? -1.241  4.116   12.554  1.00 11.16 ? 34  THR A CB  1 
ATOM   196  O OG1 . THR A 1 30  ? -1.003  4.791   13.801  1.00 12.31 ? 34  THR A OG1 1 
ATOM   197  C CG2 . THR A 1 30  ? 0.053   4.110   11.741  1.00 11.55 ? 34  THR A CG2 1 
ATOM   198  N N   . ARG A 1 31  ? -2.189  7.113   12.559  1.00 11.52 ? 35  ARG A N   1 
ATOM   199  C CA  A ARG A 1 31  ? -1.699  8.491   12.533  0.56 12.13 ? 35  ARG A CA  1 
ATOM   200  C CA  B ARG A 1 31  ? -1.690  8.482   12.488  0.44 12.16 ? 35  ARG A CA  1 
ATOM   201  C C   . ARG A 1 31  ? -0.304  8.611   13.120  1.00 15.03 ? 35  ARG A C   1 
ATOM   202  O O   . ARG A 1 31  ? 0.336   9.657   13.008  1.00 19.06 ? 35  ARG A O   1 
ATOM   203  C CB  A ARG A 1 31  ? -2.618  9.404   13.341  0.56 16.19 ? 35  ARG A CB  1 
ATOM   204  C CB  B ARG A 1 31  ? -2.673  9.455   13.145  0.44 15.77 ? 35  ARG A CB  1 
ATOM   205  C CG  A ARG A 1 31  ? -3.905  9.751   12.666  0.56 13.30 ? 35  ARG A CG  1 
ATOM   206  C CG  B ARG A 1 31  ? -3.957  9.651   12.365  0.44 13.80 ? 35  ARG A CG  1 
ATOM   207  C CD  A ARG A 1 31  ? -4.662  10.787  13.485  0.56 14.52 ? 35  ARG A CD  1 
ATOM   208  C CD  B ARG A 1 31  ? -3.705  10.374  11.053  0.44 14.53 ? 35  ARG A CD  1 
ATOM   209  N NE  A ARG A 1 31  ? -3.934  12.052  13.590  0.56 20.68 ? 35  ARG A NE  1 
ATOM   210  N NE  B ARG A 1 31  ? -3.169  11.715  11.265  0.44 11.29 ? 35  ARG A NE  1 
ATOM   211  C CZ  A ARG A 1 31  ? -3.971  13.002  12.664  0.56 18.33 ? 35  ARG A CZ  1 
ATOM   212  C CZ  B ARG A 1 31  ? -3.918  12.799  11.434  0.44 17.51 ? 35  ARG A CZ  1 
ATOM   213  N NH1 A ARG A 1 31  ? -4.686  12.822  11.566  0.56 17.62 ? 35  ARG A NH1 1 
ATOM   214  N NH1 B ARG A 1 31  ? -5.240  12.701  11.422  0.44 22.77 ? 35  ARG A NH1 1 
ATOM   215  N NH2 A ARG A 1 31  ? -3.293  14.130  12.827  0.56 16.05 ? 35  ARG A NH2 1 
ATOM   216  N NH2 B ARG A 1 31  ? -3.347  13.985  11.621  0.44 20.89 ? 35  ARG A NH2 1 
ATOM   217  N N   . ASP A 1 32  ? 0.163   7.550   13.771  1.00 14.01 ? 36  ASP A N   1 
ATOM   218  C CA  . ASP A 1 32  ? 1.434   7.590   14.498  1.00 14.73 ? 36  ASP A CA  1 
ATOM   219  C C   . ASP A 1 32  ? 2.647   7.593   13.572  1.00 16.30 ? 36  ASP A C   1 
ATOM   220  O O   . ASP A 1 32  ? 3.072   6.549   13.080  1.00 15.03 ? 36  ASP A O   1 
ATOM   221  C CB  . ASP A 1 32  ? 1.506   6.434   15.503  1.00 15.32 ? 36  ASP A CB  1 
ATOM   222  C CG  . ASP A 1 32  ? 2.751   6.484   16.373  1.00 18.52 ? 36  ASP A CG  1 
ATOM   223  O OD1 . ASP A 1 32  ? 3.507   7.472   16.287  1.00 21.71 ? 36  ASP A OD1 1 
ATOM   224  O OD2 . ASP A 1 32  ? 2.960   5.530   17.149  1.00 22.00 ? 36  ASP A OD2 1 
ATOM   225  N N   . ARG A 1 33  ? 3.205   8.782   13.359  1.00 17.17 ? 37  ARG A N   1 
ATOM   226  C CA  A ARG A 1 33  ? 4.365   8.972   12.498  0.31 18.90 ? 37  ARG A CA  1 
ATOM   227  C CA  B ARG A 1 33  ? 4.358   8.937   12.479  0.29 18.90 ? 37  ARG A CA  1 
ATOM   228  C CA  C ARG A 1 33  ? 4.367   8.954   12.489  0.40 18.90 ? 37  ARG A CA  1 
ATOM   229  C C   . ARG A 1 33  ? 5.598   8.227   13.019  1.00 17.22 ? 37  ARG A C   1 
ATOM   230  O O   . ARG A 1 33  ? 6.558   7.995   12.280  1.00 20.57 ? 37  ARG A O   1 
ATOM   231  C CB  A ARG A 1 33  ? 4.655   10.470  12.379  0.31 20.21 ? 37  ARG A CB  1 
ATOM   232  C CB  B ARG A 1 33  ? 4.657   10.418  12.240  0.29 20.19 ? 37  ARG A CB  1 
ATOM   233  C CB  C ARG A 1 33  ? 4.692   10.440  12.307  0.40 20.22 ? 37  ARG A CB  1 
ATOM   234  C CG  A ARG A 1 33  ? 5.874   10.829  11.560  0.31 21.68 ? 37  ARG A CG  1 
ATOM   235  C CG  B ARG A 1 33  ? 3.536   11.165  11.545  0.29 19.15 ? 37  ARG A CG  1 
ATOM   236  C CG  C ARG A 1 33  ? 4.121   11.067  11.048  0.40 18.46 ? 37  ARG A CG  1 
ATOM   237  C CD  A ARG A 1 33  ? 5.663   10.556  10.086  0.31 20.13 ? 37  ARG A CD  1 
ATOM   238  C CD  B ARG A 1 33  ? 3.909   12.617  11.304  0.29 20.53 ? 37  ARG A CD  1 
ATOM   239  C CD  C ARG A 1 33  ? 4.638   12.491  10.875  0.40 22.32 ? 37  ARG A CD  1 
ATOM   240  N NE  A ARG A 1 33  ? 6.781   11.076  9.309   0.31 20.93 ? 37  ARG A NE  1 
ATOM   241  N NE  B ARG A 1 33  ? 2.841   13.357  10.638  0.29 21.45 ? 37  ARG A NE  1 
ATOM   242  N NE  C ARG A 1 33  ? 3.989   13.188  9.767   0.40 20.31 ? 37  ARG A NE  1 
ATOM   243  C CZ  A ARG A 1 33  ? 7.947   10.456  9.177   0.31 20.96 ? 37  ARG A CZ  1 
ATOM   244  C CZ  B ARG A 1 33  ? 1.867   13.998  11.274  0.29 19.07 ? 37  ARG A CZ  1 
ATOM   245  C CZ  C ARG A 1 33  ? 4.442   13.195  8.519   0.40 17.66 ? 37  ARG A CZ  1 
ATOM   246  N NH1 A ARG A 1 33  ? 8.149   9.282   9.764   0.31 20.13 ? 37  ARG A NH1 1 
ATOM   247  N NH1 B ARG A 1 33  ? 1.822   13.989  12.599  0.29 28.28 ? 37  ARG A NH1 1 
ATOM   248  N NH1 C ARG A 1 33  ? 5.558   12.547  8.209   0.40 21.35 ? 37  ARG A NH1 1 
ATOM   249  N NH2 A ARG A 1 33  ? 8.911   11.010  8.457   0.31 23.80 ? 37  ARG A NH2 1 
ATOM   250  N NH2 B ARG A 1 33  ? 0.938   14.647  10.587  0.29 20.72 ? 37  ARG A NH2 1 
ATOM   251  N NH2 C ARG A 1 33  ? 3.781   13.857  7.580   0.40 23.36 ? 37  ARG A NH2 1 
ATOM   252  N N   . SER A 1 34  ? 5.573   7.863   14.297  1.00 17.06 ? 38  SER A N   1 
ATOM   253  C CA  . SER A 1 34  ? 6.715   7.184   14.912  1.00 19.81 ? 38  SER A CA  1 
ATOM   254  C C   . SER A 1 34  ? 6.623   5.653   14.856  1.00 23.64 ? 38  SER A C   1 
ATOM   255  O O   . SER A 1 34  ? 7.531   4.950   15.306  1.00 19.99 ? 38  SER A O   1 
ATOM   256  C CB  . SER A 1 34  ? 6.891   7.641   16.364  1.00 21.01 ? 38  SER A CB  1 
ATOM   257  O OG  . SER A 1 34  ? 5.944   7.015   17.211  1.00 26.22 ? 38  SER A OG  1 
ATOM   258  N N   . ASP A 1 35  ? 5.530   5.134   14.307  1.00 17.86 ? 39  ASP A N   1 
ATOM   259  C CA  . ASP A 1 35  ? 5.341   3.687   14.234  1.00 16.13 ? 39  ASP A CA  1 
ATOM   260  C C   . ASP A 1 35  ? 6.334   3.096   13.236  1.00 14.65 ? 39  ASP A C   1 
ATOM   261  O O   . ASP A 1 35  ? 6.444   3.579   12.113  1.00 13.51 ? 39  ASP A O   1 
ATOM   262  C CB  . ASP A 1 35  ? 3.906   3.367   13.816  1.00 13.80 ? 39  ASP A CB  1 
ATOM   263  C CG  . ASP A 1 35  ? 3.550   1.913   14.022  1.00 14.23 ? 39  ASP A CG  1 
ATOM   264  O OD1 . ASP A 1 35  ? 4.155   1.043   13.358  1.00 18.10 ? 39  ASP A OD1 1 
ATOM   265  O OD2 . ASP A 1 35  ? 2.650   1.631   14.838  1.00 15.67 ? 39  ASP A OD2 1 
ATOM   266  N N   . PRO A 1 36  ? 7.074   2.048   13.637  1.00 16.48 ? 40  PRO A N   1 
ATOM   267  C CA  . PRO A 1 36  ? 8.105   1.511   12.736  1.00 17.19 ? 40  PRO A CA  1 
ATOM   268  C C   . PRO A 1 36  ? 7.523   0.800   11.517  1.00 15.77 ? 40  PRO A C   1 
ATOM   269  O O   . PRO A 1 36  ? 8.245   0.562   10.541  1.00 15.72 ? 40  PRO A O   1 
ATOM   270  C CB  . PRO A 1 36  ? 8.864   0.514   13.625  1.00 21.01 ? 40  PRO A CB  1 
ATOM   271  C CG  . PRO A 1 36  ? 7.882   0.127   14.687  1.00 20.65 ? 40  PRO A CG  1 
ATOM   272  C CD  . PRO A 1 36  ? 7.065   1.364   14.945  1.00 17.97 ? 40  PRO A CD  1 
ATOM   273  N N   . GLY A 1 37  ? 6.231   0.495   11.560  1.00 12.39 ? 41  GLY A N   1 
ATOM   274  C CA  . GLY A 1 37  ? 5.584   -0.255  10.499  1.00 12.23 ? 41  GLY A CA  1 
ATOM   275  C C   . GLY A 1 37  ? 5.144   0.554   9.292   1.00 9.11  ? 41  GLY A C   1 
ATOM   276  O O   . GLY A 1 37  ? 4.589   -0.004  8.350   1.00 12.05 ? 41  GLY A O   1 
ATOM   277  N N   . ILE A 1 38  ? 5.388   1.857   9.309   1.00 11.11 ? 42  ILE A N   1 
ATOM   278  C CA  . ILE A 1 38  ? 4.897   2.698   8.222   1.00 10.20 ? 42  ILE A CA  1 
ATOM   279  C C   . ILE A 1 38  ? 5.928   2.934   7.114   1.00 10.15 ? 42  ILE A C   1 
ATOM   280  O O   . ILE A 1 38  ? 5.585   3.451   6.062   1.00 9.34  ? 42  ILE A O   1 
ATOM   281  C CB  . ILE A 1 38  ? 4.326   4.049   8.718   1.00 9.64  ? 42  ILE A CB  1 
ATOM   282  C CG1 . ILE A 1 38  ? 5.437   4.937   9.289   1.00 11.05 ? 42  ILE A CG1 1 
ATOM   283  C CG2 . ILE A 1 38  ? 3.181   3.822   9.724   1.00 11.56 ? 42  ILE A CG2 1 
ATOM   284  C CD1 . ILE A 1 38  ? 4.955   6.337   9.669   1.00 12.73 ? 42  ILE A CD1 1 
ATOM   285  N N   . GLN A 1 39  ? 7.189   2.554   7.324   1.00 11.53 ? 43  GLN A N   1 
ATOM   286  C CA  . GLN A 1 39  ? 8.182   2.749   6.265   1.00 12.20 ? 43  GLN A CA  1 
ATOM   287  C C   . GLN A 1 39  ? 8.133   1.636   5.237   1.00 9.67  ? 43  GLN A C   1 
ATOM   288  O O   . GLN A 1 39  ? 8.171   0.455   5.575   1.00 11.36 ? 43  GLN A O   1 
ATOM   289  C CB  . GLN A 1 39  ? 9.607   2.851   6.815   1.00 15.40 ? 43  GLN A CB  1 
ATOM   290  C CG  . GLN A 1 39  ? 9.953   4.205   7.397   1.00 18.13 ? 43  GLN A CG  1 
ATOM   291  C CD  . GLN A 1 39  ? 9.381   4.366   8.777   1.00 17.52 ? 43  GLN A CD  1 
ATOM   292  O OE1 . GLN A 1 39  ? 9.114   3.373   9.464   1.00 19.25 ? 43  GLN A OE1 1 
ATOM   293  N NE2 . GLN A 1 39  ? 9.170   5.608   9.195   1.00 17.77 ? 43  GLN A NE2 1 
ATOM   294  N N   . PHE A 1 40  ? 8.068   2.025   3.970   1.00 10.01 ? 44  PHE A N   1 
ATOM   295  C CA  . PHE A 1 40  ? 8.063   1.082   2.867   1.00 11.61 ? 44  PHE A CA  1 
ATOM   296  C C   . PHE A 1 40  ? 9.222   1.358   1.933   1.00 10.22 ? 44  PHE A C   1 
ATOM   297  O O   . PHE A 1 40  ? 9.753   2.473   1.891   1.00 12.81 ? 44  PHE A O   1 
ATOM   298  C CB  . PHE A 1 40  ? 6.737   1.170   2.099   1.00 11.51 ? 44  PHE A CB  1 
ATOM   299  C CG  . PHE A 1 40  ? 5.585   0.574   2.845   1.00 9.56  ? 44  PHE A CG  1 
ATOM   300  C CD1 . PHE A 1 40  ? 4.894   1.329   3.774   1.00 10.01 ? 44  PHE A CD1 1 
ATOM   301  C CD2 . PHE A 1 40  ? 5.216   -0.745  2.641   1.00 13.19 ? 44  PHE A CD2 1 
ATOM   302  C CE1 . PHE A 1 40  ? 3.841   0.783   4.488   1.00 12.13 ? 44  PHE A CE1 1 
ATOM   303  C CE2 . PHE A 1 40  ? 4.164   -1.299  3.346   1.00 15.91 ? 44  PHE A CE2 1 
ATOM   304  C CZ  . PHE A 1 40  ? 3.478   -0.535  4.275   1.00 12.98 ? 44  PHE A CZ  1 
ATOM   305  N N   . GLN A 1 41  ? 9.601   0.333   1.189   1.00 10.42 ? 45  GLN A N   1 
ATOM   306  C CA  . GLN A 1 41  ? 10.540  0.478   0.093   1.00 10.31 ? 45  GLN A CA  1 
ATOM   307  C C   . GLN A 1 41  ? 9.843   0.051   -1.188  1.00 10.85 ? 45  GLN A C   1 
ATOM   308  O O   . GLN A 1 41  ? 9.210   -1.010  -1.242  1.00 11.42 ? 45  GLN A O   1 
ATOM   309  C CB  . GLN A 1 41  ? 11.779  -0.387  0.332   1.00 15.37 ? 45  GLN A CB  1 
ATOM   310  C CG  . GLN A 1 41  ? 12.611  0.067   1.511   1.00 19.96 ? 45  GLN A CG  1 
ATOM   311  C CD  . GLN A 1 41  ? 13.810  -0.828  1.771   1.00 31.18 ? 45  GLN A CD  1 
ATOM   312  O OE1 . GLN A 1 41  ? 14.014  -1.833  1.088   1.00 34.11 ? 45  GLN A OE1 1 
ATOM   313  N NE2 . GLN A 1 41  ? 14.611  -0.463  2.764   1.00 40.04 ? 45  GLN A NE2 1 
ATOM   314  N N   . ILE A 1 42  ? 9.961   0.882   -2.217  1.00 9.60  ? 46  ILE A N   1 
ATOM   315  C CA  . ILE A 1 42  ? 9.478   0.565   -3.551  1.00 9.69  ? 46  ILE A CA  1 
ATOM   316  C C   . ILE A 1 42  ? 10.569  -0.205  -4.287  1.00 11.37 ? 46  ILE A C   1 
ATOM   317  O O   . ILE A 1 42  ? 11.700  0.273   -4.402  1.00 13.73 ? 46  ILE A O   1 
ATOM   318  C CB  . ILE A 1 42  ? 9.127   1.855   -4.327  1.00 9.81  ? 46  ILE A CB  1 
ATOM   319  C CG1 . ILE A 1 42  ? 7.983   2.596   -3.627  1.00 10.33 ? 46  ILE A CG1 1 
ATOM   320  C CG2 . ILE A 1 42  ? 8.751   1.519   -5.762  1.00 11.82 ? 46  ILE A CG2 1 
ATOM   321  C CD1 . ILE A 1 42  ? 7.692   3.998   -4.198  1.00 11.18 ? 46  ILE A CD1 1 
ATOM   322  N N   . SER A 1 43  ? 10.242  -1.414  -4.731  1.00 13.99 ? 47  SER A N   1 
ATOM   323  C CA  . SER A 1 43  ? 11.168  -2.269  -5.470  1.00 19.46 ? 47  SER A CA  1 
ATOM   324  C C   . SER A 1 43  ? 10.720  -2.354  -6.926  1.00 18.61 ? 47  SER A C   1 
ATOM   325  O O   . SER A 1 43  ? 9.620   -2.805  -7.217  1.00 16.35 ? 47  SER A O   1 
ATOM   326  C CB  . SER A 1 43  ? 11.178  -3.676  -4.857  1.00 17.66 ? 47  SER A CB  1 
ATOM   327  O OG  . SER A 1 43  ? 12.148  -4.506  -5.464  1.00 32.46 ? 47  SER A OG  1 
ATOM   328  N N   . PRO A 1 44  ? 11.554  -1.897  -7.861  1.00 15.34 ? 48  PRO A N   1 
ATOM   329  C CA  A PRO A 1 44  ? 11.171  -1.953  -9.274  0.65 14.85 ? 48  PRO A CA  1 
ATOM   330  C CA  B PRO A 1 44  ? 11.193  -1.947  -9.281  0.35 14.95 ? 48  PRO A CA  1 
ATOM   331  C C   . PRO A 1 44  ? 11.199  -3.377  -9.817  1.00 19.34 ? 48  PRO A C   1 
ATOM   332  O O   . PRO A 1 44  ? 12.166  -4.103  -9.596  1.00 23.74 ? 48  PRO A O   1 
ATOM   333  C CB  A PRO A 1 44  ? 12.244  -1.098  -9.961  0.65 18.28 ? 48  PRO A CB  1 
ATOM   334  C CB  B PRO A 1 44  ? 12.305  -1.134  -9.948  0.35 18.29 ? 48  PRO A CB  1 
ATOM   335  C CG  A PRO A 1 44  ? 12.773  -0.215  -8.871  0.65 18.10 ? 48  PRO A CG  1 
ATOM   336  C CG  B PRO A 1 44  ? 13.472  -1.287  -9.032  0.35 19.49 ? 48  PRO A CG  1 
ATOM   337  C CD  A PRO A 1 44  ? 12.757  -1.076  -7.648  0.65 20.18 ? 48  PRO A CD  1 
ATOM   338  C CD  B PRO A 1 44  ? 12.897  -1.328  -7.647  0.35 19.91 ? 48  PRO A CD  1 
ATOM   339  N N   . GLU A 1 45  ? 10.137  -3.760  -10.516 1.00 17.76 ? 49  GLU A N   1 
ATOM   340  C CA  . GLU A 1 45  ? 10.035  -5.084  -11.111 1.00 26.14 ? 49  GLU A CA  1 
ATOM   341  C C   . GLU A 1 45  ? 10.092  -4.985  -12.632 1.00 32.83 ? 49  GLU A C   1 
ATOM   342  O O   . GLU A 1 45  ? 9.954   -5.986  -13.334 1.00 31.60 ? 49  GLU A O   1 
ATOM   343  C CB  . GLU A 1 45  ? 8.732   -5.749  -10.680 1.00 28.27 ? 49  GLU A CB  1 
ATOM   344  C CG  . GLU A 1 45  ? 8.736   -6.212  -9.235  1.00 22.73 ? 49  GLU A CG  1 
ATOM   345  C CD  . GLU A 1 45  ? 9.309   -7.599  -9.085  1.00 29.06 ? 49  GLU A CD  1 
ATOM   346  O OE1 . GLU A 1 45  ? 8.580   -8.576  -9.370  1.00 37.47 ? 49  GLU A OE1 1 
ATOM   347  O OE2 . GLU A 1 45  ? 10.488  -7.715  -8.693  1.00 30.74 ? 49  GLU A OE2 1 
ATOM   348  N N   . GLY A 1 46  ? 10.291  -3.769  -13.134 1.00 28.18 ? 50  GLY A N   1 
ATOM   349  C CA  . GLY A 1 46  ? 10.328  -3.533  -14.565 1.00 28.86 ? 50  GLY A CA  1 
ATOM   350  C C   . GLY A 1 46  ? 8.940   -3.587  -15.169 1.00 26.08 ? 50  GLY A C   1 
ATOM   351  O O   . GLY A 1 46  ? 7.984   -4.024  -14.525 1.00 24.08 ? 50  GLY A O   1 
ATOM   352  N N   . ASN A 1 47  ? 8.823   -3.124  -16.408 1.00 26.97 ? 51  ASN A N   1 
ATOM   353  C CA  . ASN A 1 47  ? 7.553   -3.169  -17.116 1.00 28.65 ? 51  ASN A CA  1 
ATOM   354  C C   . ASN A 1 47  ? 6.424   -2.467  -16.358 1.00 22.21 ? 51  ASN A C   1 
ATOM   355  O O   . ASN A 1 47  ? 5.264   -2.846  -16.474 1.00 24.50 ? 51  ASN A O   1 
ATOM   356  C CB  . ASN A 1 47  ? 7.168   -4.624  -17.413 1.00 33.77 ? 51  ASN A CB  1 
ATOM   357  C CG  . ASN A 1 47  ? 6.105   -4.740  -18.487 1.00 50.66 ? 51  ASN A CG  1 
ATOM   358  O OD1 . ASN A 1 47  ? 6.038   -3.919  -19.403 1.00 56.56 ? 51  ASN A OD1 1 
ATOM   359  N ND2 . ASN A 1 47  ? 5.264   -5.763  -18.378 1.00 56.96 ? 51  ASN A ND2 1 
ATOM   360  N N   . GLY A 1 48  ? 6.770   -1.444  -15.582 1.00 22.16 ? 52  GLY A N   1 
ATOM   361  C CA  . GLY A 1 48  ? 5.776   -0.653  -14.868 1.00 22.57 ? 52  GLY A CA  1 
ATOM   362  C C   . GLY A 1 48  ? 5.210   -1.273  -13.598 1.00 17.42 ? 52  GLY A C   1 
ATOM   363  O O   . GLY A 1 48  ? 4.194   -0.793  -13.078 1.00 16.36 ? 52  GLY A O   1 
ATOM   364  N N   . GLU A 1 49  ? 5.868   -2.324  -13.108 1.00 17.61 ? 53  GLU A N   1 
ATOM   365  C CA  . GLU A 1 49  ? 5.453   -3.028  -11.890 1.00 16.21 ? 53  GLU A CA  1 
ATOM   366  C C   . GLU A 1 49  ? 6.403   -2.715  -10.749 1.00 13.99 ? 53  GLU A C   1 
ATOM   367  O O   . GLU A 1 49  ? 7.605   -2.536  -10.967 1.00 15.20 ? 53  GLU A O   1 
ATOM   368  C CB  . GLU A 1 49  ? 5.488   -4.542  -12.117 1.00 17.00 ? 53  GLU A CB  1 
ATOM   369  C CG  . GLU A 1 49  ? 4.703   -5.007  -13.318 1.00 24.73 ? 53  GLU A CG  1 
ATOM   370  C CD  . GLU A 1 49  ? 3.218   -4.923  -13.078 1.00 19.83 ? 53  GLU A CD  1 
ATOM   371  O OE1 . GLU A 1 49  ? 2.787   -5.283  -11.961 1.00 27.14 ? 53  GLU A OE1 1 
ATOM   372  O OE2 . GLU A 1 49  ? 2.482   -4.506  -13.996 1.00 21.89 ? 53  GLU A OE2 1 
ATOM   373  N N   . VAL A 1 50  ? 5.873   -2.682  -9.527  1.00 11.01 ? 54  VAL A N   1 
ATOM   374  C CA  . VAL A 1 50  ? 6.701   -2.563  -8.328  1.00 9.38  ? 54  VAL A CA  1 
ATOM   375  C C   . VAL A 1 50  ? 6.219   -3.469  -7.198  1.00 9.92  ? 54  VAL A C   1 
ATOM   376  O O   . VAL A 1 50  ? 5.080   -3.931  -7.212  1.00 9.64  ? 54  VAL A O   1 
ATOM   377  C CB  . VAL A 1 50  ? 6.731   -1.114  -7.766  1.00 9.40  ? 54  VAL A CB  1 
ATOM   378  C CG1 . VAL A 1 50  ? 7.241   -0.115  -8.810  1.00 10.75 ? 54  VAL A CG1 1 
ATOM   379  C CG2 . VAL A 1 50  ? 5.356   -0.706  -7.242  1.00 10.00 ? 54  VAL A CG2 1 
ATOM   380  N N   . LEU A 1 51  ? 7.101   -3.717  -6.236  1.00 9.34  ? 55  LEU A N   1 
ATOM   381  C CA  . LEU A 1 51  ? 6.720   -4.326  -4.961  1.00 9.74  ? 55  LEU A CA  1 
ATOM   382  C C   . LEU A 1 51  ? 6.757   -3.244  -3.897  1.00 9.23  ? 55  LEU A C   1 
ATOM   383  O O   . LEU A 1 51  ? 7.545   -2.289  -3.990  1.00 9.68  ? 55  LEU A O   1 
ATOM   384  C CB  . LEU A 1 51  ? 7.685   -5.450  -4.557  1.00 11.35 ? 55  LEU A CB  1 
ATOM   385  C CG  . LEU A 1 51  ? 8.068   -6.457  -5.644  1.00 11.34 ? 55  LEU A CG  1 
ATOM   386  C CD1 . LEU A 1 51  ? 9.018   -7.526  -5.085  1.00 13.93 ? 55  LEU A CD1 1 
ATOM   387  C CD2 . LEU A 1 51  ? 6.833   -7.083  -6.279  1.00 11.88 ? 55  LEU A CD2 1 
ATOM   388  N N   . LEU A 1 52  ? 5.891   -3.381  -2.896  1.00 8.05  ? 56  LEU A N   1 
ATOM   389  C CA  . LEU A 1 52  ? 5.864   -2.458  -1.770  1.00 8.70  ? 56  LEU A CA  1 
ATOM   390  C C   . LEU A 1 52  ? 6.236   -3.241  -0.519  1.00 8.96  ? 56  LEU A C   1 
ATOM   391  O O   . LEU A 1 52  ? 5.446   -4.037  -0.010  1.00 9.71  ? 56  LEU A O   1 
ATOM   392  C CB  . LEU A 1 52  ? 4.477   -1.834  -1.626  1.00 9.77  ? 56  LEU A CB  1 
ATOM   393  C CG  . LEU A 1 52  ? 4.003   -1.124  -2.894  1.00 9.66  ? 56  LEU A CG  1 
ATOM   394  C CD1 . LEU A 1 52  ? 2.545   -0.684  -2.774  1.00 10.93 ? 56  LEU A CD1 1 
ATOM   395  C CD2 . LEU A 1 52  ? 4.906   0.068   -3.230  1.00 12.95 ? 56  LEU A CD2 1 
ATOM   396  N N   . ARG A 1 53  ? 7.457   -3.037  -0.045  1.00 8.92  ? 57  ARG A N   1 
ATOM   397  C CA  . ARG A 1 53  ? 8.016   -3.847  1.034   1.00 9.45  ? 57  ARG A CA  1 
ATOM   398  C C   . ARG A 1 53  ? 8.095   -3.087  2.346   1.00 10.80 ? 57  ARG A C   1 
ATOM   399  O O   . ARG A 1 53  ? 8.644   -1.989  2.416   1.00 10.21 ? 57  ARG A O   1 
ATOM   400  C CB  . ARG A 1 53  ? 9.419   -4.297  0.644   1.00 11.26 ? 57  ARG A CB  1 
ATOM   401  C CG  . ARG A 1 53  ? 10.047  -5.299  1.594   1.00 13.73 ? 57  ARG A CG  1 
ATOM   402  C CD  . ARG A 1 53  ? 11.439  -5.651  1.094   1.00 25.24 ? 57  ARG A CD  1 
ATOM   403  N NE  . ARG A 1 53  ? 12.101  -6.647  1.930   1.00 35.89 ? 57  ARG A NE  1 
ATOM   404  C CZ  . ARG A 1 53  ? 12.853  -6.348  2.984   1.00 44.62 ? 57  ARG A CZ  1 
ATOM   405  N NH1 . ARG A 1 53  ? 13.029  -5.080  3.338   1.00 35.96 ? 57  ARG A NH1 1 
ATOM   406  N NH2 . ARG A 1 53  ? 13.427  -7.315  3.687   1.00 35.35 ? 57  ARG A NH2 1 
ATOM   407  N N   . SER A 1 54  ? 7.549   -3.677  3.402   1.00 11.04 ? 58  SER A N   1 
ATOM   408  C CA  . SER A 1 54  ? 7.703   -3.121  4.733   1.00 12.25 ? 58  SER A CA  1 
ATOM   409  C C   . SER A 1 54  ? 9.140   -3.281  5.215   1.00 12.29 ? 58  SER A C   1 
ATOM   410  O O   . SER A 1 54  ? 9.675   -4.395  5.253   1.00 14.06 ? 58  SER A O   1 
ATOM   411  C CB  . SER A 1 54  ? 6.786   -3.842  5.722   1.00 12.59 ? 58  SER A CB  1 
ATOM   412  O OG  . SER A 1 54  ? 7.242   -3.638  7.053   1.00 12.48 ? 58  SER A OG  1 
ATOM   413  N N   . THR A 1 55  ? 9.760   -2.178  5.610   1.00 11.72 ? 59  THR A N   1 
ATOM   414  C CA  . THR A 1 55  ? 11.117  -2.260  6.140   1.00 14.02 ? 59  THR A CA  1 
ATOM   415  C C   . THR A 1 55  ? 11.134  -3.068  7.430   1.00 15.92 ? 59  THR A C   1 
ATOM   416  O O   . THR A 1 55  ? 12.001  -3.911  7.636   1.00 17.18 ? 59  THR A O   1 
ATOM   417  C CB  . THR A 1 55  ? 11.673  -0.873  6.412   1.00 14.31 ? 59  THR A CB  1 
ATOM   418  O OG1 . THR A 1 55  ? 11.803  -0.173  5.170   1.00 18.67 ? 59  THR A OG1 1 
ATOM   419  C CG2 . THR A 1 55  ? 13.040  -0.975  7.093   1.00 19.06 ? 59  THR A CG2 1 
ATOM   420  N N   . GLU A 1 56  ? 10.161  -2.819  8.291   1.00 13.52 ? 60  GLU A N   1 
ATOM   421  C CA  . GLU A 1 56  ? 10.092  -3.478  9.596   1.00 16.78 ? 60  GLU A CA  1 
ATOM   422  C C   . GLU A 1 56  ? 9.933   -5.004  9.535   1.00 15.29 ? 60  GLU A C   1 
ATOM   423  O O   . GLU A 1 56  ? 10.628  -5.730  10.261  1.00 18.85 ? 60  GLU A O   1 
ATOM   424  C CB  . GLU A 1 56  ? 8.959   -2.859  10.422  1.00 15.55 ? 60  GLU A CB  1 
ATOM   425  C CG  . GLU A 1 56  ? 8.632   -3.587  11.721  1.00 17.69 ? 60  GLU A CG  1 
ATOM   426  C CD  . GLU A 1 56  ? 9.702   -3.428  12.782  1.00 25.32 ? 60  GLU A CD  1 
ATOM   427  O OE1 . GLU A 1 56  ? 10.686  -2.698  12.544  1.00 23.51 ? 60  GLU A OE1 1 
ATOM   428  O OE2 . GLU A 1 56  ? 9.558   -4.041  13.862  1.00 25.31 ? 60  GLU A OE2 1 
ATOM   429  N N   . THR A 1 57  ? 9.041   -5.502  8.689   1.00 13.80 ? 61  THR A N   1 
ATOM   430  C CA  . THR A 1 57  ? 8.732   -6.931  8.680   1.00 14.76 ? 61  THR A CA  1 
ATOM   431  C C   . THR A 1 57  ? 9.354   -7.661  7.494   1.00 15.02 ? 61  THR A C   1 
ATOM   432  O O   . THR A 1 57  ? 9.369   -8.896  7.464   1.00 14.05 ? 61  THR A O   1 
ATOM   433  C CB  . THR A 1 57  ? 7.205   -7.209  8.638   1.00 15.41 ? 61  THR A CB  1 
ATOM   434  O OG1 . THR A 1 57  ? 6.690   -6.941  7.321   1.00 13.99 ? 61  THR A OG1 1 
ATOM   435  C CG2 . THR A 1 57  ? 6.455   -6.374  9.677   1.00 19.01 ? 61  THR A CG2 1 
ATOM   436  N N   . GLY A 1 58  ? 9.845   -6.906  6.513   1.00 13.03 ? 62  GLY A N   1 
ATOM   437  C CA  . GLY A 1 58  ? 10.359  -7.499  5.291   1.00 12.98 ? 62  GLY A CA  1 
ATOM   438  C C   . GLY A 1 58  ? 9.296   -8.088  4.371   1.00 12.63 ? 62  GLY A C   1 
ATOM   439  O O   . GLY A 1 58  ? 9.613   -8.690  3.346   1.00 15.36 ? 62  GLY A O   1 
ATOM   440  N N   . GLN A 1 59  ? 8.024   -7.910  4.719   1.00 13.46 ? 63  GLN A N   1 
ATOM   441  C CA  . GLN A 1 59  ? 6.958   -8.464  3.892   1.00 14.23 ? 63  GLN A CA  1 
ATOM   442  C C   . GLN A 1 59  ? 6.567   -7.543  2.749   1.00 10.40 ? 63  GLN A C   1 
ATOM   443  O O   . GLN A 1 59  ? 6.624   -6.323  2.879   1.00 12.64 ? 63  GLN A O   1 
ATOM   444  C CB  . GLN A 1 59  ? 5.693   -8.693  4.700   1.00 13.60 ? 63  GLN A CB  1 
ATOM   445  C CG  . GLN A 1 59  ? 5.753   -9.756  5.756   1.00 13.75 ? 63  GLN A CG  1 
ATOM   446  C CD  . GLN A 1 59  ? 4.530   -9.644  6.616   1.00 17.44 ? 63  GLN A CD  1 
ATOM   447  O OE1 . GLN A 1 59  ? 4.394   -8.684  7.374   1.00 17.03 ? 63  GLN A OE1 1 
ATOM   448  N NE2 . GLN A 1 59  ? 3.599   -10.579 6.464   1.00 15.86 ? 63  GLN A NE2 1 
ATOM   449  N N   . PHE A 1 60  ? 6.147   -8.152  1.649   1.00 11.86 ? 64  PHE A N   1 
ATOM   450  C CA  . PHE A 1 60  ? 5.558   -7.431  0.528   1.00 8.77  ? 64  PHE A CA  1 
ATOM   451  C C   . PHE A 1 60  ? 4.041   -7.347  0.681   1.00 11.23 ? 64  PHE A C   1 
ATOM   452  O O   . PHE A 1 60  ? 3.394   -8.345  1.021   1.00 12.94 ? 64  PHE A O   1 
ATOM   453  C CB  . PHE A 1 60  ? 5.912   -8.124  -0.778  1.00 11.06 ? 64  PHE A CB  1 
ATOM   454  C CG  . PHE A 1 60  ? 7.387   -8.313  -0.966  1.00 14.19 ? 64  PHE A CG  1 
ATOM   455  C CD1 . PHE A 1 60  ? 8.189   -7.247  -1.334  1.00 14.74 ? 64  PHE A CD1 1 
ATOM   456  C CD2 . PHE A 1 60  ? 7.971   -9.551  -0.759  1.00 15.97 ? 64  PHE A CD2 1 
ATOM   457  C CE1 . PHE A 1 60  ? 9.556   -7.410  -1.499  1.00 15.08 ? 64  PHE A CE1 1 
ATOM   458  C CE2 . PHE A 1 60  ? 9.337   -9.724  -0.926  1.00 19.17 ? 64  PHE A CE2 1 
ATOM   459  C CZ  . PHE A 1 60  ? 10.130  -8.651  -1.293  1.00 17.91 ? 64  PHE A CZ  1 
ATOM   460  N N   . LEU A 1 61  ? 3.478   -6.158  0.459   1.00 8.79  ? 65  LEU A N   1 
ATOM   461  C CA  A LEU A 1 61  ? 2.025   -5.986  0.483   0.61 9.70  ? 65  LEU A CA  1 
ATOM   462  C CA  B LEU A 1 61  ? 2.032   -5.972  0.486   0.39 9.71  ? 65  LEU A CA  1 
ATOM   463  C C   . LEU A 1 61  ? 1.365   -6.838  -0.582  1.00 8.08  ? 65  LEU A C   1 
ATOM   464  O O   . LEU A 1 61  ? 1.895   -6.996  -1.687  1.00 7.81  ? 65  LEU A O   1 
ATOM   465  C CB  A LEU A 1 61  ? 1.641   -4.533  0.226   0.61 10.08 ? 65  LEU A CB  1 
ATOM   466  C CB  B LEU A 1 61  ? 1.702   -4.500  0.240   0.39 10.10 ? 65  LEU A CB  1 
ATOM   467  C CG  A LEU A 1 61  ? 1.841   -3.541  1.361   0.61 9.46  ? 65  LEU A CG  1 
ATOM   468  C CG  B LEU A 1 61  ? 0.287   -3.988  0.500   0.39 9.47  ? 65  LEU A CG  1 
ATOM   469  C CD1 A LEU A 1 61  ? 1.506   -2.157  0.872   0.61 11.86 ? 65  LEU A CD1 1 
ATOM   470  C CD1 B LEU A 1 61  ? -0.043  -4.039  1.988   0.39 11.35 ? 65  LEU A CD1 1 
ATOM   471  C CD2 A LEU A 1 61  ? 0.975   -3.918  2.565   0.61 11.97 ? 65  LEU A CD2 1 
ATOM   472  C CD2 B LEU A 1 61  ? 0.161   -2.568  -0.028  0.39 11.42 ? 65  LEU A CD2 1 
ATOM   473  N N   . ARG A 1 62  ? 0.188   -7.365  -0.253  1.00 8.50  ? 66  ARG A N   1 
ATOM   474  C CA  . ARG A 1 62  ? -0.541  -8.258  -1.121  1.00 10.14 ? 66  ARG A CA  1 
ATOM   475  C C   . ARG A 1 62  ? -2.044  -7.982  -1.046  1.00 8.79  ? 66  ARG A C   1 
ATOM   476  O O   . ARG A 1 62  ? -2.580  -7.900  0.043   1.00 9.46  ? 66  ARG A O   1 
ATOM   477  C CB  . ARG A 1 62  ? -0.249  -9.673  -0.611  1.00 16.46 ? 66  ARG A CB  1 
ATOM   478  C CG  . ARG A 1 62  ? -1.136  -10.766 -1.108  1.00 18.21 ? 66  ARG A CG  1 
ATOM   479  C CD  . ARG A 1 62  ? -0.516  -12.114 -0.763  1.00 11.51 ? 66  ARG A CD  1 
ATOM   480  N NE  . ARG A 1 62  ? -0.702  -12.511 0.631   1.00 10.96 ? 66  ARG A NE  1 
ATOM   481  C CZ  . ARG A 1 62  ? -0.331  -13.697 1.109   1.00 13.31 ? 66  ARG A CZ  1 
ATOM   482  N NH1 . ARG A 1 62  ? 0.240   -14.588 0.300   1.00 13.99 ? 66  ARG A NH1 1 
ATOM   483  N NH2 . ARG A 1 62  ? -0.544  -13.998 2.385   1.00 13.73 ? 66  ARG A NH2 1 
ATOM   484  N N   . ILE A 1 63  ? -2.715  -7.821  -2.189  1.00 8.10  ? 67  ILE A N   1 
ATOM   485  C CA  . ILE A 1 63  ? -4.187  -7.845  -2.201  1.00 10.14 ? 67  ILE A CA  1 
ATOM   486  C C   . ILE A 1 63  ? -4.639  -9.211  -2.693  1.00 10.92 ? 67  ILE A C   1 
ATOM   487  O O   . ILE A 1 63  ? -4.261  -9.659  -3.780  1.00 11.68 ? 67  ILE A O   1 
ATOM   488  C CB  . ILE A 1 63  ? -4.850  -6.748  -3.069  1.00 9.08  ? 67  ILE A CB  1 
ATOM   489  C CG1 . ILE A 1 63  ? -4.229  -5.372  -2.822  1.00 10.26 ? 67  ILE A CG1 1 
ATOM   490  C CG2 . ILE A 1 63  ? -6.361  -6.700  -2.788  1.00 9.86  ? 67  ILE A CG2 1 
ATOM   491  C CD1 . ILE A 1 63  ? -4.951  -4.207  -3.562  1.00 11.22 ? 67  ILE A CD1 1 
ATOM   492  N N   . ASN A 1 64  ? -5.436  -9.878  -1.873  1.00 10.52 ? 68  ASN A N   1 
ATOM   493  C CA  . ASN A 1 64  ? -5.894  -11.221 -2.182  1.00 11.76 ? 68  ASN A CA  1 
ATOM   494  C C   . ASN A 1 64  ? -7.168  -11.199 -3.029  1.00 11.21 ? 68  ASN A C   1 
ATOM   495  O O   . ASN A 1 64  ? -7.838  -10.180 -3.115  1.00 12.59 ? 68  ASN A O   1 
ATOM   496  C CB  . ASN A 1 64  ? -6.083  -12.006 -0.880  1.00 10.93 ? 68  ASN A CB  1 
ATOM   497  C CG  . ASN A 1 64  ? -4.812  -12.049 -0.057  1.00 12.10 ? 68  ASN A CG  1 
ATOM   498  O OD1 . ASN A 1 64  ? -3.801  -12.578 -0.514  1.00 14.11 ? 68  ASN A OD1 1 
ATOM   499  N ND2 . ASN A 1 64  ? -4.845  -11.481 1.143   1.00 12.67 ? 68  ASN A ND2 1 
ATOM   500  N N   . PRO A 1 65  ? -7.477  -12.317 -3.692  1.00 12.83 ? 69  PRO A N   1 
ATOM   501  C CA  . PRO A 1 65  ? -8.666  -12.371 -4.551  1.00 13.63 ? 69  PRO A CA  1 
ATOM   502  C C   . PRO A 1 65  ? -9.955  -12.028 -3.803  1.00 13.09 ? 69  PRO A C   1 
ATOM   503  O O   . PRO A 1 65  ? -10.887 -11.482 -4.409  1.00 13.22 ? 69  PRO A O   1 
ATOM   504  C CB  . PRO A 1 65  ? -8.678  -13.829 -5.019  1.00 14.42 ? 69  PRO A CB  1 
ATOM   505  C CG  . PRO A 1 65  ? -7.233  -14.215 -5.028  1.00 15.76 ? 69  PRO A CG  1 
ATOM   506  C CD  . PRO A 1 65  ? -6.669  -13.541 -3.797  1.00 12.32 ? 69  PRO A CD  1 
ATOM   507  N N   . ASP A 1 66  ? -10.004 -12.315 -2.505  1.00 13.25 ? 70  ASP A N   1 
ATOM   508  C CA  . ASP A 1 66  ? -11.193 -11.986 -1.720  1.00 13.72 ? 70  ASP A CA  1 
ATOM   509  C C   . ASP A 1 66  ? -11.249 -10.528 -1.257  1.00 12.62 ? 70  ASP A C   1 
ATOM   510  O O   . ASP A 1 66  ? -12.201 -10.127 -0.594  1.00 12.39 ? 70  ASP A O   1 
ATOM   511  C CB  . ASP A 1 66  ? -11.365 -12.954 -0.546  1.00 13.47 ? 70  ASP A CB  1 
ATOM   512  C CG  . ASP A 1 66  ? -10.299 -12.789 0.529   1.00 14.70 ? 70  ASP A CG  1 
ATOM   513  O OD1 . ASP A 1 66  ? -9.379  -11.956 0.372   1.00 12.49 ? 70  ASP A OD1 1 
ATOM   514  O OD2 . ASP A 1 66  ? -10.368 -13.510 1.549   1.00 17.32 ? 70  ASP A OD2 1 
ATOM   515  N N   . GLY A 1 67  ? -10.248 -9.725  -1.617  1.00 11.81 ? 71  GLY A N   1 
ATOM   516  C CA  . GLY A 1 67  ? -10.256 -8.319  -1.258  1.00 13.37 ? 71  GLY A CA  1 
ATOM   517  C C   . GLY A 1 67  ? -9.519  -7.999  0.032   1.00 8.41  ? 71  GLY A C   1 
ATOM   518  O O   . GLY A 1 67  ? -9.332  -6.824  0.344   1.00 11.69 ? 71  GLY A O   1 
ATOM   519  N N   . THR A 1 68  ? -9.096  -9.024  0.768   1.00 9.57  ? 72  THR A N   1 
ATOM   520  C CA  . THR A 1 68  ? -8.294  -8.783  1.968   1.00 8.53  ? 72  THR A CA  1 
ATOM   521  C C   . THR A 1 68  ? -6.882  -8.368  1.581   1.00 10.33 ? 72  THR A C   1 
ATOM   522  O O   . THR A 1 68  ? -6.396  -8.680  0.489   1.00 10.02 ? 72  THR A O   1 
ATOM   523  C CB  . THR A 1 68  ? -8.223  -9.993  2.920   1.00 8.92  ? 72  THR A CB  1 
ATOM   524  O OG1 . THR A 1 68  ? -7.601  -11.102 2.258   1.00 10.42 ? 72  THR A OG1 1 
ATOM   525  C CG2 . THR A 1 68  ? -9.618  -10.379 3.409   1.00 11.44 ? 72  THR A CG2 1 
ATOM   526  N N   . VAL A 1 69  ? -6.239  -7.646  2.487   1.00 8.17  ? 73  VAL A N   1 
ATOM   527  C CA  . VAL A 1 69  ? -4.880  -7.162  2.270   1.00 8.00  ? 73  VAL A CA  1 
ATOM   528  C C   . VAL A 1 69  ? -4.001  -7.595  3.426   1.00 7.96  ? 73  VAL A C   1 
ATOM   529  O O   . VAL A 1 69  ? -4.343  -7.370  4.594   1.00 9.18  ? 73  VAL A O   1 
ATOM   530  C CB  . VAL A 1 69  ? -4.873  -5.633  2.137   1.00 6.83  ? 73  VAL A CB  1 
ATOM   531  C CG1 . VAL A 1 69  ? -3.436  -5.107  2.091   1.00 8.40  ? 73  VAL A CG1 1 
ATOM   532  C CG2 . VAL A 1 69  ? -5.626  -5.233  0.886   1.00 8.66  ? 73  VAL A CG2 1 
ATOM   533  N N   . ASP A 1 70  ? -2.890  -8.246  3.107   1.00 6.94  ? 74  ASP A N   1 
ATOM   534  C CA  . ASP A 1 70  ? -1.932  -8.668  4.126   1.00 8.18  ? 74  ASP A CA  1 
ATOM   535  C C   . ASP A 1 70  ? -0.533  -8.641  3.528   1.00 9.79  ? 74  ASP A C   1 
ATOM   536  O O   . ASP A 1 70  ? -0.314  -7.977  2.520   1.00 9.79  ? 74  ASP A O   1 
ATOM   537  C CB  . ASP A 1 70  ? -2.311  -10.038 4.727   1.00 10.80 ? 74  ASP A CB  1 
ATOM   538  C CG  . ASP A 1 70  ? -2.147  -11.187 3.760   1.00 13.59 ? 74  ASP A CG  1 
ATOM   539  O OD1 . ASP A 1 70  ? -2.123  -10.973 2.537   1.00 11.27 ? 74  ASP A OD1 1 
ATOM   540  O OD2 . ASP A 1 70  ? -2.018  -12.340 4.242   1.00 15.22 ? 74  ASP A OD2 1 
ATOM   541  N N   . GLY A 1 71  ? 0.414   -9.338  4.150   1.00 13.70 ? 75  GLY A N   1 
ATOM   542  C CA  . GLY A 1 71  ? 1.785   -9.377  3.650   1.00 14.50 ? 75  GLY A CA  1 
ATOM   543  C C   . GLY A 1 71  ? 2.304   -10.780 3.385   1.00 15.29 ? 75  GLY A C   1 
ATOM   544  O O   . GLY A 1 71  ? 1.734   -11.765 3.862   1.00 14.22 ? 75  GLY A O   1 
ATOM   545  N N   . THR A 1 72  ? 3.377   -10.878 2.609   1.00 12.88 ? 76  THR A N   1 
ATOM   546  C CA  . THR A 1 72  ? 4.039   -12.159 2.372   1.00 14.16 ? 76  THR A CA  1 
ATOM   547  C C   . THR A 1 72  ? 5.512   -11.949 2.027   1.00 15.05 ? 76  THR A C   1 
ATOM   548  O O   . THR A 1 72  ? 5.880   -10.931 1.441   1.00 14.24 ? 76  THR A O   1 
ATOM   549  C CB  . THR A 1 72  ? 3.361   -12.980 1.249   1.00 17.66 ? 76  THR A CB  1 
ATOM   550  O OG1 . THR A 1 72  ? 4.019   -14.247 1.115   1.00 18.38 ? 76  THR A OG1 1 
ATOM   551  C CG2 . THR A 1 72  ? 3.424   -12.239 -0.086  1.00 17.17 ? 76  THR A CG2 1 
ATOM   552  N N   . ARG A 1 73  A 6.360   -12.901 2.393   1.00 13.56 ? 76  ARG A N   1 
ATOM   553  C CA  . ARG A 1 73  A 7.758   -12.814 1.998   1.00 12.10 ? 76  ARG A CA  1 
ATOM   554  C C   . ARG A 1 73  A 8.045   -13.634 0.740   1.00 16.33 ? 76  ARG A C   1 
ATOM   555  O O   . ARG A 1 73  A 9.187   -13.706 0.288   1.00 18.48 ? 76  ARG A O   1 
ATOM   556  C CB  . ARG A 1 73  A 8.680   -13.224 3.149   1.00 16.87 ? 76  ARG A CB  1 
ATOM   557  C CG  . ARG A 1 73  A 8.459   -12.407 4.408   1.00 13.25 ? 76  ARG A CG  1 
ATOM   558  C CD  . ARG A 1 73  A 9.641   -12.522 5.377   1.00 14.73 ? 76  ARG A CD  1 
ATOM   559  N NE  . ARG A 1 73  A 9.365   -11.732 6.568   1.00 13.91 ? 76  ARG A NE  1 
ATOM   560  C CZ  . ARG A 1 73  A 8.804   -12.220 7.664   1.00 13.56 ? 76  ARG A CZ  1 
ATOM   561  N NH1 . ARG A 1 73  A 8.508   -13.518 7.740   1.00 14.40 ? 76  ARG A NH1 1 
ATOM   562  N NH2 . ARG A 1 73  A 8.552   -11.418 8.685   1.00 13.16 ? 76  ARG A NH2 1 
ATOM   563  N N   . ASP A 1 74  ? 6.998   -14.221 0.168   1.00 14.50 ? 77  ASP A N   1 
ATOM   564  C CA  . ASP A 1 74  ? 7.113   -15.020 -1.043  1.00 19.67 ? 77  ASP A CA  1 
ATOM   565  C C   . ASP A 1 74  ? 7.183   -14.107 -2.264  1.00 19.81 ? 77  ASP A C   1 
ATOM   566  O O   . ASP A 1 74  ? 6.162   -13.598 -2.730  1.00 16.00 ? 77  ASP A O   1 
ATOM   567  C CB  . ASP A 1 74  ? 5.917   -15.968 -1.148  1.00 19.50 ? 77  ASP A CB  1 
ATOM   568  C CG  . ASP A 1 74  ? 5.954   -16.824 -2.393  1.00 24.41 ? 77  ASP A CG  1 
ATOM   569  O OD1 . ASP A 1 74  ? 6.992   -16.830 -3.087  1.00 25.25 ? 77  ASP A OD1 1 
ATOM   570  O OD2 . ASP A 1 74  ? 4.941   -17.501 -2.668  1.00 33.53 ? 77  ASP A OD2 1 
ATOM   571  N N   . ARG A 1 75  ? 8.391   -13.907 -2.783  1.00 18.59 ? 78  ARG A N   1 
ATOM   572  C CA  B ARG A 1 75  ? 8.585   -13.025 -3.929  0.55 20.90 ? 78  ARG A CA  1 
ATOM   573  C CA  C ARG A 1 75  ? 8.613   -13.042 -3.939  0.45 20.92 ? 78  ARG A CA  1 
ATOM   574  C C   . ARG A 1 75  ? 7.921   -13.553 -5.198  1.00 20.85 ? 78  ARG A C   1 
ATOM   575  O O   . ARG A 1 75  ? 7.743   -12.811 -6.168  1.00 26.13 ? 78  ARG A O   1 
ATOM   576  C CB  B ARG A 1 75  ? 10.075  -12.777 -4.174  0.55 24.64 ? 78  ARG A CB  1 
ATOM   577  C CB  C ARG A 1 75  ? 10.112  -12.891 -4.212  0.45 24.59 ? 78  ARG A CB  1 
ATOM   578  C CG  B ARG A 1 75  ? 10.488  -11.326 -4.001  0.55 25.82 ? 78  ARG A CG  1 
ATOM   579  C CG  C ARG A 1 75  ? 10.798  -11.801 -3.406  0.45 26.01 ? 78  ARG A CG  1 
ATOM   580  C CD  B ARG A 1 75  ? 11.975  -11.145 -4.246  0.55 31.87 ? 78  ARG A CD  1 
ATOM   581  C CD  C ARG A 1 75  ? 12.279  -11.721 -3.752  0.45 27.95 ? 78  ARG A CD  1 
ATOM   582  N NE  B ARG A 1 75  ? 12.385  -9.754  -4.080  0.55 28.07 ? 78  ARG A NE  1 
ATOM   583  N NE  C ARG A 1 75  ? 12.875  -10.452 -3.341  0.45 32.24 ? 78  ARG A NE  1 
ATOM   584  C CZ  B ARG A 1 75  ? 12.312  -8.841  -5.041  0.55 23.77 ? 78  ARG A CZ  1 
ATOM   585  C CZ  C ARG A 1 75  ? 13.300  -10.191 -2.110  0.45 28.98 ? 78  ARG A CZ  1 
ATOM   586  N NH1 B ARG A 1 75  ? 11.842  -9.172  -6.234  0.55 24.60 ? 78  ARG A NH1 1 
ATOM   587  N NH1 C ARG A 1 75  ? 13.190  -11.112 -1.163  0.45 26.38 ? 78  ARG A NH1 1 
ATOM   588  N NH2 B ARG A 1 75  ? 12.707  -7.597  -4.806  0.55 29.85 ? 78  ARG A NH2 1 
ATOM   589  N NH2 C ARG A 1 75  ? 13.830  -9.009  -1.826  0.45 31.16 ? 78  ARG A NH2 1 
ATOM   590  N N   . SER A 1 76  ? 7.542   -14.826 -5.194  1.00 21.68 ? 79  SER A N   1 
ATOM   591  C CA  . SER A 1 76  ? 6.914   -15.418 -6.368  1.00 21.60 ? 79  SER A CA  1 
ATOM   592  C C   . SER A 1 76  ? 5.391   -15.318 -6.339  1.00 23.47 ? 79  SER A C   1 
ATOM   593  O O   . SER A 1 76  ? 4.721   -15.685 -7.302  1.00 27.07 ? 79  SER A O   1 
ATOM   594  C CB  . SER A 1 76  ? 7.355   -16.876 -6.548  1.00 27.69 ? 79  SER A CB  1 
ATOM   595  O OG  . SER A 1 76  ? 6.851   -17.698 -5.511  1.00 28.19 ? 79  SER A OG  1 
ATOM   596  N N   . ASP A 1 77  ? 4.840   -14.819 -5.240  1.00 18.62 ? 80  ASP A N   1 
ATOM   597  C CA  . ASP A 1 77  ? 3.395   -14.640 -5.140  1.00 17.11 ? 80  ASP A CA  1 
ATOM   598  C C   . ASP A 1 77  ? 2.958   -13.556 -6.130  1.00 22.27 ? 80  ASP A C   1 
ATOM   599  O O   . ASP A 1 77  ? 3.410   -12.424 -6.046  1.00 18.06 ? 80  ASP A O   1 
ATOM   600  C CB  . ASP A 1 77  ? 3.013   -14.248 -3.711  1.00 14.50 ? 80  ASP A CB  1 
ATOM   601  C CG  . ASP A 1 77  ? 1.523   -14.301 -3.465  1.00 17.13 ? 80  ASP A CG  1 
ATOM   602  O OD1 . ASP A 1 77  ? 1.108   -14.808 -2.404  1.00 17.42 ? 80  ASP A OD1 1 
ATOM   603  O OD2 . ASP A 1 77  ? 0.757   -13.822 -4.325  1.00 19.27 ? 80  ASP A OD2 1 
ATOM   604  N N   . PRO A 1 78  ? 2.087   -13.901 -7.086  1.00 20.71 ? 81  PRO A N   1 
ATOM   605  C CA  . PRO A 1 78  ? 1.705   -12.879 -8.073  1.00 22.24 ? 81  PRO A CA  1 
ATOM   606  C C   . PRO A 1 78  ? 0.872   -11.724 -7.498  1.00 18.47 ? 81  PRO A C   1 
ATOM   607  O O   . PRO A 1 78  ? 0.712   -10.705 -8.176  1.00 19.26 ? 81  PRO A O   1 
ATOM   608  C CB  . PRO A 1 78  ? 0.901   -13.672 -9.112  1.00 24.09 ? 81  PRO A CB  1 
ATOM   609  C CG  . PRO A 1 78  ? 0.404   -14.877 -8.377  1.00 31.31 ? 81  PRO A CG  1 
ATOM   610  C CD  . PRO A 1 78  ? 1.474   -15.209 -7.367  1.00 24.45 ? 81  PRO A CD  1 
ATOM   611  N N   . GLY A 1 79  ? 0.356   -11.865 -6.280  1.00 13.96 ? 82  GLY A N   1 
ATOM   612  C CA  . GLY A 1 79  ? -0.436  -10.812 -5.672  1.00 14.94 ? 82  GLY A CA  1 
ATOM   613  C C   . GLY A 1 79  ? 0.339   -9.638  -5.082  1.00 12.79 ? 82  GLY A C   1 
ATOM   614  O O   . GLY A 1 79  ? -0.266  -8.704  -4.558  1.00 13.07 ? 82  GLY A O   1 
ATOM   615  N N   . ILE A 1 80  ? 1.665   -9.680  -5.166  1.00 12.68 ? 83  ILE A N   1 
ATOM   616  C CA  . ILE A 1 80  ? 2.486   -8.604  -4.609  1.00 12.32 ? 83  ILE A CA  1 
ATOM   617  C C   . ILE A 1 80  ? 2.880   -7.531  -5.631  1.00 11.05 ? 83  ILE A C   1 
ATOM   618  O O   . ILE A 1 80  ? 3.465   -6.518  -5.260  1.00 10.21 ? 83  ILE A O   1 
ATOM   619  C CB  . ILE A 1 80  ? 3.738   -9.145  -3.910  1.00 11.88 ? 83  ILE A CB  1 
ATOM   620  C CG1 . ILE A 1 80  ? 4.652   -9.849  -4.912  1.00 14.54 ? 83  ILE A CG1 1 
ATOM   621  C CG2 . ILE A 1 80  ? 3.336   -10.078 -2.757  1.00 13.18 ? 83  ILE A CG2 1 
ATOM   622  C CD1 . ILE A 1 80  ? 6.008   -10.209 -4.345  1.00 16.87 ? 83  ILE A CD1 1 
ATOM   623  N N   . GLN A 1 81  ? 2.554   -7.735  -6.905  1.00 10.32 ? 84  GLN A N   1 
ATOM   624  C CA  A GLN A 1 81  ? 2.892   -6.734  -7.922  0.55 11.11 ? 84  GLN A CA  1 
ATOM   625  C CA  B GLN A 1 81  ? 2.883   -6.759  -7.941  0.45 11.16 ? 84  GLN A CA  1 
ATOM   626  C C   . GLN A 1 81  ? 1.873   -5.614  -7.952  1.00 10.16 ? 84  GLN A C   1 
ATOM   627  O O   . GLN A 1 81  ? 0.656   -5.847  -7.993  1.00 10.05 ? 84  GLN A O   1 
ATOM   628  C CB  A GLN A 1 81  ? 3.012   -7.342  -9.324  0.55 12.73 ? 84  GLN A CB  1 
ATOM   629  C CB  B GLN A 1 81  ? 2.911   -7.440  -9.313  0.45 12.79 ? 84  GLN A CB  1 
ATOM   630  C CG  A GLN A 1 81  ? 4.323   -8.042  -9.586  0.55 17.57 ? 84  GLN A CG  1 
ATOM   631  C CG  B GLN A 1 81  ? 3.764   -8.704  -9.373  0.45 15.38 ? 84  GLN A CG  1 
ATOM   632  C CD  A GLN A 1 81  ? 4.330   -9.439  -9.029  0.55 15.43 ? 84  GLN A CD  1 
ATOM   633  C CD  B GLN A 1 81  ? 5.242   -8.406  -9.517  0.45 18.58 ? 84  GLN A CD  1 
ATOM   634  O OE1 A GLN A 1 81  ? 3.275   -10.041 -8.834  0.55 16.57 ? 84  GLN A OE1 1 
ATOM   635  O OE1 B GLN A 1 81  ? 5.633   -7.288  -9.853  0.45 19.60 ? 84  GLN A OE1 1 
ATOM   636  N NE2 A GLN A 1 81  ? 5.520   -9.967  -8.763  0.55 22.38 ? 84  GLN A NE2 1 
ATOM   637  N NE2 B GLN A 1 81  ? 6.075   -9.410  -9.266  0.45 18.62 ? 84  GLN A NE2 1 
ATOM   638  N N   . PHE A 1 82  ? 2.384   -4.387  -7.936  1.00 8.78  ? 85  PHE A N   1 
ATOM   639  C CA  . PHE A 1 82  ? 1.547   -3.200  -7.976  1.00 9.83  ? 85  PHE A CA  1 
ATOM   640  C C   . PHE A 1 82  ? 1.944   -2.277  -9.125  1.00 8.77  ? 85  PHE A C   1 
ATOM   641  O O   . PHE A 1 82  ? 3.103   -2.285  -9.575  1.00 10.76 ? 85  PHE A O   1 
ATOM   642  C CB  . PHE A 1 82  ? 1.668   -2.408  -6.664  1.00 10.11 ? 85  PHE A CB  1 
ATOM   643  C CG  . PHE A 1 82  ? 0.884   -2.996  -5.525  1.00 7.80  ? 85  PHE A CG  1 
ATOM   644  C CD1 . PHE A 1 82  ? -0.411  -2.569  -5.271  1.00 11.03 ? 85  PHE A CD1 1 
ATOM   645  C CD2 . PHE A 1 82  ? 1.441   -3.976  -4.722  1.00 9.67  ? 85  PHE A CD2 1 
ATOM   646  C CE1 . PHE A 1 82  ? -1.144  -3.109  -4.229  1.00 13.19 ? 85  PHE A CE1 1 
ATOM   647  C CE2 . PHE A 1 82  ? 0.709   -4.524  -3.677  1.00 10.41 ? 85  PHE A CE2 1 
ATOM   648  C CZ  . PHE A 1 82  ? -0.578  -4.089  -3.433  1.00 12.70 ? 85  PHE A CZ  1 
ATOM   649  N N   . GLN A 1 83  ? 0.990   -1.466  -9.559  1.00 8.90  ? 86  GLN A N   1 
ATOM   650  C CA  . GLN A 1 83  ? 1.267   -0.346  -10.453 1.00 9.62  ? 86  GLN A CA  1 
ATOM   651  C C   . GLN A 1 83  ? 0.948   0.932   -9.689  1.00 7.86  ? 86  GLN A C   1 
ATOM   652  O O   . GLN A 1 83  ? -0.126  1.047   -9.088  1.00 12.36 ? 86  GLN A O   1 
ATOM   653  C CB  . GLN A 1 83  ? 0.423   -0.450  -11.725 1.00 12.77 ? 86  GLN A CB  1 
ATOM   654  C CG  . GLN A 1 83  ? 0.784   -1.671  -12.579 1.00 16.23 ? 86  GLN A CG  1 
ATOM   655  C CD  . GLN A 1 83  ? -0.230  -1.975  -13.660 1.00 22.30 ? 86  GLN A CD  1 
ATOM   656  O OE1 . GLN A 1 83  ? -1.133  -1.180  -13.934 1.00 18.22 ? 86  GLN A OE1 1 
ATOM   657  N NE2 . GLN A 1 83  ? -0.090  -3.146  -14.277 1.00 22.83 ? 86  GLN A NE2 1 
ATOM   658  N N   . ILE A 1 84  ? 1.900   1.862   -9.667  1.00 8.73  ? 87  ILE A N   1 
ATOM   659  C CA  . ILE A 1 84  ? 1.683   3.175   -9.057  1.00 8.25  ? 87  ILE A CA  1 
ATOM   660  C C   . ILE A 1 84  ? 1.229   4.115   -10.159 1.00 9.35  ? 87  ILE A C   1 
ATOM   661  O O   . ILE A 1 84  ? 2.020   4.479   -11.041 1.00 10.89 ? 87  ILE A O   1 
ATOM   662  C CB  . ILE A 1 84  ? 2.968   3.731   -8.426  1.00 8.54  ? 87  ILE A CB  1 
ATOM   663  C CG1 . ILE A 1 84  ? 3.521   2.751   -7.399  1.00 9.69  ? 87  ILE A CG1 1 
ATOM   664  C CG2 . ILE A 1 84  ? 2.708   5.089   -7.765  1.00 10.18 ? 87  ILE A CG2 1 
ATOM   665  C CD1 . ILE A 1 84  ? 4.851   3.180   -6.789  1.00 11.41 ? 87  ILE A CD1 1 
ATOM   666  N N   . SER A 1 85  ? -0.037  4.514   -10.104 1.00 9.44  ? 88  SER A N   1 
ATOM   667  C CA  . SER A 1 85  ? -0.659  5.272   -11.186 1.00 9.29  ? 88  SER A CA  1 
ATOM   668  C C   . SER A 1 85  ? -1.037  6.684   -10.736 1.00 9.28  ? 88  SER A C   1 
ATOM   669  O O   . SER A 1 85  ? -2.026  6.879   -10.033 1.00 8.86  ? 88  SER A O   1 
ATOM   670  C CB  . SER A 1 85  ? -1.908  4.542   -11.685 1.00 14.29 ? 88  SER A CB  1 
ATOM   671  O OG  . SER A 1 85  ? -2.387  5.119   -12.888 1.00 18.48 ? 88  SER A OG  1 
ATOM   672  N N   . PRO A 1 86  ? -0.256  7.689   -11.148 1.00 9.31  ? 89  PRO A N   1 
ATOM   673  C CA  . PRO A 1 86  ? -0.564  9.062   -10.725 1.00 8.67  ? 89  PRO A CA  1 
ATOM   674  C C   . PRO A 1 86  ? -1.904  9.582   -11.240 1.00 12.47 ? 89  PRO A C   1 
ATOM   675  O O   . PRO A 1 86  ? -2.279  9.339   -12.391 1.00 14.81 ? 89  PRO A O   1 
ATOM   676  C CB  . PRO A 1 86  ? 0.592   9.884   -11.318 1.00 12.23 ? 89  PRO A CB  1 
ATOM   677  C CG  . PRO A 1 86  ? 1.710   8.891   -11.482 1.00 14.36 ? 89  PRO A CG  1 
ATOM   678  C CD  . PRO A 1 86  ? 1.029   7.602   -11.864 1.00 10.84 ? 89  PRO A CD  1 
ATOM   679  N N   . GLU A 1 87  ? -2.607  10.289  -10.363 1.00 11.93 ? 90  GLU A N   1 
ATOM   680  C CA  . GLU A 1 87  ? -3.849  10.984  -10.676 1.00 17.20 ? 90  GLU A CA  1 
ATOM   681  C C   . GLU A 1 87  ? -3.588  12.462  -10.954 1.00 16.42 ? 90  GLU A C   1 
ATOM   682  O O   . GLU A 1 87  ? -4.465  13.164  -11.463 1.00 19.88 ? 90  GLU A O   1 
ATOM   683  C CB  . GLU A 1 87  ? -4.798  10.882  -9.481  1.00 13.98 ? 90  GLU A CB  1 
ATOM   684  C CG  . GLU A 1 87  ? -5.245  9.475   -9.163  1.00 18.53 ? 90  GLU A CG  1 
ATOM   685  C CD  . GLU A 1 87  ? -6.532  9.119   -9.866  1.00 25.13 ? 90  GLU A CD  1 
ATOM   686  O OE1 . GLU A 1 87  ? -7.609  9.441   -9.323  1.00 26.06 ? 90  GLU A OE1 1 
ATOM   687  O OE2 . GLU A 1 87  ? -6.469  8.530   -10.964 1.00 21.59 ? 90  GLU A OE2 1 
ATOM   688  N N   . GLY A 1 88  ? -2.396  12.939  -10.600 1.00 14.73 ? 91  GLY A N   1 
ATOM   689  C CA  . GLY A 1 88  ? -2.054  14.343  -10.717 1.00 18.03 ? 91  GLY A CA  1 
ATOM   690  C C   . GLY A 1 88  ? -1.804  15.019  -9.378  1.00 15.31 ? 91  GLY A C   1 
ATOM   691  O O   . GLY A 1 88  ? -2.366  14.631  -8.351  1.00 15.05 ? 91  GLY A O   1 
ATOM   692  N N   . ASN A 1 89  ? -0.947  16.032  -9.388  1.00 14.87 ? 92  ASN A N   1 
ATOM   693  C CA  . ASN A 1 89  ? -0.632  16.808  -8.192  1.00 17.09 ? 92  ASN A CA  1 
ATOM   694  C C   . ASN A 1 89  ? -0.154  15.970  -7.018  1.00 17.11 ? 92  ASN A C   1 
ATOM   695  O O   . ASN A 1 89  ? -0.395  16.311  -5.863  1.00 19.35 ? 92  ASN A O   1 
ATOM   696  C CB  . ASN A 1 89  ? -1.826  17.665  -7.757  1.00 21.62 ? 92  ASN A CB  1 
ATOM   697  C CG  . ASN A 1 89  ? -1.441  18.718  -6.725  1.00 37.15 ? 92  ASN A CG  1 
ATOM   698  O OD1 . ASN A 1 89  ? -0.322  19.240  -6.741  1.00 30.14 ? 92  ASN A OD1 1 
ATOM   699  N ND2 . ASN A 1 89  ? -2.363  19.026  -5.817  1.00 37.21 ? 92  ASN A ND2 1 
ATOM   700  N N   . GLY A 1 90  ? 0.521   14.866  -7.307  1.00 14.48 ? 93  GLY A N   1 
ATOM   701  C CA  . GLY A 1 90  ? 1.103   14.063  -6.246  1.00 13.84 ? 93  GLY A CA  1 
ATOM   702  C C   . GLY A 1 90  ? 0.144   13.081  -5.589  1.00 11.40 ? 93  GLY A C   1 
ATOM   703  O O   . GLY A 1 90  ? 0.469   12.506  -4.556  1.00 14.14 ? 93  GLY A O   1 
ATOM   704  N N   . GLU A 1 91  ? -1.027  12.883  -6.186  1.00 11.69 ? 94  GLU A N   1 
ATOM   705  C CA  . GLU A 1 91  ? -1.965  11.857  -5.732  1.00 12.41 ? 94  GLU A CA  1 
ATOM   706  C C   . GLU A 1 91  ? -1.830  10.645  -6.641  1.00 9.52  ? 94  GLU A C   1 
ATOM   707  O O   . GLU A 1 91  ? -1.700  10.809  -7.852  1.00 10.38 ? 94  GLU A O   1 
ATOM   708  C CB  . GLU A 1 91  ? -3.389  12.377  -5.857  1.00 15.53 ? 94  GLU A CB  1 
ATOM   709  C CG  . GLU A 1 91  ? -3.603  13.730  -5.225  1.00 21.45 ? 94  GLU A CG  1 
ATOM   710  C CD  . GLU A 1 91  ? -3.958  13.605  -3.775  1.00 28.29 ? 94  GLU A CD  1 
ATOM   711  O OE1 . GLU A 1 91  ? -4.955  12.908  -3.488  1.00 35.47 ? 94  GLU A OE1 1 
ATOM   712  O OE2 . GLU A 1 91  ? -3.243  14.186  -2.931  1.00 30.02 ? 94  GLU A OE2 1 
ATOM   713  N N   . VAL A 1 92  ? -1.846  9.438   -6.076  1.00 9.55  ? 95  VAL A N   1 
ATOM   714  C CA  . VAL A 1 92  ? -1.733  8.221   -6.886  1.00 8.28  ? 95  VAL A CA  1 
ATOM   715  C C   . VAL A 1 92  ? -2.733  7.149   -6.477  1.00 8.08  ? 95  VAL A C   1 
ATOM   716  O O   . VAL A 1 92  ? -3.241  7.159   -5.346  1.00 9.00  ? 95  VAL A O   1 
ATOM   717  C CB  . VAL A 1 92  ? -0.316  7.576   -6.813  1.00 9.05  ? 95  VAL A CB  1 
ATOM   718  C CG1 . VAL A 1 92  ? 0.779   8.590   -7.134  1.00 10.51 ? 95  VAL A CG1 1 
ATOM   719  C CG2 . VAL A 1 92  ? -0.069  6.948   -5.443  1.00 10.06 ? 95  VAL A CG2 1 
ATOM   720  N N   . LEU A 1 93  ? -2.987  6.213   -7.392  1.00 8.07  ? 96  LEU A N   1 
ATOM   721  C CA  . LEU A 1 93  ? -3.657  4.945   -7.085  1.00 8.72  ? 96  LEU A CA  1 
ATOM   722  C C   . LEU A 1 93  ? -2.613  3.843   -6.982  1.00 8.28  ? 96  LEU A C   1 
ATOM   723  O O   . LEU A 1 93  ? -1.599  3.876   -7.686  1.00 9.66  ? 96  LEU A O   1 
ATOM   724  C CB  . LEU A 1 93  ? -4.654  4.584   -8.182  1.00 10.25 ? 96  LEU A CB  1 
ATOM   725  C CG  . LEU A 1 93  ? -5.651  5.683   -8.523  1.00 9.30  ? 96  LEU A CG  1 
ATOM   726  C CD1 . LEU A 1 93  ? -6.635  5.181   -9.572  1.00 14.10 ? 96  LEU A CD1 1 
ATOM   727  C CD2 . LEU A 1 93  ? -6.380  6.125   -7.268  1.00 12.07 ? 96  LEU A CD2 1 
ATOM   728  N N   . LEU A 1 94  ? -2.857  2.865   -6.118  1.00 8.14  ? 97  LEU A N   1 
ATOM   729  C CA  . LEU A 1 94  ? -1.969  1.715   -5.988  1.00 8.77  ? 97  LEU A CA  1 
ATOM   730  C C   . LEU A 1 94  ? -2.751  0.480   -6.427  1.00 9.00  ? 97  LEU A C   1 
ATOM   731  O O   . LEU A 1 94  ? -3.573  -0.040  -5.684  1.00 10.08 ? 97  LEU A O   1 
ATOM   732  C CB  . LEU A 1 94  ? -1.475  1.577   -4.546  1.00 6.95  ? 97  LEU A CB  1 
ATOM   733  C CG  . LEU A 1 94  ? -0.693  2.779   -3.993  1.00 7.99  ? 97  LEU A CG  1 
ATOM   734  C CD1 . LEU A 1 94  ? -0.385  2.622   -2.508  1.00 10.37 ? 97  LEU A CD1 1 
ATOM   735  C CD2 . LEU A 1 94  ? 0.589   3.004   -4.799  1.00 11.73 ? 97  LEU A CD2 1 
ATOM   736  N N   . ARG A 1 95  ? -2.509  0.026   -7.649  1.00 9.57  ? 98  ARG A N   1 
ATOM   737  C CA  . ARG A 1 95  ? -3.323  -1.017  -8.259  1.00 9.37  ? 98  ARG A CA  1 
ATOM   738  C C   . ARG A 1 95  ? -2.626  -2.375  -8.231  1.00 9.86  ? 98  ARG A C   1 
ATOM   739  O O   . ARG A 1 95  ? -1.483  -2.507  -8.669  1.00 10.34 ? 98  ARG A O   1 
ATOM   740  C CB  . ARG A 1 95  ? -3.633  -0.634  -9.700  1.00 11.26 ? 98  ARG A CB  1 
ATOM   741  C CG  . ARG A 1 95  ? -4.522  -1.622  -10.421 1.00 14.10 ? 98  ARG A CG  1 
ATOM   742  C CD  . ARG A 1 95  ? -4.605  -1.230  -11.898 1.00 20.66 ? 98  ARG A CD  1 
ATOM   743  N NE  . ARG A 1 95  ? -5.425  -2.140  -12.692 1.00 26.66 ? 98  ARG A NE  1 
ATOM   744  C CZ  . ARG A 1 95  ? -4.967  -3.225  -13.313 1.00 29.50 ? 98  ARG A CZ  1 
ATOM   745  N NH1 . ARG A 1 95  ? -3.687  -3.561  -13.232 1.00 22.82 ? 98  ARG A NH1 1 
ATOM   746  N NH2 . ARG A 1 95  ? -5.798  -3.982  -14.020 1.00 26.65 ? 98  ARG A NH2 1 
ATOM   747  N N   . SER A 1 96  ? -3.313  -3.379  -7.698  1.00 9.19  ? 99  SER A N   1 
ATOM   748  C CA  . SER A 1 96  ? -2.863  -4.764  -7.763  1.00 10.76 ? 99  SER A CA  1 
ATOM   749  C C   . SER A 1 96  ? -2.895  -5.283  -9.195  1.00 12.05 ? 99  SER A C   1 
ATOM   750  O O   . SER A 1 96  ? -3.940  -5.231  -9.853  1.00 13.33 ? 99  SER A O   1 
ATOM   751  C CB  . SER A 1 96  ? -3.805  -5.635  -6.929  1.00 10.53 ? 99  SER A CB  1 
ATOM   752  O OG  . SER A 1 96  ? -3.725  -6.996  -7.349  1.00 12.44 ? 99  SER A OG  1 
ATOM   753  N N   . THR A 1 97  ? -1.763  -5.777  -9.678  1.00 10.88 ? 100 THR A N   1 
ATOM   754  C CA  . THR A 1 97  ? -1.729  -6.304  -11.044 1.00 13.68 ? 100 THR A CA  1 
ATOM   755  C C   . THR A 1 97  ? -2.522  -7.601  -11.201 1.00 14.86 ? 100 THR A C   1 
ATOM   756  O O   . THR A 1 97  ? -3.266  -7.762  -12.172 1.00 15.27 ? 100 THR A O   1 
ATOM   757  C CB  . THR A 1 97  ? -0.293  -6.508  -11.510 1.00 12.80 ? 100 THR A CB  1 
ATOM   758  O OG1 . THR A 1 97  ? 0.369   -5.243  -11.478 1.00 16.15 ? 100 THR A OG1 1 
ATOM   759  C CG2 . THR A 1 97  ? -0.267  -7.063  -12.929 1.00 17.60 ? 100 THR A CG2 1 
ATOM   760  N N   . GLU A 1 98  ? -2.383  -8.509  -10.242 1.00 12.18 ? 101 GLU A N   1 
ATOM   761  C CA  A GLU A 1 98  ? -3.034  -9.805  -10.364 0.58 14.18 ? 101 GLU A CA  1 
ATOM   762  C CA  B GLU A 1 98  ? -3.036  -9.812  -10.307 0.42 14.22 ? 101 GLU A CA  1 
ATOM   763  C C   . GLU A 1 98  ? -4.548  -9.675  -10.370 1.00 16.64 ? 101 GLU A C   1 
ATOM   764  O O   . GLU A 1 98  ? -5.224  -10.361 -11.144 1.00 16.22 ? 101 GLU A O   1 
ATOM   765  C CB  A GLU A 1 98  ? -2.608  -10.767 -9.258  0.58 13.97 ? 101 GLU A CB  1 
ATOM   766  C CB  B GLU A 1 98  ? -2.659  -10.638 -9.077  0.42 13.57 ? 101 GLU A CB  1 
ATOM   767  C CG  A GLU A 1 98  ? -3.257  -12.146 -9.422  0.58 14.22 ? 101 GLU A CG  1 
ATOM   768  C CG  B GLU A 1 98  ? -3.568  -11.839 -8.821  0.42 15.91 ? 101 GLU A CG  1 
ATOM   769  C CD  A GLU A 1 98  ? -2.852  -13.140 -8.353  0.58 19.25 ? 101 GLU A CD  1 
ATOM   770  C CD  B GLU A 1 98  ? -3.327  -12.979 -9.788  0.42 21.98 ? 101 GLU A CD  1 
ATOM   771  O OE1 A GLU A 1 98  ? -2.463  -12.720 -7.245  0.58 16.95 ? 101 GLU A OE1 1 
ATOM   772  O OE1 B GLU A 1 98  ? -2.468  -12.838 -10.683 0.42 20.12 ? 101 GLU A OE1 1 
ATOM   773  O OE2 A GLU A 1 98  ? -2.925  -14.357 -8.628  0.58 24.58 ? 101 GLU A OE2 1 
ATOM   774  O OE2 B GLU A 1 98  ? -3.995  -14.026 -9.648  0.42 20.47 ? 101 GLU A OE2 1 
ATOM   775  N N   . THR A 1 99  ? -5.081  -8.793  -9.530  1.00 12.67 ? 102 THR A N   1 
ATOM   776  C CA  . THR A 1 99  ? -6.527  -8.676  -9.371  1.00 14.07 ? 102 THR A CA  1 
ATOM   777  C C   . THR A 1 99  ? -7.175  -7.444  -9.990  1.00 12.38 ? 102 THR A C   1 
ATOM   778  O O   . THR A 1 99  ? -8.385  -7.435  -10.210 1.00 13.60 ? 102 THR A O   1 
ATOM   779  C CB  . THR A 1 99  ? -6.926  -8.719  -7.890  1.00 13.44 ? 102 THR A CB  1 
ATOM   780  O OG1 . THR A 1 99  ? -6.485  -7.518  -7.237  1.00 12.88 ? 102 THR A OG1 1 
ATOM   781  C CG2 . THR A 1 99  ? -6.314  -9.936  -7.211  1.00 15.77 ? 102 THR A CG2 1 
ATOM   782  N N   . GLY A 1 100 ? -6.388  -6.404  -10.259 1.00 11.04 ? 103 GLY A N   1 
ATOM   783  C CA  . GLY A 1 100 ? -6.951  -5.156  -10.740 1.00 13.61 ? 103 GLY A CA  1 
ATOM   784  C C   . GLY A 1 100 ? -7.616  -4.311  -9.659  1.00 11.07 ? 103 GLY A C   1 
ATOM   785  O O   . GLY A 1 100 ? -8.143  -3.244  -9.937  1.00 12.04 ? 103 GLY A O   1 
ATOM   786  N N   . GLN A 1 101 ? -7.593  -4.802  -8.421  1.00 11.21 ? 107 GLN A N   1 
ATOM   787  C CA  . GLN A 1 101 ? -8.150  -4.062  -7.302  1.00 11.00 ? 107 GLN A CA  1 
ATOM   788  C C   . GLN A 1 101 ? -7.216  -2.928  -6.882  1.00 10.81 ? 107 GLN A C   1 
ATOM   789  O O   . GLN A 1 101 ? -5.996  -3.062  -6.948  1.00 12.75 ? 107 GLN A O   1 
ATOM   790  C CB  . GLN A 1 101 ? -8.375  -5.004  -6.114  1.00 10.80 ? 107 GLN A CB  1 
ATOM   791  C CG  . GLN A 1 101 ? -9.488  -6.030  -6.345  1.00 10.95 ? 107 GLN A CG  1 
ATOM   792  C CD  . GLN A 1 101 ? -9.536  -7.133  -5.272  1.00 13.04 ? 107 GLN A CD  1 
ATOM   793  O OE1 . GLN A 1 101 ? -10.544 -7.291  -4.565  1.00 13.74 ? 107 GLN A OE1 1 
ATOM   794  N NE2 . GLN A 1 101 ? -8.473  -7.924  -5.178  1.00 13.70 ? 107 GLN A NE2 1 
ATOM   795  N N   . PHE A 1 102 ? -7.800  -1.819  -6.454  1.00 9.81  ? 108 PHE A N   1 
ATOM   796  C CA  . PHE A 1 102 ? -7.033  -0.712  -5.886  1.00 8.90  ? 108 PHE A CA  1 
ATOM   797  C C   . PHE A 1 102 ? -6.945  -0.841  -4.382  1.00 11.12 ? 108 PHE A C   1 
ATOM   798  O O   . PHE A 1 102 ? -7.900  -1.245  -3.724  1.00 11.09 ? 108 PHE A O   1 
ATOM   799  C CB  . PHE A 1 102 ? -7.687  0.616   -6.227  1.00 11.16 ? 108 PHE A CB  1 
ATOM   800  C CG  . PHE A 1 102 ? -7.839  0.849   -7.694  1.00 13.90 ? 108 PHE A CG  1 
ATOM   801  C CD1 . PHE A 1 102 ? -6.751  1.234   -8.454  1.00 15.04 ? 108 PHE A CD1 1 
ATOM   802  C CD2 . PHE A 1 102 ? -9.065  0.677   -8.312  1.00 19.92 ? 108 PHE A CD2 1 
ATOM   803  C CE1 . PHE A 1 102 ? -6.879  1.452   -9.815  1.00 18.61 ? 108 PHE A CE1 1 
ATOM   804  C CE2 . PHE A 1 102 ? -9.202  0.897   -9.674  1.00 25.48 ? 108 PHE A CE2 1 
ATOM   805  C CZ  . PHE A 1 102 ? -8.103  1.283   -10.424 1.00 21.47 ? 108 PHE A CZ  1 
ATOM   806  N N   . LEU A 1 103 ? -5.788  -0.511  -3.835  1.00 8.06  ? 109 LEU A N   1 
ATOM   807  C CA  . LEU A 1 103 ? -5.625  -0.506  -2.396  1.00 7.89  ? 109 LEU A CA  1 
ATOM   808  C C   . LEU A 1 103 ? -6.494  0.592   -1.808  1.00 9.01  ? 109 LEU A C   1 
ATOM   809  O O   . LEU A 1 103 ? -6.548  1.703   -2.336  1.00 8.30  ? 109 LEU A O   1 
ATOM   810  C CB  . LEU A 1 103 ? -4.159  -0.260  -2.055  1.00 10.20 ? 109 LEU A CB  1 
ATOM   811  C CG  . LEU A 1 103 ? -3.765  -0.496  -0.611  1.00 8.91  ? 109 LEU A CG  1 
ATOM   812  C CD1 . LEU A 1 103 ? -3.968  -1.961  -0.221  1.00 12.42 ? 109 LEU A CD1 1 
ATOM   813  C CD2 . LEU A 1 103 ? -2.315  -0.080  -0.401  1.00 12.30 ? 109 LEU A CD2 1 
ATOM   814  N N   . ARG A 1 104 ? -7.164  0.271   -0.703  1.00 8.85  ? 110 ARG A N   1 
ATOM   815  C CA  . ARG A 1 104 ? -8.078  1.199   -0.058  1.00 10.13 ? 110 ARG A CA  1 
ATOM   816  C C   . ARG A 1 104 ? -7.780  1.285   1.426   1.00 8.31  ? 110 ARG A C   1 
ATOM   817  O O   . ARG A 1 104 ? -7.773  0.269   2.116   1.00 9.00  ? 110 ARG A O   1 
ATOM   818  C CB  . ARG A 1 104 ? -9.520  0.705   -0.246  1.00 10.61 ? 110 ARG A CB  1 
ATOM   819  C CG  . ARG A 1 104 ? -10.554 1.544   0.484   1.00 11.38 ? 110 ARG A CG  1 
ATOM   820  C CD  . ARG A 1 104 ? -11.967 1.249   0.008   1.00 10.24 ? 110 ARG A CD  1 
ATOM   821  N NE  . ARG A 1 104 ? -12.392 -0.119  0.273   1.00 10.46 ? 110 ARG A NE  1 
ATOM   822  C CZ  . ARG A 1 104 ? -13.573 -0.588  -0.101  1.00 10.77 ? 110 ARG A CZ  1 
ATOM   823  N NH1 . ARG A 1 104 ? -14.414 0.205   -0.768  1.00 13.26 ? 110 ARG A NH1 1 
ATOM   824  N NH2 . ARG A 1 104 ? -13.911 -1.838  0.186   1.00 11.69 ? 110 ARG A NH2 1 
ATOM   825  N N   . ILE A 1 105 ? -7.505  2.485   1.917   1.00 8.86  ? 111 ILE A N   1 
ATOM   826  C CA  A ILE A 1 105 ? -7.488  2.704   3.364   0.46 8.67  ? 111 ILE A CA  1 
ATOM   827  C CA  B ILE A 1 105 ? -7.458  2.702   3.341   0.54 8.64  ? 111 ILE A CA  1 
ATOM   828  C C   . ILE A 1 105 ? -8.791  3.375   3.721   1.00 8.40  ? 111 ILE A C   1 
ATOM   829  O O   . ILE A 1 105 ? -9.125  4.454   3.201   1.00 9.65  ? 111 ILE A O   1 
ATOM   830  C CB  A ILE A 1 105 ? -6.367  3.625   3.896   0.46 11.00 ? 111 ILE A CB  1 
ATOM   831  C CB  B ILE A 1 105 ? -6.180  3.504   3.729   0.54 11.38 ? 111 ILE A CB  1 
ATOM   832  C CG1 A ILE A 1 105 ? -4.987  3.159   3.460   0.46 8.73  ? 111 ILE A CG1 1 
ATOM   833  C CG1 B ILE A 1 105 ? -6.056  3.656   5.244   0.54 11.17 ? 111 ILE A CG1 1 
ATOM   834  C CG2 A ILE A 1 105 ? -6.424  3.665   5.422   0.46 11.53 ? 111 ILE A CG2 1 
ATOM   835  C CG2 B ILE A 1 105 ? -6.107  4.835   2.973   0.54 8.31  ? 111 ILE A CG2 1 
ATOM   836  C CD1 A ILE A 1 105 ? -3.870  3.764   4.299   0.46 12.80 ? 111 ILE A CD1 1 
ATOM   837  C CD1 B ILE A 1 105 ? -4.698  4.176   5.676   0.54 10.43 ? 111 ILE A CD1 1 
ATOM   838  N N   . ASN A 1 106 ? -9.566  2.718   4.576   1.00 8.70  ? 112 ASN A N   1 
ATOM   839  C CA  . ASN A 1 106 ? -10.864 3.230   4.980   1.00 8.68  ? 112 ASN A CA  1 
ATOM   840  C C   . ASN A 1 106 ? -10.731 4.182   6.161   1.00 8.78  ? 112 ASN A C   1 
ATOM   841  O O   . ASN A 1 106 ? -9.732  4.145   6.880   1.00 8.82  ? 112 ASN A O   1 
ATOM   842  C CB  . ASN A 1 106 ? -11.781 2.061   5.335   1.00 9.77  ? 112 ASN A CB  1 
ATOM   843  C CG  . ASN A 1 106 ? -11.973 1.126   4.171   1.00 9.92  ? 112 ASN A CG  1 
ATOM   844  O OD1 . ASN A 1 106 ? -12.568 1.502   3.168   1.00 12.37 ? 112 ASN A OD1 1 
ATOM   845  N ND2 . ASN A 1 106 ? -11.456 -0.093  4.285   1.00 10.24 ? 112 ASN A ND2 1 
ATOM   846  N N   . PRO A 1 107 ? -11.737 5.043   6.364   1.00 8.96  ? 113 PRO A N   1 
ATOM   847  C CA  . PRO A 1 107 ? -11.622 6.032   7.443   1.00 10.42 ? 113 PRO A CA  1 
ATOM   848  C C   . PRO A 1 107 ? -11.453 5.396   8.823   1.00 8.98  ? 113 PRO A C   1 
ATOM   849  O O   . PRO A 1 107 ? -10.887 6.037   9.716   1.00 9.45  ? 113 PRO A O   1 
ATOM   850  C CB  . PRO A 1 107 ? -12.951 6.792   7.366   1.00 11.82 ? 113 PRO A CB  1 
ATOM   851  C CG  . PRO A 1 107 ? -13.429 6.599   5.986   1.00 14.18 ? 113 PRO A CG  1 
ATOM   852  C CD  . PRO A 1 107 ? -12.912 5.281   5.507   1.00 9.14  ? 113 PRO A CD  1 
ATOM   853  N N   . ASP A 1 108 ? -11.911 4.158   9.001   1.00 8.14  ? 114 ASP A N   1 
ATOM   854  C CA  . ASP A 1 108 ? -11.752 3.481   10.277  1.00 8.09  ? 114 ASP A CA  1 
ATOM   855  C C   . ASP A 1 108 ? -10.386 2.819   10.462  1.00 8.20  ? 114 ASP A C   1 
ATOM   856  O O   . ASP A 1 108 ? -10.170 2.126   11.450  1.00 9.48  ? 114 ASP A O   1 
ATOM   857  C CB  . ASP A 1 108 ? -12.880 2.467   10.531  1.00 8.24  ? 114 ASP A CB  1 
ATOM   858  C CG  . ASP A 1 108 ? -12.868 1.297   9.560   1.00 12.16 ? 114 ASP A CG  1 
ATOM   859  O OD1 . ASP A 1 108 ? -11.945 1.205   8.715   1.00 9.37  ? 114 ASP A OD1 1 
ATOM   860  O OD2 . ASP A 1 108 ? -13.782 0.451   9.658   1.00 11.69 ? 114 ASP A OD2 1 
ATOM   861  N N   . GLY A 1 109 ? -9.484  3.018   9.503   1.00 7.47  ? 115 GLY A N   1 
ATOM   862  C CA  . GLY A 1 109 ? -8.144  2.449   9.587   1.00 8.57  ? 115 GLY A CA  1 
ATOM   863  C C   . GLY A 1 109 ? -7.998  1.047   9.026   1.00 9.69  ? 115 GLY A C   1 
ATOM   864  O O   . GLY A 1 109 ? -6.889  0.518   8.989   1.00 9.77  ? 115 GLY A O   1 
ATOM   865  N N   . THR A 1 110 ? -9.091  0.426   8.607   1.00 6.91  ? 116 THR A N   1 
ATOM   866  C CA  . THR A 1 110 ? -8.975  -0.864  7.936   1.00 7.69  ? 116 THR A CA  1 
ATOM   867  C C   . THR A 1 110 ? -8.490  -0.673  6.507   1.00 8.36  ? 116 THR A C   1 
ATOM   868  O O   . THR A 1 110 ? -8.711  0.373   5.894   1.00 8.78  ? 116 THR A O   1 
ATOM   869  C CB  . THR A 1 110 ? -10.289 -1.682  7.939   1.00 7.80  ? 116 THR A CB  1 
ATOM   870  O OG1 . THR A 1 110 ? -11.309 -0.964  7.231   1.00 8.54  ? 116 THR A OG1 1 
ATOM   871  C CG2 . THR A 1 110 ? -10.750 -1.964  9.381   1.00 10.34 ? 116 THR A CG2 1 
ATOM   872  N N   . VAL A 1 111 ? -7.841  -1.701  5.977   1.00 7.83  ? 117 VAL A N   1 
ATOM   873  C CA  . VAL A 1 111 ? -7.273  -1.652  4.640   1.00 7.51  ? 117 VAL A CA  1 
ATOM   874  C C   . VAL A 1 111 ? -7.749  -2.865  3.839   1.00 8.18  ? 117 VAL A C   1 
ATOM   875  O O   . VAL A 1 111 ? -7.676  -4.005  4.306   1.00 8.07  ? 117 VAL A O   1 
ATOM   876  C CB  . VAL A 1 111 ? -5.733  -1.621  4.710   1.00 6.30  ? 117 VAL A CB  1 
ATOM   877  C CG1 . VAL A 1 111 ? -5.125  -1.748  3.320   1.00 9.57  ? 117 VAL A CG1 1 
ATOM   878  C CG2 . VAL A 1 111 ? -5.250  -0.322  5.372   1.00 7.54  ? 117 VAL A CG2 1 
ATOM   879  N N   . ASP A 1 112 ? -8.225  -2.624  2.626   1.00 8.45  ? 118 ASP A N   1 
ATOM   880  C CA  . ASP A 1 112 ? -8.690  -3.721  1.782   1.00 8.03  ? 118 ASP A CA  1 
ATOM   881  C C   . ASP A 1 112 ? -8.577  -3.295  0.334   1.00 8.87  ? 118 ASP A C   1 
ATOM   882  O O   . ASP A 1 112 ? -7.888  -2.317  0.034   1.00 8.82  ? 118 ASP A O   1 
ATOM   883  C CB  . ASP A 1 112 ? -10.106 -4.199  2.174   1.00 10.28 ? 118 ASP A CB  1 
ATOM   884  C CG  . ASP A 1 112 ? -11.186 -3.145  1.962   1.00 12.13 ? 118 ASP A CG  1 
ATOM   885  O OD1 . ASP A 1 112 ? -10.867 -1.962  1.763   1.00 10.88 ? 118 ASP A OD1 1 
ATOM   886  O OD2 . ASP A 1 112 ? -12.380 -3.526  1.991   1.00 13.81 ? 118 ASP A OD2 1 
ATOM   887  N N   . GLY A 1 113 ? -9.226  -4.029  -0.564  1.00 10.60 ? 119 GLY A N   1 
ATOM   888  C CA  . GLY A 1 113 ? -9.131  -3.733  -1.983  1.00 11.84 ? 119 GLY A CA  1 
ATOM   889  C C   . GLY A 1 113 ? -10.509 -3.486  -2.544  1.00 13.08 ? 119 GLY A C   1 
ATOM   890  O O   . GLY A 1 113 ? -11.481 -4.094  -2.080  1.00 15.19 ? 119 GLY A O   1 
ATOM   891  N N   . THR A 1 114 ? -10.597 -2.595  -3.527  1.00 11.03 ? 123 THR A N   1 
ATOM   892  C CA  . THR A 1 114 ? -11.862 -2.307  -4.196  1.00 12.19 ? 123 THR A CA  1 
ATOM   893  C C   . THR A 1 114 ? -11.666 -2.053  -5.688  1.00 13.99 ? 123 THR A C   1 
ATOM   894  O O   . THR A 1 114 ? -10.578 -1.692  -6.131  1.00 13.00 ? 123 THR A O   1 
ATOM   895  C CB  . THR A 1 114 ? -12.535 -1.069  -3.579  1.00 12.72 ? 123 THR A CB  1 
ATOM   896  O OG1 . THR A 1 114 ? -13.821 -0.863  -4.181  1.00 13.22 ? 123 THR A OG1 1 
ATOM   897  C CG2 . THR A 1 114 ? -11.678 0.172   -3.803  1.00 12.66 ? 123 THR A CG2 1 
ATOM   898  N N   . ARG A 1 115 A -12.732 -2.220  -6.459  1.00 14.64 ? 123 ARG A N   1 
ATOM   899  C CA  . ARG A 1 115 A -12.696 -1.883  -7.873  1.00 13.39 ? 123 ARG A CA  1 
ATOM   900  C C   . ARG A 1 115 A -13.439 -0.577  -8.131  1.00 13.83 ? 123 ARG A C   1 
ATOM   901  O O   . ARG A 1 115 A -13.513 -0.112  -9.268  1.00 18.55 ? 123 ARG A O   1 
ATOM   902  C CB  . ARG A 1 115 A -13.262 -3.035  -8.716  1.00 13.91 ? 123 ARG A CB  1 
ATOM   903  C CG  . ARG A 1 115 A -12.442 -4.308  -8.595  1.00 15.21 ? 123 ARG A CG  1 
ATOM   904  C CD  . ARG A 1 115 A -12.908 -5.417  -9.541  1.00 17.65 ? 123 ARG A CD  1 
ATOM   905  N NE  . ARG A 1 115 A -11.863 -6.425  -9.699  1.00 18.73 ? 123 ARG A NE  1 
ATOM   906  C CZ  . ARG A 1 115 A -11.693 -7.467  -8.896  1.00 14.53 ? 123 ARG A CZ  1 
ATOM   907  N NH1 . ARG A 1 115 A -12.503 -7.662  -7.858  1.00 22.66 ? 123 ARG A NH1 1 
ATOM   908  N NH2 . ARG A 1 115 A -10.700 -8.313  -9.122  1.00 15.03 ? 123 ARG A NH2 1 
ATOM   909  N N   . ASP A 1 116 ? -13.961 0.034   -7.065  1.00 15.01 ? 124 ASP A N   1 
ATOM   910  C CA  . ASP A 1 116 ? -14.682 1.305   -7.167  1.00 13.27 ? 124 ASP A CA  1 
ATOM   911  C C   . ASP A 1 116 ? -13.719 2.492   -7.281  1.00 16.84 ? 124 ASP A C   1 
ATOM   912  O O   . ASP A 1 116 ? -13.143 2.941   -6.279  1.00 15.23 ? 124 ASP A O   1 
ATOM   913  C CB  . ASP A 1 116 ? -15.607 1.478   -5.955  1.00 16.30 ? 124 ASP A CB  1 
ATOM   914  C CG  . ASP A 1 116 ? -16.379 2.794   -5.975  1.00 20.07 ? 124 ASP A CG  1 
ATOM   915  O OD1 . ASP A 1 116 ? -16.369 3.491   -7.006  1.00 19.50 ? 124 ASP A OD1 1 
ATOM   916  O OD2 . ASP A 1 116 ? -17.011 3.129   -4.947  1.00 22.00 ? 124 ASP A OD2 1 
ATOM   917  N N   . ARG A 1 117 ? -13.553 3.005   -8.497  1.00 16.66 ? 125 ARG A N   1 
ATOM   918  C CA  A ARG A 1 117 ? -12.619 4.102   -8.737  0.50 18.63 ? 125 ARG A CA  1 
ATOM   919  C CA  B ARG A 1 117 ? -12.633 4.111   -8.758  0.50 18.62 ? 125 ARG A CA  1 
ATOM   920  C C   . ARG A 1 117 ? -13.045 5.413   -8.067  1.00 16.45 ? 125 ARG A C   1 
ATOM   921  O O   . ARG A 1 117 ? -12.242 6.340   -7.943  1.00 20.00 ? 125 ARG A O   1 
ATOM   922  C CB  A ARG A 1 117 ? -12.405 4.315   -10.239 0.50 24.40 ? 125 ARG A CB  1 
ATOM   923  C CB  B ARG A 1 117 ? -12.489 4.343   -10.266 0.50 24.38 ? 125 ARG A CB  1 
ATOM   924  C CG  A ARG A 1 117 ? -10.976 4.690   -10.611 0.50 30.21 ? 125 ARG A CG  1 
ATOM   925  C CG  B ARG A 1 117 ? -11.112 4.009   -10.826 0.50 30.30 ? 125 ARG A CG  1 
ATOM   926  C CD  A ARG A 1 117 ? -10.811 4.841   -12.118 0.50 34.62 ? 125 ARG A CD  1 
ATOM   927  C CD  B ARG A 1 117 ? -11.015 4.368   -12.306 0.50 33.31 ? 125 ARG A CD  1 
ATOM   928  N NE  A ARG A 1 117 ? -9.405  4.862   -12.519 0.50 35.84 ? 125 ARG A NE  1 
ATOM   929  N NE  B ARG A 1 117 ? -9.638  4.345   -12.793 0.50 37.51 ? 125 ARG A NE  1 
ATOM   930  C CZ  A ARG A 1 117 ? -8.659  5.959   -12.577 0.50 26.12 ? 125 ARG A CZ  1 
ATOM   931  C CZ  B ARG A 1 117 ? -9.056  3.281   -13.336 0.50 26.41 ? 125 ARG A CZ  1 
ATOM   932  N NH1 A ARG A 1 117 ? -9.179  7.135   -12.254 0.50 37.03 ? 125 ARG A NH1 1 
ATOM   933  N NH1 B ARG A 1 117 ? -9.728  2.146   -13.462 0.50 37.22 ? 125 ARG A NH1 1 
ATOM   934  N NH2 A ARG A 1 117 ? -7.392  5.882   -12.953 0.50 34.27 ? 125 ARG A NH2 1 
ATOM   935  N NH2 B ARG A 1 117 ? -7.800  3.353   -13.752 0.50 37.89 ? 125 ARG A NH2 1 
ATOM   936  N N   . SER A 1 118 ? -14.299 5.489   -7.623  1.00 16.72 ? 126 SER A N   1 
ATOM   937  C CA  . SER A 1 118 ? -14.795 6.706   -6.973  1.00 17.54 ? 126 SER A CA  1 
ATOM   938  C C   . SER A 1 118 ? -14.555 6.729   -5.456  1.00 18.37 ? 126 SER A C   1 
ATOM   939  O O   . SER A 1 118 ? -14.846 7.721   -4.782  1.00 19.52 ? 126 SER A O   1 
ATOM   940  C CB  . SER A 1 118 ? -16.289 6.912   -7.263  1.00 19.61 ? 126 SER A CB  1 
ATOM   941  O OG  . SER A 1 118 ? -17.100 6.087   -6.445  1.00 20.49 ? 126 SER A OG  1 
ATOM   942  N N   . ASP A 1 119 ? -14.026 5.638   -4.916  1.00 15.38 ? 127 ASP A N   1 
ATOM   943  C CA  . ASP A 1 119 ? -13.869 5.539   -3.472  1.00 13.07 ? 127 ASP A CA  1 
ATOM   944  C C   . ASP A 1 119 ? -12.785 6.491   -2.961  1.00 12.74 ? 127 ASP A C   1 
ATOM   945  O O   . ASP A 1 119 ? -11.651 6.457   -3.436  1.00 12.77 ? 127 ASP A O   1 
ATOM   946  C CB  . ASP A 1 119 ? -13.555 4.103   -3.076  1.00 12.01 ? 127 ASP A CB  1 
ATOM   947  C CG  . ASP A 1 119 ? -13.726 3.869   -1.607  1.00 12.79 ? 127 ASP A CG  1 
ATOM   948  O OD1 . ASP A 1 119 ? -14.606 3.073   -1.232  1.00 13.54 ? 127 ASP A OD1 1 
ATOM   949  O OD2 . ASP A 1 119 ? -12.956 4.471   -0.832  1.00 13.16 ? 127 ASP A OD2 1 
ATOM   950  N N   . PRO A 1 120 ? -13.127 7.343   -1.978  1.00 14.43 ? 128 PRO A N   1 
ATOM   951  C CA  . PRO A 1 120 ? -12.157 8.321   -1.468  1.00 13.94 ? 128 PRO A CA  1 
ATOM   952  C C   . PRO A 1 120 ? -10.907 7.657   -0.878  1.00 11.20 ? 128 PRO A C   1 
ATOM   953  O O   . PRO A 1 120 ? -9.844  8.278   -0.838  1.00 12.08 ? 128 PRO A O   1 
ATOM   954  C CB  . PRO A 1 120 ? -12.933 9.046   -0.355  1.00 16.58 ? 128 PRO A CB  1 
ATOM   955  C CG  . PRO A 1 120 ? -14.367 8.806   -0.664  1.00 17.58 ? 128 PRO A CG  1 
ATOM   956  C CD  . PRO A 1 120 ? -14.441 7.463   -1.318  1.00 16.20 ? 128 PRO A CD  1 
ATOM   957  N N   . GLY A 1 121 ? -11.044 6.413   -0.436  1.00 10.03 ? 129 GLY A N   1 
ATOM   958  C CA  . GLY A 1 121 ? -9.980  5.719   0.260   1.00 9.86  ? 129 GLY A CA  1 
ATOM   959  C C   . GLY A 1 121 ? -8.872  5.155   -0.611  1.00 8.49  ? 129 GLY A C   1 
ATOM   960  O O   . GLY A 1 121 ? -7.903  4.625   -0.079  1.00 10.08 ? 129 GLY A O   1 
ATOM   961  N N   . ILE A 1 122 ? -9.018  5.224   -1.935  1.00 10.19 ? 130 ILE A N   1 
ATOM   962  C CA  . ILE A 1 122 ? -7.978  4.678   -2.825  1.00 9.75  ? 130 ILE A CA  1 
ATOM   963  C C   . ILE A 1 122 ? -6.944  5.733   -3.234  1.00 8.71  ? 130 ILE A C   1 
ATOM   964  O O   . ILE A 1 122 ? -5.983  5.427   -3.940  1.00 9.18  ? 130 ILE A O   1 
ATOM   965  C CB  . ILE A 1 122 ? -8.566  4.005   -4.092  1.00 9.71  ? 130 ILE A CB  1 
ATOM   966  C CG1 . ILE A 1 122 ? -9.158  5.049   -5.044  1.00 11.08 ? 130 ILE A CG1 1 
ATOM   967  C CG2 . ILE A 1 122 ? -9.574  2.916   -3.708  1.00 11.40 ? 130 ILE A CG2 1 
ATOM   968  C CD1 . ILE A 1 122 ? -9.588  4.453   -6.389  1.00 13.81 ? 130 ILE A CD1 1 
ATOM   969  N N   . GLN A 1 123 ? -7.128  6.973   -2.788  1.00 9.26  ? 131 GLN A N   1 
ATOM   970  C CA  . GLN A 1 123 ? -6.195  8.043   -3.127  1.00 10.45 ? 131 GLN A CA  1 
ATOM   971  C C   . GLN A 1 123 ? -5.049  8.120   -2.120  1.00 9.99  ? 131 GLN A C   1 
ATOM   972  O O   . GLN A 1 123 ? -5.278  8.320   -0.923  1.00 10.47 ? 131 GLN A O   1 
ATOM   973  C CB  . GLN A 1 123 ? -6.937  9.383   -3.165  1.00 13.34 ? 131 GLN A CB  1 
ATOM   974  C CG  . GLN A 1 123 ? -8.121  9.422   -4.120  1.00 18.05 ? 131 GLN A CG  1 
ATOM   975  C CD  . GLN A 1 123 ? -7.699  9.505   -5.565  1.00 21.13 ? 131 GLN A CD  1 
ATOM   976  O OE1 . GLN A 1 123 ? -6.630  10.024  -5.881  1.00 19.42 ? 131 GLN A OE1 1 
ATOM   977  N NE2 . GLN A 1 123 ? -8.544  8.995   -6.457  1.00 17.89 ? 131 GLN A NE2 1 
ATOM   978  N N   . PHE A 1 124 ? -3.819  7.966   -2.607  1.00 8.99  ? 132 PHE A N   1 
ATOM   979  C CA  . PHE A 1 124 ? -2.629  7.976   -1.760  1.00 8.54  ? 132 PHE A CA  1 
ATOM   980  C C   . PHE A 1 124 ? -1.663  9.082   -2.105  1.00 9.79  ? 132 PHE A C   1 
ATOM   981  O O   . PHE A 1 124 ? -1.540  9.486   -3.266  1.00 11.61 ? 132 PHE A O   1 
ATOM   982  C CB  . PHE A 1 124 ? -1.868  6.647   -1.874  1.00 8.65  ? 132 PHE A CB  1 
ATOM   983  C CG  . PHE A 1 124 ? -2.523  5.508   -1.152  1.00 7.48  ? 132 PHE A CG  1 
ATOM   984  C CD1 . PHE A 1 124 ? -2.137  5.184   0.143   1.00 9.38  ? 132 PHE A CD1 1 
ATOM   985  C CD2 . PHE A 1 124 ? -3.534  4.772   -1.753  1.00 9.04  ? 132 PHE A CD2 1 
ATOM   986  C CE1 . PHE A 1 124 ? -2.747  4.136   0.828   1.00 9.59  ? 132 PHE A CE1 1 
ATOM   987  C CE2 . PHE A 1 124 ? -4.149  3.724   -1.076  1.00 10.54 ? 132 PHE A CE2 1 
ATOM   988  C CZ  . PHE A 1 124 ? -3.755  3.406   0.214   1.00 11.03 ? 132 PHE A CZ  1 
ATOM   989  N N   . GLN A 1 125 ? -0.959  9.553   -1.087  1.00 7.87  ? 133 GLN A N   1 
ATOM   990  C CA  . GLN A 1 125 ? 0.234   10.355  -1.284  1.00 8.85  ? 133 GLN A CA  1 
ATOM   991  C C   . GLN A 1 125 ? 1.451   9.497   -0.946  1.00 9.39  ? 133 GLN A C   1 
ATOM   992  O O   . GLN A 1 125 ? 1.377   8.604   -0.101  1.00 11.46 ? 133 GLN A O   1 
ATOM   993  C CB  . GLN A 1 125 ? 0.162   11.593  -0.401  1.00 13.36 ? 133 GLN A CB  1 
ATOM   994  C CG  . GLN A 1 125 ? -0.993  12.493  -0.786  1.00 17.41 ? 133 GLN A CG  1 
ATOM   995  C CD  . GLN A 1 125 ? -1.307  13.538  0.263   1.00 21.73 ? 133 GLN A CD  1 
ATOM   996  O OE1 . GLN A 1 125 ? -0.810  13.477  1.390   1.00 27.21 ? 133 GLN A OE1 1 
ATOM   997  N NE2 . GLN A 1 125 ? -2.143  14.504  -0.101  1.00 27.80 ? 133 GLN A NE2 1 
ATOM   998  N N   . ILE A 1 126 ? 2.557   9.727   -1.636  1.00 9.62  ? 134 ILE A N   1 
ATOM   999  C CA  . ILE A 1 126 ? 3.791   9.002   -1.364  1.00 8.97  ? 134 ILE A CA  1 
ATOM   1000 C C   . ILE A 1 126 ? 4.848   10.037  -1.042  1.00 11.11 ? 134 ILE A C   1 
ATOM   1001 O O   . ILE A 1 126 ? 5.143   10.904  -1.866  1.00 12.63 ? 134 ILE A O   1 
ATOM   1002 C CB  . ILE A 1 126 ? 4.261   8.174   -2.579  1.00 10.17 ? 134 ILE A CB  1 
ATOM   1003 C CG1 . ILE A 1 126 ? 3.179   7.180   -3.002  1.00 9.31  ? 134 ILE A CG1 1 
ATOM   1004 C CG2 . ILE A 1 126 ? 5.559   7.448   -2.262  1.00 10.53 ? 134 ILE A CG2 1 
ATOM   1005 C CD1 . ILE A 1 126 ? 3.582   6.306   -4.193  1.00 11.36 ? 134 ILE A CD1 1 
ATOM   1006 N N   . SER A 1 127 ? 5.407   9.970   0.159   1.00 10.66 ? 135 SER A N   1 
ATOM   1007 C CA  . SER A 1 127 ? 6.409   10.949  0.572   1.00 13.10 ? 135 SER A CA  1 
ATOM   1008 C C   . SER A 1 127 ? 7.715   10.281  0.950   1.00 12.81 ? 135 SER A C   1 
ATOM   1009 O O   . SER A 1 127 ? 7.722   9.197   1.521   1.00 13.22 ? 135 SER A O   1 
ATOM   1010 C CB  . SER A 1 127 ? 5.896   11.780  1.743   1.00 15.10 ? 135 SER A CB  1 
ATOM   1011 O OG  . SER A 1 127 ? 5.602   10.943  2.845   1.00 15.96 ? 135 SER A OG  1 
ATOM   1012 N N   . PRO A 1 128 ? 8.841   10.923  0.622   1.00 12.52 ? 136 PRO A N   1 
ATOM   1013 C CA  . PRO A 1 128 ? 10.142  10.318  0.908   1.00 16.61 ? 136 PRO A CA  1 
ATOM   1014 C C   . PRO A 1 128 ? 10.530  10.482  2.373   1.00 18.25 ? 136 PRO A C   1 
ATOM   1015 O O   . PRO A 1 128 ? 10.245  11.512  2.988   1.00 19.68 ? 136 PRO A O   1 
ATOM   1016 C CB  . PRO A 1 128 ? 11.096  11.108  0.009   1.00 18.85 ? 136 PRO A CB  1 
ATOM   1017 C CG  . PRO A 1 128 ? 10.446  12.440  -0.131  1.00 16.84 ? 136 PRO A CG  1 
ATOM   1018 C CD  . PRO A 1 128 ? 8.960   12.186  -0.125  1.00 14.93 ? 136 PRO A CD  1 
ATOM   1019 N N   . GLU A 1 129 ? 11.169  9.460   2.921   1.00 17.75 ? 137 GLU A N   1 
ATOM   1020 C CA  . GLU A 1 129 ? 11.693  9.515   4.279   1.00 25.72 ? 137 GLU A CA  1 
ATOM   1021 C C   . GLU A 1 129 ? 13.116  10.061  4.269   1.00 35.83 ? 137 GLU A C   1 
ATOM   1022 O O   . GLU A 1 129 ? 13.909  9.737   3.382   1.00 34.87 ? 137 GLU A O   1 
ATOM   1023 C CB  . GLU A 1 129 ? 11.664  8.124   4.912   1.00 26.93 ? 137 GLU A CB  1 
ATOM   1024 C CG  . GLU A 1 129 ? 10.305  7.719   5.414   1.00 28.34 ? 137 GLU A CG  1 
ATOM   1025 C CD  . GLU A 1 129 ? 9.883   8.524   6.626   1.00 32.67 ? 137 GLU A CD  1 
ATOM   1026 O OE1 . GLU A 1 129 ? 10.114  8.047   7.756   1.00 30.29 ? 137 GLU A OE1 1 
ATOM   1027 O OE2 . GLU A 1 129 ? 9.324   9.631   6.450   1.00 24.15 ? 137 GLU A OE2 1 
ATOM   1028 N N   . GLY A 1 130 ? 13.432  10.896  5.256   1.00 43.13 ? 138 GLY A N   1 
ATOM   1029 C CA  . GLY A 1 130 ? 14.747  11.505  5.357   1.00 48.34 ? 138 GLY A CA  1 
ATOM   1030 C C   . GLY A 1 130 ? 15.830  10.518  5.753   1.00 55.84 ? 138 GLY A C   1 
ATOM   1031 O O   . GLY A 1 130 ? 17.015  10.857  5.778   1.00 60.68 ? 138 GLY A O   1 
HETATM 1032 S S   . SO4 B 2 .   ? -15.801 -3.841  -4.761  0.46 15.60 ? 1   SO4 A S   1 
HETATM 1033 O O1  . SO4 B 2 .   ? -15.236 -5.186  -4.680  0.46 20.13 ? 1   SO4 A O1  1 
HETATM 1034 O O2  . SO4 B 2 .   ? -17.259 -3.929  -4.866  0.46 16.29 ? 1   SO4 A O2  1 
HETATM 1035 O O3  . SO4 B 2 .   ? -15.440 -3.093  -3.556  0.46 14.08 ? 1   SO4 A O3  1 
HETATM 1036 O O4  . SO4 B 2 .   ? -15.268 -3.158  -5.938  0.46 17.55 ? 1   SO4 A O4  1 
HETATM 1037 C C   . TRS C 3 .   ? -6.907  -6.153  6.900   1.00 11.67 ? 141 TRS A C   1 
HETATM 1038 C C1  . TRS C 3 .   ? -8.090  -5.239  7.257   1.00 13.46 ? 141 TRS A C1  1 
HETATM 1039 C C2  . TRS C 3 .   ? -7.400  -7.417  6.175   1.00 13.04 ? 141 TRS A C2  1 
HETATM 1040 C C3  . TRS C 3 .   ? -6.139  -6.522  8.178   1.00 13.39 ? 141 TRS A C3  1 
HETATM 1041 N N   . TRS C 3 .   ? -6.007  -5.414  5.986   1.00 7.61  ? 141 TRS A N   1 
HETATM 1042 O O1  . TRS C 3 .   ? -7.674  -3.979  7.783   1.00 11.58 ? 141 TRS A O1  1 
HETATM 1043 O O2  . TRS C 3 .   ? -7.919  -7.133  4.886   1.00 11.74 ? 141 TRS A O2  1 
HETATM 1044 O O3  . TRS C 3 .   ? -4.888  -7.116  7.871   1.00 12.18 ? 141 TRS A O3  1 
HETATM 1045 O O   . HOH D 4 .   ? 3.141   4.482   5.274   1.00 9.23  ? 2   HOH A O   1 
HETATM 1046 O O   . HOH D 4 .   ? -5.237  2.877   -4.602  1.00 9.32  ? 3   HOH A O   1 
HETATM 1047 O O   . HOH D 4 .   ? -7.541  8.453   0.694   1.00 11.39 ? 4   HOH A O   1 
HETATM 1048 O O   . HOH D 4 .   ? -8.004  6.553   6.063   1.00 11.34 ? 5   HOH A O   1 
HETATM 1049 O O   . HOH D 4 .   ? -8.125  12.896  9.939   1.00 12.70 ? 6   HOH A O   1 
HETATM 1050 O O   . HOH D 4 .   ? -0.622  -8.369  -8.043  1.00 13.53 ? 7   HOH A O   1 
HETATM 1051 O O   . HOH D 4 .   ? -5.722  0.874   12.660  1.00 11.40 ? 8   HOH A O   1 
HETATM 1052 O O   . HOH D 4 .   ? 6.904   10.756  -4.074  1.00 13.43 ? 9   HOH A O   1 
HETATM 1053 O O   . HOH D 4 .   ? 0.709   -10.496 6.730   1.00 12.83 ? 10  HOH A O   1 
HETATM 1054 O O   . HOH D 4 .   ? -3.125  -11.005 8.163   1.00 31.63 ? 104 HOH A O   1 
HETATM 1055 O O   . HOH D 4 .   ? 2.362   13.037  2.008   1.00 27.84 ? 105 HOH A O   1 
HETATM 1056 O O   . HOH D 4 .   ? -6.732  -11.063 5.992   1.00 34.66 ? 106 HOH A O   1 
HETATM 1057 O O   . HOH D 4 .   ? 2.934   -2.489  -15.827 1.00 24.82 ? 120 HOH A O   1 
HETATM 1058 O O   . HOH D 4 .   ? -4.700  2.134   -12.455 1.00 31.49 ? 121 HOH A O   1 
HETATM 1059 O O   . HOH D 4 .   ? 16.057  -0.581  -11.005 1.00 35.96 ? 122 HOH A O   1 
HETATM 1060 O O   . HOH D 4 .   ? 3.607   -12.115 -11.507 1.00 34.37 ? 142 HOH A O   1 
HETATM 1061 O O   . HOH D 4 .   ? -4.241  -10.391 14.700  1.00 37.73 ? 143 HOH A O   1 
HETATM 1062 O O   . HOH D 4 .   ? -1.671  -5.268  15.552  1.00 36.17 ? 144 HOH A O   1 
HETATM 1063 O O   . HOH D 4 .   ? -12.130 10.437  -5.878  1.00 34.54 ? 145 HOH A O   1 
HETATM 1064 O O   . HOH D 4 .   ? 5.074   -10.245 -12.738 1.00 35.67 ? 146 HOH A O   1 
HETATM 1065 O O   . HOH D 4 .   ? 15.178  1.366   9.939   1.00 41.66 ? 147 HOH A O   1 
HETATM 1066 O O   . HOH D 4 .   ? 14.392  -4.364  -7.797  1.00 36.16 ? 148 HOH A O   1 
HETATM 1067 O O   . HOH D 4 .   ? 14.061  -0.814  -2.968  1.00 31.56 ? 149 HOH A O   1 
HETATM 1068 O O   . HOH D 4 .   ? 9.737   -2.612  16.903  1.00 41.00 ? 150 HOH A O   1 
HETATM 1069 O O   . HOH D 4 .   ? -14.841 -3.860  8.092   1.00 39.78 ? 151 HOH A O   1 
HETATM 1070 O O   . HOH D 4 .   ? -15.563 -6.212  0.929   1.00 34.95 ? 152 HOH A O   1 
HETATM 1071 O O   . HOH D 4 .   ? -10.684 -13.278 6.103   1.00 39.35 ? 153 HOH A O   1 
HETATM 1072 O O   . HOH D 4 .   ? 15.468  -1.540  -5.265  1.00 39.27 ? 154 HOH A O   1 
HETATM 1073 O O   . HOH D 4 .   ? 14.537  -2.169  -12.963 1.00 35.05 ? 155 HOH A O   1 
HETATM 1074 O O   . HOH D 4 .   ? -18.437 -2.840  -1.772  1.00 34.57 ? 156 HOH A O   1 
HETATM 1075 O O   . HOH D 4 .   ? -6.842  13.060  -12.417 1.00 36.60 ? 157 HOH A O   1 
HETATM 1076 O O   . HOH D 4 .   ? -3.276  -14.010 -2.806  1.00 22.11 ? 158 HOH A O   1 
HETATM 1077 O O   . HOH D 4 .   ? 12.308  1.542   12.836  1.00 37.99 ? 159 HOH A O   1 
HETATM 1078 O O   . HOH D 4 .   ? -4.848  8.858   -14.034 1.00 41.77 ? 160 HOH A O   1 
HETATM 1079 O O   . HOH D 4 .   ? 7.323   15.263  0.999   1.00 38.63 ? 161 HOH A O   1 
HETATM 1080 O O   . HOH D 4 .   ? 10.394  -8.744  -13.546 1.00 45.60 ? 162 HOH A O   1 
HETATM 1081 O O   . HOH D 4 .   ? 4.056   10.608  16.840  1.00 39.17 ? 163 HOH A O   1 
HETATM 1082 O O   . HOH D 4 .   ? -0.834  18.113  -1.937  1.00 42.55 ? 164 HOH A O   1 
HETATM 1083 O O   . HOH D 4 .   ? -20.071 -0.622  -2.238  1.00 40.29 ? 165 HOH A O   1 
HETATM 1084 O O   . HOH D 4 .   ? 16.407  -2.680  0.194   1.00 43.03 ? 166 HOH A O   1 
HETATM 1085 O O   . HOH D 4 .   ? -18.267 3.400   -9.188  1.00 37.36 ? 167 HOH A O   1 
HETATM 1086 O O   . HOH D 4 .   ? 17.379  2.973   -7.272  1.00 40.12 ? 168 HOH A O   1 
HETATM 1087 O O   . HOH D 4 .   ? -4.544  14.142  -16.849 1.00 38.28 ? 169 HOH A O   1 
HETATM 1088 O O   . HOH D 4 .   ? -14.413 1.863   -13.447 1.00 43.17 ? 170 HOH A O   1 
HETATM 1089 O O   . HOH D 4 .   ? 16.484  -8.131  4.989   1.00 43.06 ? 171 HOH A O   1 
HETATM 1090 O O   . HOH D 4 .   ? 13.330  -5.483  6.069   1.00 34.93 ? 172 HOH A O   1 
HETATM 1091 O O   . HOH D 4 .   ? 15.307  -10.640 0.754   1.00 40.34 ? 173 HOH A O   1 
HETATM 1092 O O   . HOH D 4 .   ? -19.448 2.715   -1.464  1.00 39.70 ? 174 HOH A O   1 
HETATM 1093 O O   . HOH D 4 .   ? -11.132 11.531  -8.125  1.00 38.15 ? 175 HOH A O   1 
HETATM 1094 O O   . HOH D 4 .   ? 10.085  4.466   14.176  1.00 36.21 ? 176 HOH A O   1 
HETATM 1095 O O   . HOH D 4 .   ? -4.109  -9.810  -18.024 1.00 45.77 ? 177 HOH A O   1 
HETATM 1096 O O   . HOH D 4 .   ? -5.087  17.058  -6.530  1.00 39.52 ? 178 HOH A O   1 
HETATM 1097 O O   . HOH D 4 .   ? 11.016  8.326   10.743  1.00 40.32 ? 179 HOH A O   1 
HETATM 1098 O O   . HOH D 4 .   ? 6.558   13.459  5.535   1.00 40.52 ? 180 HOH A O   1 
HETATM 1099 O O   . HOH D 4 .   ? -9.729  -8.119  9.317   1.00 40.45 ? 181 HOH A O   1 
HETATM 1100 O O   . HOH D 4 .   ? -19.938 1.044   -5.909  1.00 44.21 ? 182 HOH A O   1 
HETATM 1101 O O   . HOH D 4 .   ? -17.737 5.052   1.078   1.00 30.53 ? 183 HOH A O   1 
HETATM 1102 O O   . HOH D 4 .   ? 1.810   -2.318  15.640  1.00 27.42 ? 184 HOH A O   1 
HETATM 1103 O O   . HOH D 4 .   ? -2.923  16.583  2.020   1.00 33.11 ? 185 HOH A O   1 
HETATM 1104 O O   . HOH D 4 .   ? -10.720 11.864  -4.254  1.00 42.53 ? 186 HOH A O   1 
HETATM 1105 O O   . HOH D 4 .   ? -6.742  -7.009  13.545  1.00 39.43 ? 187 HOH A O   1 
HETATM 1106 O O   . HOH D 4 .   ? -14.832 -7.115  4.987   1.00 41.06 ? 188 HOH A O   1 
HETATM 1107 O O   . HOH D 4 .   ? 3.083   -3.506  17.775  1.00 41.00 ? 189 HOH A O   1 
HETATM 1108 O O   . HOH D 4 .   ? -13.333 -16.774 0.303   1.00 40.46 ? 190 HOH A O   1 
HETATM 1109 O O   . HOH D 4 .   ? -15.791 -5.052  3.526   1.00 39.72 ? 191 HOH A O   1 
HETATM 1110 O O   . HOH D 4 .   ? 10.366  -2.895  -18.775 1.00 41.45 ? 192 HOH A O   1 
HETATM 1111 O O   . HOH D 4 .   ? -1.575  -4.004  -16.713 1.00 44.30 ? 193 HOH A O   1 
HETATM 1112 O O   . HOH D 4 .   ? -6.108  -3.030  12.786  1.00 17.21 ? 194 HOH A O   1 
HETATM 1113 O O   . HOH D 4 .   ? -7.778  -3.945  10.537  1.00 17.43 ? 195 HOH A O   1 
HETATM 1114 O O   . HOH D 4 .   ? -4.451  -16.379 -6.833  1.00 27.78 ? 196 HOH A O   1 
HETATM 1115 O O   . HOH D 4 .   ? 12.364  -1.091  -13.984 1.00 29.77 ? 197 HOH A O   1 
HETATM 1116 O O   . HOH D 4 .   ? -4.680  -16.185 -3.968  1.00 28.21 ? 198 HOH A O   1 
HETATM 1117 O O   . HOH D 4 .   ? -0.067  -14.253 11.157  1.00 32.64 ? 199 HOH A O   1 
HETATM 1118 O O   . HOH D 4 .   ? -2.356  11.678  15.953  1.00 31.35 ? 200 HOH A O   1 
HETATM 1119 O O   . HOH D 4 .   ? 15.360  -3.553  4.844   1.00 41.17 ? 201 HOH A O   1 
HETATM 1120 O O   . HOH D 4 .   ? 0.152   11.792  15.727  1.00 36.47 ? 202 HOH A O   1 
HETATM 1121 O O   . HOH D 4 .   ? 2.312   -8.666  -15.281 1.00 42.06 ? 203 HOH A O   1 
HETATM 1122 O O   . HOH D 4 .   ? -3.258  -6.281  -14.530 1.00 37.45 ? 204 HOH A O   1 
HETATM 1123 O O   . HOH D 4 .   ? -10.582 9.288   -13.253 1.00 45.24 ? 205 HOH A O   1 
HETATM 1124 O O   . HOH D 4 .   ? -1.503  -17.686 -6.358  1.00 43.08 ? 206 HOH A O   1 
HETATM 1125 O O   . HOH D 4 .   ? 1.714   -18.197 -4.958  1.00 41.09 ? 207 HOH A O   1 
HETATM 1126 O O   . HOH D 4 .   ? 10.626  -16.933 -4.393  1.00 42.09 ? 208 HOH A O   1 
HETATM 1127 O O   . HOH D 4 .   ? -5.669  -7.283  -13.676 1.00 35.64 ? 209 HOH A O   1 
HETATM 1128 O O   . HOH D 4 .   ? 3.930   -18.675 -6.297  1.00 45.00 ? 210 HOH A O   1 
HETATM 1129 O O   . HOH D 4 .   ? 11.334  2.551   16.359  1.00 41.20 ? 211 HOH A O   1 
HETATM 1130 O O   . HOH D 4 .   ? -3.263  4.418   -17.150 1.00 39.48 ? 212 HOH A O   1 
HETATM 1131 O O   . HOH D 4 .   ? -5.586  16.079  -12.536 1.00 42.08 ? 213 HOH A O   1 
HETATM 1132 O O   . HOH D 4 .   ? -1.466  -3.145  -11.409 1.00 18.02 ? 214 HOH A O   1 
HETATM 1133 O O   . HOH D 4 .   ? -2.667  -8.079  -5.252  1.00 20.69 ? 215 HOH A O   1 
HETATM 1134 O O   . HOH D 4 .   ? 10.198  -3.468  -2.339  1.00 27.41 ? 216 HOH A O   1 
HETATM 1135 O O   . HOH D 4 .   ? 9.716   -10.972 -7.394  1.00 34.63 ? 217 HOH A O   1 
HETATM 1136 O O   . HOH D 4 .   ? 4.208   -5.674  -2.819  1.00 9.41  ? 218 HOH A O   1 
HETATM 1137 O O   . HOH D 4 .   ? -1.252  7.434   -14.283 1.00 14.52 ? 219 HOH A O   1 
HETATM 1138 O O   . HOH D 4 .   ? 8.176   -0.715  8.097   1.00 13.91 ? 220 HOH A O   1 
HETATM 1139 O O   . HOH D 4 .   ? -11.063 -10.101 -6.684  1.00 16.29 ? 221 HOH A O   1 
HETATM 1140 O O   . HOH D 4 .   ? -9.944  6.726   4.265   1.00 14.67 ? 222 HOH A O   1 
HETATM 1141 O O   . HOH D 4 .   ? -15.480 -6.132  -7.089  1.00 15.41 ? 223 HOH A O   1 
HETATM 1142 O O   . HOH D 4 .   ? -3.663  -12.227 -5.049  1.00 16.11 ? 224 HOH A O   1 
HETATM 1143 O O   . HOH D 4 .   ? 2.490   12.466  -2.793  1.00 12.37 ? 225 HOH A O   1 
HETATM 1144 O O   . HOH D 4 .   ? -12.561 4.119   1.858   1.00 15.02 ? 226 HOH A O   1 
HETATM 1145 O O   . HOH D 4 .   ? -8.437  0.747   13.031  1.00 17.25 ? 227 HOH A O   1 
HETATM 1146 O O   . HOH D 4 .   ? 11.404  3.319   -1.834  1.00 17.09 ? 228 HOH A O   1 
HETATM 1147 O O   . HOH D 4 .   ? 5.379   -3.083  12.556  1.00 15.84 ? 229 HOH A O   1 
HETATM 1148 O O   . HOH D 4 .   ? -10.659 -6.807  5.121   1.00 17.27 ? 230 HOH A O   1 
HETATM 1149 O O   . HOH D 4 .   ? 12.963  2.447   8.628   1.00 21.80 ? 231 HOH A O   1 
HETATM 1150 O O   . HOH D 4 .   ? -16.240 2.938   0.941   1.00 18.62 ? 232 HOH A O   1 
HETATM 1151 O O   . HOH D 4 .   ? -8.396  -14.572 -1.246  1.00 16.46 ? 233 HOH A O   1 
HETATM 1152 O O   . HOH D 4 .   ? 2.012   -14.193 4.980   1.00 19.04 ? 234 HOH A O   1 
HETATM 1153 O O   . HOH D 4 .   ? -11.153 7.927   -5.761  1.00 19.30 ? 235 HOH A O   1 
HETATM 1154 O O   . HOH D 4 .   ? -13.679 6.626   2.294   1.00 16.21 ? 236 HOH A O   1 
HETATM 1155 O O   . HOH D 4 .   ? 5.461   -12.268 -7.687  1.00 22.48 ? 237 HOH A O   1 
HETATM 1156 O O   . HOH D 4 .   ? -14.237 11.988  1.706   1.00 20.41 ? 238 HOH A O   1 
HETATM 1157 O O   . HOH D 4 .   ? -16.807 2.076   -2.608  1.00 19.74 ? 239 HOH A O   1 
HETATM 1158 O O   . HOH D 4 .   ? -5.276  -9.814  7.763   1.00 20.18 ? 240 HOH A O   1 
HETATM 1159 O O   . HOH D 4 .   ? -4.563  7.023   -11.977 1.00 22.78 ? 241 HOH A O   1 
HETATM 1160 O O   . HOH D 4 .   ? -14.890 -10.972 -0.184  1.00 19.80 ? 242 HOH A O   1 
HETATM 1161 O O   . HOH D 4 .   ? 8.087   5.770   11.827  1.00 19.04 ? 243 HOH A O   1 
HETATM 1162 O O   . HOH D 4 .   ? 9.450   9.979   -2.868  1.00 17.59 ? 244 HOH A O   1 
HETATM 1163 O O   . HOH D 4 .   ? 3.889   -8.906  9.872   1.00 17.56 ? 245 HOH A O   1 
HETATM 1164 O O   . HOH D 4 .   ? -3.035  13.195  3.592   1.00 19.21 ? 246 HOH A O   1 
HETATM 1165 O O   . HOH D 4 .   ? -11.679 -5.129  7.034   1.00 24.63 ? 247 HOH A O   1 
HETATM 1166 O O   . HOH D 4 .   ? 9.272   -0.742  -12.200 1.00 19.76 ? 248 HOH A O   1 
HETATM 1167 O O   . HOH D 4 .   ? 7.844   11.200  4.546   1.00 23.87 ? 249 HOH A O   1 
HETATM 1168 O O   . HOH D 4 .   ? 11.448  -12.272 0.758   1.00 24.40 ? 250 HOH A O   1 
HETATM 1169 O O   . HOH D 4 .   ? 2.885   10.207  2.417   1.00 17.77 ? 251 HOH A O   1 
HETATM 1170 O O   . HOH D 4 .   ? -15.288 1.828   3.230   1.00 19.74 ? 252 HOH A O   1 
HETATM 1171 O O   . HOH D 4 .   ? -0.115  11.945  11.739  1.00 20.48 ? 253 HOH A O   1 
HETATM 1172 O O   . HOH D 4 .   ? -13.122 -2.740  6.268   1.00 19.50 ? 254 HOH A O   1 
HETATM 1173 O O   . HOH D 4 .   ? 8.920   -0.102  -15.001 1.00 23.65 ? 255 HOH A O   1 
HETATM 1174 O O   . HOH D 4 .   ? 4.125   -1.501  14.413  1.00 24.58 ? 256 HOH A O   1 
HETATM 1175 O O   . HOH D 4 .   ? -15.766 8.731   3.724   1.00 22.43 ? 257 HOH A O   1 
HETATM 1176 O O   . HOH D 4 .   ? -3.875  -14.179 3.658   1.00 24.57 ? 258 HOH A O   1 
HETATM 1177 O O   . HOH D 4 .   ? -14.220 -2.917  3.756   1.00 21.15 ? 259 HOH A O   1 
HETATM 1178 O O   . HOH D 4 .   ? 11.346  -5.899  -7.402  1.00 29.53 ? 260 HOH A O   1 
HETATM 1179 O O   . HOH D 4 .   ? -4.798  -12.372 -12.848 1.00 23.41 ? 261 HOH A O   1 
HETATM 1180 O O   . HOH D 4 .   ? -5.206  14.424  -8.302  1.00 28.40 ? 262 HOH A O   1 
HETATM 1181 O O   . HOH D 4 .   ? 11.545  -10.295 2.553   1.00 26.01 ? 263 HOH A O   1 
HETATM 1182 O O   . HOH D 4 .   ? -14.223 -2.188  10.449  1.00 23.32 ? 264 HOH A O   1 
HETATM 1183 O O   . HOH D 4 .   ? -8.301  -14.295 3.064   1.00 28.59 ? 265 HOH A O   1 
HETATM 1184 O O   . HOH D 4 .   ? 11.322  7.937   -3.203  1.00 24.16 ? 266 HOH A O   1 
HETATM 1185 O O   . HOH D 4 .   ? 12.779  -5.205  11.882  1.00 25.87 ? 267 HOH A O   1 
HETATM 1186 O O   . HOH D 4 .   ? 0.974   -9.958  -10.961 1.00 24.77 ? 268 HOH A O   1 
HETATM 1187 O O   . HOH D 4 .   ? 12.137  -0.904  11.114  1.00 27.38 ? 269 HOH A O   1 
HETATM 1188 O O   . HOH D 4 .   ? -0.471  -12.773 6.401   1.00 22.87 ? 270 HOH A O   1 
HETATM 1189 O O   . HOH D 4 .   ? -6.568  -15.144 0.902   1.00 25.37 ? 271 HOH A O   1 
HETATM 1190 O O   . HOH D 4 .   ? -3.749  -15.037 0.879   1.00 25.69 ? 272 HOH A O   1 
HETATM 1191 O O   . HOH D 4 .   ? 14.576  1.860   -9.306  1.00 26.52 ? 273 HOH A O   1 
HETATM 1192 O O   . HOH D 4 .   ? -0.606  -11.497 -12.197 1.00 26.46 ? 274 HOH A O   1 
HETATM 1193 O O   . HOH D 4 .   ? -12.958 -5.558  0.041   1.00 20.77 ? 275 HOH A O   1 
HETATM 1194 O O   . HOH D 4 .   ? -12.212 -0.700  -11.519 1.00 24.21 ? 276 HOH A O   1 
HETATM 1195 O O   . HOH D 4 .   ? 10.872  0.809   9.586   1.00 24.42 ? 277 HOH A O   1 
HETATM 1196 O O   . HOH D 4 .   ? 2.558   11.327  14.641  1.00 26.01 ? 278 HOH A O   1 
HETATM 1197 O O   . HOH D 4 .   ? -0.688  15.808  -3.282  1.00 28.01 ? 279 HOH A O   1 
HETATM 1198 O O   . HOH D 4 .   ? -12.862 -8.149  1.259   1.00 26.26 ? 280 HOH A O   1 
HETATM 1199 O O   . HOH D 4 .   ? 14.091  -7.954  6.446   1.00 28.83 ? 281 HOH A O   1 
HETATM 1200 O O   . HOH D 4 .   ? -9.502  11.007  -1.370  1.00 27.50 ? 282 HOH A O   1 
HETATM 1201 O O   . HOH D 4 .   ? 15.263  1.402   -6.816  1.00 30.61 ? 283 HOH A O   1 
HETATM 1202 O O   . HOH D 4 .   ? -16.482 -1.076  -2.367  1.00 28.90 ? 284 HOH A O   1 
HETATM 1203 O O   . HOH D 4 .   ? 10.740  -15.368 -1.949  1.00 29.22 ? 285 HOH A O   1 
HETATM 1204 O O   . HOH D 4 .   ? 1.602   3.220   16.897  1.00 23.40 ? 286 HOH A O   1 
HETATM 1205 O O   . HOH D 4 .   ? 6.905   -8.439  -12.366 1.00 32.03 ? 287 HOH A O   1 
HETATM 1206 O O   . HOH D 4 .   ? -2.691  3.584   15.765  1.00 26.48 ? 288 HOH A O   1 
HETATM 1207 O O   . HOH D 4 .   ? 7.434   -6.782  -14.470 1.00 30.70 ? 289 HOH A O   1 
HETATM 1208 O O   . HOH D 4 .   ? 2.597   -16.838 -1.099  1.00 31.82 ? 290 HOH A O   1 
HETATM 1209 O O   . HOH D 4 .   ? 11.461  -5.250  15.138  1.00 25.02 ? 291 HOH A O   1 
HETATM 1210 O O   . HOH D 4 .   ? -4.684  -5.453  13.358  1.00 26.91 ? 292 HOH A O   1 
HETATM 1211 O O   . HOH D 4 .   ? 6.951   -4.697  14.113  1.00 23.58 ? 293 HOH A O   1 
HETATM 1212 O O   . HOH D 4 .   ? -9.207  -10.917 7.231   1.00 36.36 ? 294 HOH A O   1 
HETATM 1213 O O   . HOH D 4 .   ? -7.075  12.529  -7.381  1.00 30.76 ? 295 HOH A O   1 
HETATM 1214 O O   . HOH D 4 .   ? -3.205  -2.776  14.688  1.00 27.52 ? 296 HOH A O   1 
HETATM 1215 O O   . HOH D 4 .   ? -0.993  -12.385 8.795   1.00 32.14 ? 297 HOH A O   1 
HETATM 1216 O O   . HOH D 4 .   ? -14.659 0.263   6.879   1.00 23.58 ? 298 HOH A O   1 
HETATM 1217 O O   . HOH D 4 .   ? 7.068   -3.716  16.529  1.00 29.81 ? 299 HOH A O   1 
HETATM 1218 O O   . HOH D 4 .   ? -15.204 2.240   -10.873 1.00 24.95 ? 300 HOH A O   1 
HETATM 1219 O O   . HOH D 4 .   ? -10.912 -8.971  6.841   1.00 30.36 ? 301 HOH A O   1 
HETATM 1220 O O   . HOH D 4 .   ? -0.930  -13.169 13.555  1.00 25.62 ? 302 HOH A O   1 
HETATM 1221 O O   . HOH D 4 .   ? -3.860  14.285  -14.088 1.00 31.94 ? 303 HOH A O   1 
HETATM 1222 O O   . HOH D 4 .   ? 3.412   13.737  -0.378  1.00 30.85 ? 304 HOH A O   1 
HETATM 1223 O O   . HOH D 4 .   ? 5.868   14.159  -1.097  1.00 30.41 ? 305 HOH A O   1 
HETATM 1224 O O   . HOH D 4 .   ? 13.393  8.526   0.951   1.00 26.36 ? 306 HOH A O   1 
HETATM 1225 O O   . HOH D 4 .   ? -13.218 -10.743 4.387   1.00 35.24 ? 307 HOH A O   1 
HETATM 1226 O O   . HOH D 4 .   ? -11.126 -5.674  9.694   1.00 36.02 ? 308 HOH A O   1 
HETATM 1227 O O   . HOH D 4 .   ? 12.986  -3.318  -1.489  1.00 37.11 ? 309 HOH A O   1 
HETATM 1228 O O   . HOH D 4 .   ? 12.820  4.908   10.036  1.00 31.55 ? 310 HOH A O   1 
HETATM 1229 O O   . HOH D 4 .   ? -1.276  -15.894 -2.445  1.00 28.54 ? 311 HOH A O   1 
HETATM 1230 O O   . HOH D 4 .   ? 10.755  3.522   11.764  1.00 31.07 ? 312 HOH A O   1 
HETATM 1231 O O   . HOH D 4 .   ? 13.049  -5.948  -2.096  1.00 33.01 ? 313 HOH A O   1 
HETATM 1232 O O   . HOH D 4 .   ? -2.380  -11.607 10.698  1.00 32.64 ? 314 HOH A O   1 
HETATM 1233 O O   . HOH D 4 .   ? -5.070  -13.994 -7.061  1.00 29.96 ? 315 HOH A O   1 
HETATM 1234 O O   . HOH D 4 .   ? -3.076  -1.329  -15.682 1.00 35.50 ? 316 HOH A O   1 
HETATM 1235 O O   . HOH D 4 .   ? -12.046 -13.167 3.664   1.00 33.53 ? 317 HOH A O   1 
HETATM 1236 O O   . HOH D 4 .   ? -6.276  -12.821 4.131   1.00 24.88 ? 318 HOH A O   1 
HETATM 1237 O O   . HOH D 4 .   ? 2.722   -8.733  -12.662 1.00 29.19 ? 319 HOH A O   1 
HETATM 1238 O O   . HOH D 4 .   ? -5.110  4.607   -13.566 1.00 32.47 ? 320 HOH A O   1 
HETATM 1239 O O   . HOH D 4 .   ? -15.981 -3.906  -0.709  1.00 33.96 ? 321 HOH A O   1 
HETATM 1240 O O   . HOH D 4 .   ? 14.614  -1.742  10.540  1.00 31.68 ? 322 HOH A O   1 
HETATM 1241 O O   . HOH D 4 .   ? -7.209  -13.657 -13.327 1.00 20.58 ? 323 HOH A O   1 
HETATM 1242 O O   . HOH D 4 .   ? -12.666 -4.455  11.479  1.00 27.71 ? 324 HOH A O   1 
HETATM 1243 O O   . HOH D 4 .   ? 11.512  -1.887  15.131  1.00 31.38 ? 325 HOH A O   1 
HETATM 1244 O O   . HOH D 4 .   ? -17.161 11.169  -2.166  1.00 33.31 ? 326 HOH A O   1 
HETATM 1245 O O   . HOH D 4 .   ? -16.276 -8.817  1.066   1.00 31.69 ? 327 HOH A O   1 
HETATM 1246 O O   . HOH D 4 .   ? -2.370  1.111   -13.364 1.00 27.35 ? 328 HOH A O   1 
HETATM 1247 O O   . HOH D 4 .   ? -5.485  -10.659 -15.770 1.00 36.30 ? 329 HOH A O   1 
HETATM 1248 O O   . HOH D 4 .   ? -1.715  -14.876 -5.652  1.00 29.45 ? 330 HOH A O   1 
HETATM 1249 O O   . HOH D 4 .   ? -4.365  1.683   15.354  1.00 29.95 ? 331 HOH A O   1 
HETATM 1250 O O   . HOH D 4 .   ? -19.636 3.958   -5.382  1.00 33.35 ? 332 HOH A O   1 
HETATM 1251 O O   . HOH D 4 .   ? -3.315  7.055   -16.223 1.00 30.95 ? 333 HOH A O   1 
HETATM 1252 O O   . HOH D 4 .   ? -9.942  7.489   -9.712  1.00 33.96 ? 334 HOH A O   1 
HETATM 1253 O O   . HOH D 4 .   ? -11.287 -15.961 1.551   1.00 36.87 ? 335 HOH A O   1 
HETATM 1254 O O   . HOH D 4 .   ? -16.866 11.343  0.432   1.00 28.03 ? 336 HOH A O   1 
HETATM 1255 O O   . HOH D 4 .   ? 5.818   -13.202 -10.202 1.00 34.59 ? 337 HOH A O   1 
HETATM 1256 O O   . HOH D 4 .   ? -8.541  12.750  -3.065  1.00 30.30 ? 338 HOH A O   1 
HETATM 1257 O O   . HOH D 4 .   ? 5.126   3.751   18.105  1.00 39.31 ? 339 HOH A O   1 
HETATM 1258 O O   . HOH D 4 .   ? -15.599 -0.666  4.200   1.00 37.04 ? 340 HOH A O   1 
HETATM 1259 O O   . HOH D 4 .   ? -6.859  -10.260 10.065  1.00 35.42 ? 341 HOH A O   1 
HETATM 1260 O O   . HOH D 4 .   ? 9.056   14.055  2.984   1.00 34.46 ? 342 HOH A O   1 
HETATM 1261 O O   . HOH D 4 .   ? -4.777  -11.905 12.077  1.00 34.21 ? 343 HOH A O   1 
# 
